data_8GI0
#
_entry.id   8GI0
#
loop_
_entity.id
_entity.type
_entity.pdbx_description
1 polymer 'Peroxisomal membrane protein PEX14'
2 polymer 'malate dehydrogenase'
3 polymer 'Peroxisome targeting signal 1 receptor'
#
loop_
_entity_poly.entity_id
_entity_poly.type
_entity_poly.pdbx_seq_one_letter_code
_entity_poly.pdbx_strand_id
1 'polypeptide(L)'
;MNTATTVGVTGDGDARQRNSPEESEKRKRVSSAVQFLHDSRVKITPAANKIQFLKSKGLTTEEVCEAFEKAGQTIPLDEI
KKIMNKPSFGQLGSGVVNNNLAPGHVGSDATYVLRQHPFMPHAGPLYTQQPPPFPQTPQGAKETDWRDVIIGVGAALISG
FAAFKAFQIYSPYEIRRKDERTKKGSRMESQRRGKRHEGSVSPDRGAERPVTSLHTMAPPMPATPTPLPTATAANAAEST
EREIQKLQSELKETQEALEKEKRSKAEISVSLGKLRGQINALSRTNDNLESRIKLLQEEVDKANSEANKRKELDASFTGA
ADGVPKSQSEDAIQPNGPPLLTPKILADTVGCNSAALNELPVLTAVEFVPEE
;
F
2 'polypeptide(L)'
;MVNVAVIGAAGGIGQSLSLLLLRELPFGSTLSLYDVVGAPGVAADLSHIDRAGITVKHAAGKLPPVPRDPALTELAEGVD
VFVIVAGVPRKPGMTRDDLFNVNAGIVMDLVLTCASVSPNACFCIVTNPVNSTTPIAAQTLRKIGVYNKNKLLGVSLLDG
LRATRFINNARHPLVVPYVPVVGGHSDVTIVPLYSQIPGPLPDESTLKEIRKRVQVAGTEVVKAKAGRGSATLSMAEAGA
RFTMHVVKALMGLDTPMVYAYVDTDGEHECPFLAMPVVLGKNGIERRLPIGPITTVEKEMLEEAVGVVKKNIAKGETFAR
SKL
;
A,B,C,D
3 'polypeptide(L)'
;MDCSTGAAIGQQFAKDAFHMHGGVGVGPTGNSEHDVLMNEMMMVQTPTGPAGEWTHQFAAYQGQQQQQQQQHPQELAMRH
QQNDAFMLRQQQEMEEAFCTFCTTHPHSHAHSHQPQGLVGPAMMGPQIMPPMMFGPGTGGFMMGAPPMMPYASMKFAGDA
AMAAANNTNMTQGATATSTTSVQQELQQQSSDNGWVEKLRDAEWAQDYSDAQVFTLEGQSEQTMEEHAKNSEFYQFMDKI
RSKELLIDEETGQLVQGPGPDPDAPEDAEYLKEWAAAEGLNMPPGFFEHMMQRPQGNNEQAEGRLFDGSNDALMDDGALD
NAADVEEWVREYAEAQEQLQRVQNETNYPFEPNNPYMYHDKPMEEGIAMLQLANMAEAALAFEAVCQKEPENVEAWRRLG
TTQAENEKDCLAIIALNHARMLDPKDIAVHAALAVSHTNEHNVGAALQSLRSWLLSQPQYEHLGLVDLREVAADEGLDEV
PEENYFFAAPSEYRDCCTLLYAAVEMNPNDPQLHASLGVLHNLSHRFDEAAKNFRRAVELRPDDAHMWNKLGATLANGNR
PQEALEAYNRALDINPGYVRVMYNMAVSYSNMAQYPLAAKHITRAIALQAGGTNPQGEGSRIATRGLWDLLRMTLNLMDR
SDLVEASWQQDLTPFLREFGLEEMAV
;
E
#
# COMPACT_ATOMS: atom_id res chain seq x y z
N GLU A 25 34.42 -72.32 32.00
CA GLU A 25 33.45 -72.12 30.95
C GLU A 25 33.11 -70.67 30.76
N LYS A 26 32.23 -70.13 31.57
CA LYS A 26 31.81 -68.75 31.38
C LYS A 26 33.00 -67.89 31.26
N ARG A 27 34.09 -68.27 31.91
CA ARG A 27 35.20 -67.34 31.84
C ARG A 27 35.70 -67.19 30.40
N LYS A 28 35.63 -68.25 29.61
CA LYS A 28 35.96 -68.14 28.19
C LYS A 28 35.06 -67.11 27.52
N ARG A 29 33.76 -67.17 27.79
CA ARG A 29 32.83 -66.22 27.17
C ARG A 29 33.18 -64.80 27.58
N VAL A 30 33.46 -64.58 28.87
CA VAL A 30 33.72 -63.22 29.34
C VAL A 30 35.00 -62.68 28.70
N SER A 31 36.06 -63.49 28.68
CA SER A 31 37.33 -63.01 28.13
C SER A 31 37.20 -62.72 26.64
N SER A 32 36.48 -63.59 25.90
CA SER A 32 36.25 -63.32 24.49
C SER A 32 35.50 -62.01 24.31
N ALA A 33 34.49 -61.77 25.15
CA ALA A 33 33.76 -60.50 25.06
C ALA A 33 34.69 -59.33 25.29
N VAL A 34 35.58 -59.42 26.28
CA VAL A 34 36.47 -58.29 26.57
C VAL A 34 37.36 -58.01 25.36
N GLN A 35 38.03 -59.06 24.85
CA GLN A 35 38.92 -58.84 23.73
C GLN A 35 38.17 -58.38 22.49
N PHE A 36 36.86 -58.66 22.43
CA PHE A 36 36.02 -58.08 21.38
C PHE A 36 35.81 -56.59 21.58
N LEU A 37 35.50 -56.19 22.82
CA LEU A 37 35.18 -54.77 23.06
C LEU A 37 36.40 -53.88 23.00
N HIS A 38 37.58 -54.40 23.28
CA HIS A 38 38.76 -53.54 23.40
C HIS A 38 39.42 -53.23 22.07
N ASP A 39 38.74 -53.41 20.94
CA ASP A 39 39.36 -53.30 19.61
C ASP A 39 38.81 -52.07 18.88
N SER A 40 39.72 -51.31 18.27
CA SER A 40 39.30 -50.13 17.51
C SER A 40 38.38 -50.51 16.36
N ARG A 41 38.55 -51.70 15.78
CA ARG A 41 37.66 -52.14 14.72
C ARG A 41 36.20 -52.10 15.15
N VAL A 42 35.94 -51.98 16.45
CA VAL A 42 34.58 -52.10 16.96
C VAL A 42 34.17 -50.92 17.84
N LYS A 43 35.10 -50.11 18.36
CA LYS A 43 34.74 -49.12 19.37
C LYS A 43 33.74 -48.10 18.83
N ILE A 44 33.95 -47.62 17.61
CA ILE A 44 33.20 -46.46 17.14
C ILE A 44 31.72 -46.76 16.95
N THR A 45 31.32 -48.03 16.84
CA THR A 45 29.93 -48.34 16.65
C THR A 45 29.11 -48.09 17.93
N PRO A 46 27.81 -47.86 17.79
CA PRO A 46 26.97 -47.68 18.98
C PRO A 46 27.00 -48.89 19.88
N ALA A 47 26.95 -48.64 21.20
CA ALA A 47 26.90 -49.74 22.16
C ALA A 47 25.65 -50.60 21.99
N ALA A 48 24.55 -50.00 21.53
CA ALA A 48 23.30 -50.74 21.42
C ALA A 48 23.39 -51.87 20.42
N ASN A 49 24.23 -51.74 19.39
CA ASN A 49 24.46 -52.85 18.46
C ASN A 49 25.29 -53.94 19.11
N LYS A 50 26.34 -53.54 19.83
CA LYS A 50 27.26 -54.52 20.40
C LYS A 50 26.60 -55.34 21.50
N ILE A 51 25.68 -54.74 22.26
CA ILE A 51 24.93 -55.51 23.25
C ILE A 51 24.08 -56.56 22.55
N GLN A 52 23.39 -56.18 21.49
CA GLN A 52 22.52 -57.13 20.79
C GLN A 52 23.32 -58.26 20.17
N PHE A 53 24.49 -57.95 19.59
CA PHE A 53 25.36 -59.03 19.14
C PHE A 53 25.76 -59.93 20.30
N LEU A 54 26.28 -59.33 21.38
CA LEU A 54 26.89 -60.13 22.42
C LEU A 54 25.86 -61.03 23.10
N LYS A 55 24.61 -60.58 23.15
CA LYS A 55 23.55 -61.39 23.73
C LYS A 55 23.49 -62.78 23.07
N SER A 56 23.78 -62.86 21.77
CA SER A 56 23.58 -64.10 21.03
C SER A 56 24.57 -65.19 21.42
N LYS A 57 25.66 -64.86 22.11
CA LYS A 57 26.72 -65.80 22.40
C LYS A 57 26.55 -66.51 23.73
N GLY A 58 25.42 -66.32 24.41
CA GLY A 58 25.26 -66.81 25.76
C GLY A 58 25.67 -65.82 26.83
N LEU A 59 26.06 -64.62 26.44
CA LEU A 59 26.37 -63.57 27.39
C LEU A 59 25.06 -62.91 27.78
N THR A 60 24.70 -62.98 29.06
CA THR A 60 23.45 -62.37 29.49
C THR A 60 23.69 -60.92 29.89
N THR A 61 22.70 -60.27 30.49
CA THR A 61 22.94 -58.92 30.96
C THR A 61 24.05 -58.90 31.96
N GLU A 62 23.97 -59.76 32.96
CA GLU A 62 24.99 -59.77 33.97
C GLU A 62 26.36 -59.88 33.34
N GLU A 63 26.54 -60.79 32.41
CA GLU A 63 27.86 -60.97 31.86
C GLU A 63 28.27 -59.87 30.91
N VAL A 64 27.32 -59.15 30.33
CA VAL A 64 27.69 -58.02 29.50
C VAL A 64 28.28 -56.95 30.39
N CYS A 65 27.81 -56.83 31.60
CA CYS A 65 28.41 -55.91 32.52
C CYS A 65 29.82 -56.34 32.79
N GLU A 66 29.99 -57.60 33.14
CA GLU A 66 31.31 -58.11 33.39
C GLU A 66 32.22 -57.77 32.28
N ALA A 67 31.69 -57.68 31.07
CA ALA A 67 32.58 -57.45 29.96
C ALA A 67 32.88 -55.96 29.80
N PHE A 68 31.84 -55.13 29.83
CA PHE A 68 32.08 -53.69 29.78
C PHE A 68 32.97 -53.23 30.92
N GLU A 69 32.78 -53.80 32.12
CA GLU A 69 33.60 -53.38 33.25
C GLU A 69 35.07 -53.73 33.02
N LYS A 70 35.36 -54.99 32.69
CA LYS A 70 36.76 -55.41 32.59
C LYS A 70 37.47 -54.70 31.46
N ALA A 71 36.75 -54.23 30.45
CA ALA A 71 37.34 -53.43 29.40
C ALA A 71 37.50 -51.96 29.77
N GLY A 72 36.93 -51.53 30.91
CA GLY A 72 36.95 -50.13 31.28
C GLY A 72 35.97 -49.26 30.54
N GLN A 73 34.90 -49.85 30.01
CA GLN A 73 33.90 -49.13 29.23
C GLN A 73 32.54 -49.23 29.91
N THR A 74 32.50 -48.85 31.18
CA THR A 74 31.35 -49.09 32.03
C THR A 74 30.07 -48.56 31.41
N ILE A 75 28.99 -49.31 31.60
CA ILE A 75 27.63 -48.84 31.35
C ILE A 75 26.77 -49.31 32.52
N PRO A 76 25.77 -48.54 32.96
CA PRO A 76 24.92 -49.01 34.06
C PRO A 76 24.20 -50.30 33.72
N LEU A 77 23.99 -51.14 34.73
CA LEU A 77 23.33 -52.42 34.52
C LEU A 77 21.91 -52.24 34.00
N ASP A 78 21.17 -51.30 34.57
CA ASP A 78 19.77 -51.14 34.18
C ASP A 78 19.67 -50.62 32.75
N GLU A 79 20.60 -49.74 32.34
CA GLU A 79 20.58 -49.24 30.98
C GLU A 79 20.89 -50.35 29.97
N ILE A 80 21.67 -51.37 30.37
CA ILE A 80 21.79 -52.55 29.54
C ILE A 80 20.46 -53.30 29.54
N LYS A 81 19.85 -53.44 30.71
CA LYS A 81 18.64 -54.25 30.85
C LYS A 81 17.46 -53.60 30.14
N LYS A 82 17.25 -52.32 30.38
CA LYS A 82 16.04 -51.63 29.93
C LYS A 82 15.85 -51.78 28.42
N MET B 1 14.41 0.26 3.49
CA MET B 1 13.50 -0.35 2.48
C MET B 1 12.72 -1.50 3.08
N VAL B 2 11.68 -1.95 2.37
CA VAL B 2 10.88 -3.09 2.78
C VAL B 2 10.76 -4.05 1.60
N ASN B 3 10.62 -5.33 1.92
CA ASN B 3 10.37 -6.38 0.95
C ASN B 3 9.04 -7.04 1.29
N VAL B 4 8.08 -6.95 0.38
CA VAL B 4 6.72 -7.43 0.62
C VAL B 4 6.43 -8.56 -0.35
N ALA B 5 5.94 -9.68 0.17
CA ALA B 5 5.68 -10.87 -0.62
C ALA B 5 4.19 -11.20 -0.64
N VAL B 6 3.66 -11.45 -1.83
CA VAL B 6 2.28 -11.87 -2.01
C VAL B 6 2.26 -13.35 -2.38
N ILE B 7 1.64 -14.17 -1.55
CA ILE B 7 1.64 -15.62 -1.71
C ILE B 7 0.30 -16.02 -2.30
N GLY B 8 0.29 -16.41 -3.58
CA GLY B 8 -0.92 -16.68 -4.31
C GLY B 8 -1.31 -15.54 -5.22
N ALA B 9 -0.34 -15.03 -5.99
CA ALA B 9 -0.50 -13.75 -6.67
C ALA B 9 -1.22 -13.84 -8.01
N ALA B 10 -1.44 -15.03 -8.56
CA ALA B 10 -2.06 -15.17 -9.87
C ALA B 10 -3.54 -15.48 -9.82
N GLY B 11 -4.15 -15.48 -8.64
CA GLY B 11 -5.58 -15.68 -8.53
C GLY B 11 -6.36 -14.42 -8.83
N GLY B 12 -7.69 -14.56 -8.78
CA GLY B 12 -8.55 -13.42 -9.08
C GLY B 12 -8.29 -12.23 -8.18
N ILE B 13 -8.17 -12.47 -6.87
CA ILE B 13 -7.88 -11.39 -5.93
C ILE B 13 -6.41 -10.98 -6.02
N GLY B 14 -5.53 -11.95 -6.24
CA GLY B 14 -4.11 -11.70 -6.07
C GLY B 14 -3.55 -10.68 -7.05
N GLN B 15 -3.93 -10.77 -8.33
CA GLN B 15 -3.31 -9.89 -9.31
C GLN B 15 -3.86 -8.46 -9.26
N SER B 16 -5.14 -8.28 -8.92
CA SER B 16 -5.62 -6.93 -8.65
C SER B 16 -4.96 -6.35 -7.40
N LEU B 17 -4.76 -7.16 -6.37
CA LEU B 17 -4.07 -6.68 -5.19
C LEU B 17 -2.64 -6.27 -5.53
N SER B 18 -1.95 -7.07 -6.36
CA SER B 18 -0.58 -6.75 -6.76
C SER B 18 -0.55 -5.47 -7.60
N LEU B 19 -1.51 -5.30 -8.50
CA LEU B 19 -1.58 -4.08 -9.29
C LEU B 19 -1.71 -2.86 -8.40
N LEU B 20 -2.59 -2.94 -7.38
CA LEU B 20 -2.75 -1.81 -6.48
C LEU B 20 -1.50 -1.56 -5.65
N LEU B 21 -0.83 -2.64 -5.19
CA LEU B 21 0.36 -2.47 -4.38
C LEU B 21 1.51 -1.86 -5.18
N LEU B 22 1.59 -2.18 -6.47
CA LEU B 22 2.71 -1.69 -7.27
C LEU B 22 2.72 -0.17 -7.32
N ARG B 23 1.56 0.46 -7.50
CA ARG B 23 1.49 1.90 -7.69
C ARG B 23 1.43 2.69 -6.39
N GLU B 24 1.40 2.00 -5.23
CA GLU B 24 1.31 2.68 -3.94
C GLU B 24 2.57 2.53 -3.09
N LEU B 25 3.42 1.55 -3.37
CA LEU B 25 4.56 1.28 -2.52
C LEU B 25 5.55 2.44 -2.55
N PRO B 26 6.28 2.68 -1.46
CA PRO B 26 7.24 3.79 -1.45
C PRO B 26 8.44 3.53 -2.36
N PHE B 27 9.11 4.63 -2.72
CA PHE B 27 10.30 4.58 -3.55
C PHE B 27 11.38 3.74 -2.89
N GLY B 28 11.98 2.83 -3.65
CA GLY B 28 13.08 2.03 -3.15
C GLY B 28 12.69 0.80 -2.38
N SER B 29 11.75 0.02 -2.90
CA SER B 29 11.23 -1.17 -2.22
C SER B 29 11.01 -2.29 -3.22
N THR B 30 10.91 -3.52 -2.71
CA THR B 30 10.83 -4.72 -3.54
C THR B 30 9.46 -5.35 -3.40
N LEU B 31 8.96 -5.91 -4.49
CA LEU B 31 7.69 -6.64 -4.51
C LEU B 31 7.95 -8.05 -5.02
N SER B 32 7.59 -9.05 -4.22
CA SER B 32 7.82 -10.46 -4.55
C SER B 32 6.49 -11.15 -4.78
N LEU B 33 6.45 -12.06 -5.77
CA LEU B 33 5.23 -12.73 -6.19
C LEU B 33 5.48 -14.22 -6.30
N TYR B 34 4.51 -15.02 -5.87
CA TYR B 34 4.60 -16.48 -5.92
C TYR B 34 3.26 -17.10 -6.27
N ASP B 35 3.30 -18.17 -7.05
CA ASP B 35 2.12 -19.00 -7.28
C ASP B 35 2.55 -20.28 -7.98
N VAL B 36 1.69 -21.30 -7.88
CA VAL B 36 1.97 -22.59 -8.50
C VAL B 36 1.65 -22.62 -9.98
N VAL B 37 0.86 -21.67 -10.47
CA VAL B 37 0.57 -21.54 -11.90
C VAL B 37 0.32 -20.08 -12.22
N GLY B 38 1.00 -19.57 -13.26
CA GLY B 38 0.75 -18.25 -13.78
C GLY B 38 1.61 -17.14 -13.23
N ALA B 39 2.51 -17.41 -12.29
CA ALA B 39 3.34 -16.34 -11.75
C ALA B 39 4.23 -15.67 -12.78
N PRO B 40 4.92 -16.39 -13.67
CA PRO B 40 5.78 -15.70 -14.64
C PRO B 40 5.06 -14.71 -15.53
N GLY B 41 3.84 -15.01 -15.95
CA GLY B 41 3.08 -14.09 -16.80
C GLY B 41 2.70 -12.82 -16.09
N VAL B 42 2.26 -12.94 -14.84
CA VAL B 42 1.89 -11.78 -14.05
C VAL B 42 3.12 -10.93 -13.75
N ALA B 43 4.25 -11.58 -13.47
CA ALA B 43 5.48 -10.82 -13.21
C ALA B 43 5.97 -10.09 -14.46
N ALA B 44 5.88 -10.73 -15.63
CA ALA B 44 6.26 -10.06 -16.87
C ALA B 44 5.34 -8.89 -17.18
N ASP B 45 4.03 -9.07 -16.93
CA ASP B 45 3.07 -8.00 -17.19
C ASP B 45 3.34 -6.78 -16.33
N LEU B 46 3.59 -6.99 -15.03
CA LEU B 46 3.71 -5.86 -14.11
C LEU B 46 5.04 -5.11 -14.28
N SER B 47 6.07 -5.78 -14.76
CA SER B 47 7.38 -5.16 -14.84
C SER B 47 7.52 -4.19 -16.01
N HIS B 48 6.51 -4.09 -16.87
CA HIS B 48 6.53 -3.10 -17.95
C HIS B 48 6.02 -1.74 -17.52
N ILE B 49 5.54 -1.60 -16.28
CA ILE B 49 5.04 -0.32 -15.81
C ILE B 49 6.21 0.62 -15.55
N ASP B 50 5.96 1.92 -15.68
CA ASP B 50 7.00 2.93 -15.62
C ASP B 50 7.18 3.49 -14.21
N ARG B 51 6.93 2.67 -13.19
CA ARG B 51 7.14 3.05 -11.80
C ARG B 51 8.63 3.03 -11.48
N ALA B 52 9.17 4.17 -11.07
CA ALA B 52 10.59 4.27 -10.77
C ALA B 52 10.86 3.96 -9.30
N GLY B 53 12.01 3.32 -9.06
CA GLY B 53 12.42 2.96 -7.71
C GLY B 53 11.86 1.65 -7.19
N ILE B 54 11.14 0.88 -8.00
CA ILE B 54 10.50 -0.35 -7.59
C ILE B 54 11.08 -1.50 -8.41
N THR B 55 11.45 -2.58 -7.74
CA THR B 55 11.97 -3.79 -8.39
C THR B 55 11.02 -4.95 -8.14
N VAL B 56 10.64 -5.64 -9.21
CA VAL B 56 9.64 -6.70 -9.18
C VAL B 56 10.34 -8.05 -9.34
N LYS B 57 9.97 -9.00 -8.49
CA LYS B 57 10.62 -10.30 -8.42
C LYS B 57 9.56 -11.39 -8.35
N HIS B 58 9.91 -12.61 -8.73
CA HIS B 58 8.94 -13.69 -8.77
C HIS B 58 9.60 -15.05 -8.63
N ALA B 59 8.77 -16.05 -8.33
CA ALA B 59 9.17 -17.45 -8.26
C ALA B 59 8.01 -18.31 -8.70
N ALA B 60 8.30 -19.36 -9.46
CA ALA B 60 7.29 -20.25 -10.00
C ALA B 60 7.27 -21.55 -9.20
N GLY B 61 6.08 -21.98 -8.80
CA GLY B 61 5.95 -23.17 -7.98
C GLY B 61 5.89 -24.45 -8.79
N LYS B 62 5.92 -25.55 -8.05
CA LYS B 62 5.88 -26.87 -8.68
C LYS B 62 4.50 -27.11 -9.28
N LEU B 63 4.48 -27.56 -10.54
CA LEU B 63 3.20 -27.70 -11.23
C LEU B 63 2.30 -28.70 -10.52
N PRO B 64 2.73 -29.92 -10.21
CA PRO B 64 1.97 -30.76 -9.27
C PRO B 64 2.32 -30.39 -7.83
N PRO B 65 1.35 -29.94 -7.04
CA PRO B 65 1.69 -29.33 -5.74
C PRO B 65 2.57 -30.26 -4.90
N VAL B 66 3.57 -29.67 -4.28
CA VAL B 66 4.56 -30.39 -3.48
C VAL B 66 4.75 -29.66 -2.16
N PRO B 67 4.79 -30.34 -1.02
CA PRO B 67 5.02 -29.64 0.25
C PRO B 67 6.44 -29.16 0.39
N ARG B 68 6.61 -28.02 1.06
CA ARG B 68 7.90 -27.40 1.28
C ARG B 68 8.63 -27.18 -0.06
N ASP B 69 7.97 -26.45 -0.95
CA ASP B 69 8.48 -26.25 -2.30
C ASP B 69 9.80 -25.48 -2.27
N PRO B 70 10.87 -25.98 -2.90
CA PRO B 70 12.14 -25.25 -2.87
C PRO B 70 12.07 -23.86 -3.46
N ALA B 71 11.18 -23.62 -4.42
CA ALA B 71 11.05 -22.29 -5.00
C ALA B 71 10.62 -21.27 -3.95
N LEU B 72 9.67 -21.64 -3.08
CA LEU B 72 9.20 -20.71 -2.06
C LEU B 72 10.20 -20.57 -0.92
N THR B 73 11.10 -21.54 -0.76
CA THR B 73 12.11 -21.44 0.29
C THR B 73 13.17 -20.41 -0.05
N GLU B 74 13.37 -20.13 -1.34
CA GLU B 74 14.37 -19.15 -1.76
C GLU B 74 13.78 -17.76 -1.96
N LEU B 75 12.52 -17.65 -2.35
CA LEU B 75 11.89 -16.34 -2.49
C LEU B 75 11.62 -15.71 -1.13
N ALA B 76 11.60 -16.51 -0.07
CA ALA B 76 11.25 -16.04 1.26
C ALA B 76 12.43 -15.47 2.04
N GLU B 77 13.60 -15.36 1.44
CA GLU B 77 14.75 -14.80 2.15
C GLU B 77 14.70 -13.28 2.11
N GLY B 78 14.79 -12.65 3.29
CA GLY B 78 14.82 -11.21 3.40
C GLY B 78 13.47 -10.52 3.41
N VAL B 79 12.37 -11.27 3.47
CA VAL B 79 11.04 -10.66 3.39
C VAL B 79 10.68 -10.05 4.74
N ASP B 80 9.93 -8.94 4.68
CA ASP B 80 9.49 -8.22 5.87
C ASP B 80 8.01 -8.41 6.17
N VAL B 81 7.17 -8.61 5.14
CA VAL B 81 5.74 -8.81 5.32
C VAL B 81 5.27 -9.91 4.37
N PHE B 82 4.43 -10.81 4.86
CA PHE B 82 3.84 -11.87 4.06
C PHE B 82 2.34 -11.66 3.97
N VAL B 83 1.83 -11.51 2.76
CA VAL B 83 0.38 -11.41 2.52
C VAL B 83 -0.07 -12.77 2.00
N ILE B 84 -0.84 -13.48 2.79
CA ILE B 84 -1.27 -14.84 2.46
C ILE B 84 -2.69 -14.76 1.95
N VAL B 85 -2.86 -14.96 0.63
CA VAL B 85 -4.13 -14.78 -0.04
C VAL B 85 -4.53 -15.98 -0.88
N ALA B 86 -3.73 -17.05 -0.90
CA ALA B 86 -4.09 -18.24 -1.66
C ALA B 86 -5.28 -18.95 -1.03
N GLY B 87 -6.11 -19.54 -1.88
CA GLY B 87 -7.28 -20.25 -1.40
C GLY B 87 -8.05 -20.86 -2.54
N VAL B 88 -9.00 -21.72 -2.18
CA VAL B 88 -9.78 -22.44 -3.18
C VAL B 88 -10.76 -21.48 -3.86
N PRO B 89 -10.94 -21.54 -5.18
CA PRO B 89 -11.90 -20.67 -5.85
C PRO B 89 -13.35 -21.05 -5.55
N ASP B 97 -18.04 -26.55 5.57
CA ASP B 97 -16.78 -27.05 6.10
C ASP B 97 -15.96 -27.73 5.02
N ASP B 98 -16.51 -27.82 3.81
CA ASP B 98 -15.71 -28.31 2.69
C ASP B 98 -14.62 -27.31 2.31
N LEU B 99 -14.90 -26.01 2.45
CA LEU B 99 -13.92 -24.98 2.14
C LEU B 99 -12.85 -24.89 3.22
N PHE B 100 -13.25 -25.00 4.49
CA PHE B 100 -12.30 -24.97 5.59
C PHE B 100 -11.35 -26.15 5.51
N ASN B 101 -11.86 -27.33 5.17
CA ASN B 101 -11.06 -28.55 5.18
C ASN B 101 -9.89 -28.47 4.21
N VAL B 102 -9.96 -27.62 3.21
CA VAL B 102 -8.88 -27.49 2.24
C VAL B 102 -8.05 -26.24 2.49
N ASN B 103 -8.71 -25.12 2.81
CA ASN B 103 -7.96 -23.89 3.08
C ASN B 103 -7.08 -24.04 4.31
N ALA B 104 -7.50 -24.82 5.31
CA ALA B 104 -6.66 -25.05 6.48
C ALA B 104 -5.37 -25.76 6.10
N GLY B 105 -5.47 -26.81 5.29
CA GLY B 105 -4.29 -27.52 4.87
C GLY B 105 -3.37 -26.70 4.00
N ILE B 106 -3.93 -25.81 3.17
CA ILE B 106 -3.09 -24.91 2.39
C ILE B 106 -2.34 -23.95 3.30
N VAL B 107 -3.04 -23.35 4.26
CA VAL B 107 -2.43 -22.34 5.12
C VAL B 107 -1.34 -22.92 6.01
N MET B 108 -1.55 -24.12 6.57
CA MET B 108 -0.51 -24.69 7.42
C MET B 108 0.82 -24.79 6.68
N ASP B 109 0.79 -25.37 5.47
CA ASP B 109 2.03 -25.54 4.72
C ASP B 109 2.62 -24.22 4.25
N LEU B 110 1.80 -23.29 3.79
CA LEU B 110 2.36 -22.00 3.36
C LEU B 110 3.09 -21.32 4.51
N VAL B 111 2.45 -21.24 5.68
CA VAL B 111 3.08 -20.56 6.81
C VAL B 111 4.29 -21.34 7.29
N LEU B 112 4.24 -22.68 7.25
CA LEU B 112 5.40 -23.47 7.68
C LEU B 112 6.60 -23.21 6.79
N THR B 113 6.40 -23.15 5.47
CA THR B 113 7.51 -22.89 4.56
C THR B 113 8.05 -21.48 4.73
N CYS B 114 7.16 -20.49 4.86
CA CYS B 114 7.62 -19.10 4.93
C CYS B 114 8.31 -18.78 6.24
N ALA B 115 7.75 -19.25 7.36
CA ALA B 115 8.24 -18.85 8.68
C ALA B 115 9.55 -19.53 9.06
N SER B 116 10.03 -20.49 8.28
CA SER B 116 11.25 -21.21 8.64
C SER B 116 12.52 -20.51 8.19
N VAL B 117 12.42 -19.48 7.33
CA VAL B 117 13.59 -18.84 6.76
C VAL B 117 13.64 -17.37 7.14
N SER B 118 12.48 -16.75 7.38
CA SER B 118 12.38 -15.37 7.83
C SER B 118 11.40 -15.32 9.01
N PRO B 119 11.83 -15.75 10.19
CA PRO B 119 10.87 -15.87 11.31
C PRO B 119 10.26 -14.56 11.75
N ASN B 120 10.96 -13.43 11.59
CA ASN B 120 10.56 -12.17 12.21
C ASN B 120 9.56 -11.37 11.38
N ALA B 121 9.13 -11.88 10.23
CA ALA B 121 8.23 -11.13 9.38
C ALA B 121 6.85 -10.97 10.03
N CYS B 122 6.06 -10.04 9.52
CA CYS B 122 4.66 -9.93 9.87
C CYS B 122 3.82 -10.77 8.91
N PHE B 123 2.76 -11.37 9.43
CA PHE B 123 1.87 -12.22 8.65
C PHE B 123 0.48 -11.60 8.62
N CYS B 124 -0.04 -11.38 7.42
CA CYS B 124 -1.39 -10.88 7.22
C CYS B 124 -2.20 -11.97 6.52
N ILE B 125 -3.31 -12.37 7.13
CA ILE B 125 -4.11 -13.50 6.65
C ILE B 125 -5.33 -12.95 5.93
N VAL B 126 -5.46 -13.29 4.66
CA VAL B 126 -6.61 -12.89 3.86
C VAL B 126 -7.47 -14.08 3.45
N THR B 127 -6.95 -15.31 3.54
CA THR B 127 -7.70 -16.49 3.14
C THR B 127 -8.89 -16.71 4.09
N ASN B 128 -10.05 -17.01 3.52
CA ASN B 128 -11.23 -17.26 4.33
C ASN B 128 -11.30 -18.72 4.77
N PRO B 129 -11.91 -18.99 5.94
CA PRO B 129 -12.47 -18.07 6.94
C PRO B 129 -11.45 -17.60 7.97
N VAL B 130 -11.26 -16.29 8.16
CA VAL B 130 -10.19 -15.81 9.03
C VAL B 130 -10.41 -16.21 10.48
N ASN B 131 -11.67 -16.29 10.92
CA ASN B 131 -11.98 -16.69 12.28
C ASN B 131 -11.30 -18.01 12.65
N SER B 132 -11.18 -18.92 11.70
CA SER B 132 -10.57 -20.22 11.92
C SER B 132 -9.15 -20.33 11.40
N THR B 133 -8.77 -19.55 10.38
CA THR B 133 -7.44 -19.69 9.80
C THR B 133 -6.40 -18.83 10.52
N THR B 134 -6.82 -17.92 11.41
CA THR B 134 -5.80 -17.20 12.16
C THR B 134 -5.29 -18.04 13.34
N PRO B 135 -6.17 -18.71 14.09
CA PRO B 135 -5.67 -19.65 15.12
C PRO B 135 -4.82 -20.78 14.55
N ILE B 136 -5.12 -21.25 13.33
CA ILE B 136 -4.31 -22.29 12.72
C ILE B 136 -2.88 -21.82 12.50
N ALA B 137 -2.72 -20.60 11.98
CA ALA B 137 -1.39 -20.03 11.81
C ALA B 137 -0.69 -19.85 13.15
N ALA B 138 -1.42 -19.41 14.17
CA ALA B 138 -0.83 -19.27 15.50
C ALA B 138 -0.28 -20.60 15.99
N GLN B 139 -1.06 -21.68 15.85
CA GLN B 139 -0.59 -22.99 16.29
C GLN B 139 0.58 -23.49 15.48
N THR B 140 0.57 -23.27 14.16
CA THR B 140 1.70 -23.66 13.33
C THR B 140 2.98 -22.94 13.76
N LEU B 141 2.87 -21.64 14.07
CA LEU B 141 4.05 -20.91 14.53
C LEU B 141 4.50 -21.35 15.91
N ARG B 142 3.55 -21.71 16.79
CA ARG B 142 3.92 -22.23 18.10
C ARG B 142 4.66 -23.54 17.99
N LYS B 143 4.29 -24.39 17.02
CA LYS B 143 4.90 -25.72 16.90
C LYS B 143 6.40 -25.63 16.66
N ILE B 144 6.86 -24.67 15.85
CA ILE B 144 8.29 -24.53 15.58
C ILE B 144 8.96 -23.52 16.51
N GLY B 145 8.21 -22.90 17.42
CA GLY B 145 8.80 -22.09 18.47
C GLY B 145 9.18 -20.68 18.10
N VAL B 146 8.47 -20.05 17.16
CA VAL B 146 8.81 -18.70 16.73
C VAL B 146 7.58 -17.80 16.74
N TYR B 147 6.59 -18.13 17.56
CA TYR B 147 5.36 -17.34 17.61
C TYR B 147 5.61 -16.00 18.30
N ASN B 148 5.10 -14.93 17.68
CA ASN B 148 5.12 -13.60 18.27
C ASN B 148 3.70 -13.04 18.19
N LYS B 149 3.12 -12.73 19.36
CA LYS B 149 1.72 -12.31 19.40
C LYS B 149 1.51 -10.92 18.83
N ASN B 150 2.58 -10.14 18.67
CA ASN B 150 2.46 -8.77 18.20
C ASN B 150 2.63 -8.64 16.69
N LYS B 151 2.72 -9.76 15.96
CA LYS B 151 2.98 -9.73 14.53
C LYS B 151 2.11 -10.67 13.72
N LEU B 152 0.94 -11.05 14.23
CA LEU B 152 -0.03 -11.87 13.48
C LEU B 152 -1.35 -11.12 13.45
N LEU B 153 -1.86 -10.88 12.23
CA LEU B 153 -3.00 -10.01 12.02
C LEU B 153 -4.00 -10.67 11.09
N GLY B 154 -5.29 -10.53 11.38
CA GLY B 154 -6.35 -10.97 10.49
C GLY B 154 -7.07 -9.78 9.91
N VAL B 155 -7.33 -9.85 8.60
CA VAL B 155 -7.82 -8.69 7.86
C VAL B 155 -9.35 -8.74 7.84
N SER B 156 -9.98 -7.71 8.39
CA SER B 156 -11.43 -7.58 8.42
C SER B 156 -11.91 -6.18 8.04
N LEU B 157 -11.23 -5.51 7.11
CA LEU B 157 -11.55 -4.13 6.77
C LEU B 157 -12.77 -4.04 5.85
N LEU B 158 -13.12 -5.14 5.19
CA LEU B 158 -14.15 -5.09 4.15
C LEU B 158 -15.52 -4.75 4.72
N ASP B 159 -15.87 -5.34 5.87
CA ASP B 159 -17.14 -5.00 6.50
C ASP B 159 -17.15 -3.59 7.06
N GLY B 160 -15.99 -3.06 7.45
CA GLY B 160 -15.91 -1.65 7.80
C GLY B 160 -16.17 -0.73 6.62
N LEU B 161 -15.60 -1.06 5.45
CA LEU B 161 -15.92 -0.31 4.24
C LEU B 161 -17.40 -0.38 3.94
N ARG B 162 -17.99 -1.57 4.04
CA ARG B 162 -19.42 -1.73 3.76
C ARG B 162 -20.27 -0.91 4.73
N ALA B 163 -19.92 -0.94 6.02
CA ALA B 163 -20.69 -0.19 7.02
C ALA B 163 -20.61 1.31 6.74
N THR B 164 -19.40 1.81 6.48
CA THR B 164 -19.24 3.23 6.18
C THR B 164 -20.03 3.61 4.93
N ARG B 165 -19.95 2.80 3.89
CA ARG B 165 -20.68 3.11 2.67
C ARG B 165 -22.18 3.14 2.93
N PHE B 166 -22.70 2.17 3.68
CA PHE B 166 -24.14 2.09 3.88
C PHE B 166 -24.67 3.23 4.76
N ILE B 167 -23.90 3.67 5.75
CA ILE B 167 -24.38 4.77 6.59
C ILE B 167 -24.27 6.11 5.86
N ASN B 168 -23.25 6.27 5.01
CA ASN B 168 -23.00 7.57 4.39
C ASN B 168 -24.14 7.98 3.45
N ASN B 169 -24.68 7.05 2.67
CA ASN B 169 -25.72 7.41 1.71
C ASN B 169 -27.12 7.35 2.29
N ALA B 170 -27.23 7.28 3.62
CA ALA B 170 -28.52 7.46 4.28
C ALA B 170 -28.63 8.83 4.92
N ARG B 171 -27.52 9.37 5.40
CA ARG B 171 -27.47 10.68 6.04
C ARG B 171 -27.01 11.78 5.11
N HIS B 172 -26.86 11.51 3.82
CA HIS B 172 -26.23 12.46 2.92
C HIS B 172 -27.04 13.76 2.86
N PRO B 173 -26.39 14.94 2.92
CA PRO B 173 -24.95 15.18 3.05
C PRO B 173 -24.48 15.16 4.50
N LEU B 174 -23.86 14.07 4.93
CA LEU B 174 -23.15 14.01 6.19
C LEU B 174 -22.19 12.85 6.10
N VAL B 175 -20.89 13.13 5.99
CA VAL B 175 -19.90 12.13 5.64
C VAL B 175 -18.99 11.90 6.83
N VAL B 176 -18.80 10.64 7.21
CA VAL B 176 -17.83 10.23 8.21
C VAL B 176 -16.77 9.41 7.47
N PRO B 177 -15.51 9.41 7.90
CA PRO B 177 -14.50 8.62 7.19
C PRO B 177 -14.49 7.14 7.53
N TYR B 178 -15.04 6.70 8.66
CA TYR B 178 -14.97 5.29 9.03
C TYR B 178 -16.06 4.98 10.05
N VAL B 179 -16.25 3.69 10.31
CA VAL B 179 -17.19 3.18 11.30
C VAL B 179 -16.53 2.03 12.06
N PRO B 180 -16.57 2.00 13.40
CA PRO B 180 -15.99 0.86 14.13
C PRO B 180 -16.82 -0.41 13.99
N VAL B 181 -16.14 -1.54 13.82
CA VAL B 181 -16.76 -2.87 13.75
C VAL B 181 -15.92 -3.83 14.58
N VAL B 182 -16.59 -4.63 15.41
CA VAL B 182 -15.93 -5.55 16.33
C VAL B 182 -16.62 -6.91 16.25
N GLY B 183 -16.04 -7.90 16.93
CA GLY B 183 -16.62 -9.22 16.98
C GLY B 183 -15.85 -10.27 16.19
N GLY B 184 -16.43 -10.70 15.07
CA GLY B 184 -15.79 -11.65 14.19
C GLY B 184 -15.73 -11.14 12.77
N HIS B 185 -15.83 -12.04 11.78
CA HIS B 185 -15.73 -11.65 10.38
C HIS B 185 -16.69 -12.42 9.47
N SER B 186 -17.78 -12.95 10.01
CA SER B 186 -18.72 -13.67 9.15
C SER B 186 -20.12 -13.61 9.74
N ASP B 187 -21.06 -13.10 8.94
CA ASP B 187 -22.48 -13.10 9.25
C ASP B 187 -22.76 -12.63 10.68
N VAL B 188 -23.23 -13.51 11.56
CA VAL B 188 -23.75 -13.07 12.86
C VAL B 188 -22.67 -12.53 13.77
N THR B 189 -21.39 -12.83 13.49
CA THR B 189 -20.33 -12.52 14.43
C THR B 189 -19.79 -11.10 14.31
N ILE B 190 -20.30 -10.28 13.40
CA ILE B 190 -19.79 -8.92 13.19
C ILE B 190 -20.82 -7.92 13.69
N VAL B 191 -20.36 -6.96 14.49
CA VAL B 191 -21.24 -6.00 15.17
C VAL B 191 -20.80 -4.57 14.86
N PRO B 192 -21.55 -3.81 14.06
CA PRO B 192 -21.20 -2.40 13.83
C PRO B 192 -21.70 -1.49 14.95
N LEU B 193 -20.81 -0.64 15.46
CA LEU B 193 -21.13 0.23 16.59
C LEU B 193 -21.43 1.65 16.07
N TYR B 194 -22.66 1.80 15.54
CA TYR B 194 -23.06 3.08 14.97
C TYR B 194 -23.25 4.15 16.04
N SER B 195 -23.32 3.77 17.32
CA SER B 195 -23.52 4.75 18.38
C SER B 195 -22.28 5.57 18.66
N GLN B 196 -21.14 5.23 18.05
CA GLN B 196 -19.87 5.88 18.33
C GLN B 196 -19.41 6.79 17.20
N ILE B 197 -20.30 7.18 16.28
CA ILE B 197 -19.93 8.10 15.21
C ILE B 197 -20.64 9.44 15.45
N PRO B 198 -20.06 10.56 15.01
CA PRO B 198 -20.67 11.87 15.28
C PRO B 198 -21.91 12.14 14.43
N GLY B 199 -22.76 13.01 14.96
CA GLY B 199 -23.92 13.48 14.24
C GLY B 199 -25.21 12.79 14.64
N PRO B 200 -26.35 13.37 14.25
CA PRO B 200 -27.64 12.71 14.49
C PRO B 200 -27.76 11.41 13.71
N LEU B 201 -28.63 10.53 14.18
CA LEU B 201 -28.70 9.15 13.71
C LEU B 201 -30.14 8.80 13.38
N PRO B 202 -30.36 7.89 12.42
CA PRO B 202 -31.74 7.49 12.08
C PRO B 202 -32.44 6.78 13.23
N ASP B 203 -33.72 6.50 13.02
CA ASP B 203 -34.50 5.80 14.03
C ASP B 203 -34.14 4.32 14.05
N GLU B 204 -34.56 3.64 15.13
CA GLU B 204 -34.10 2.28 15.36
C GLU B 204 -34.56 1.31 14.28
N SER B 205 -35.79 1.47 13.79
CA SER B 205 -36.29 0.54 12.78
C SER B 205 -35.45 0.61 11.51
N THR B 206 -35.04 1.81 11.08
CA THR B 206 -34.16 1.94 9.94
C THR B 206 -32.73 1.49 10.28
N LEU B 207 -32.27 1.80 11.48
CA LEU B 207 -30.88 1.53 11.83
C LEU B 207 -30.61 0.04 11.91
N LYS B 208 -31.57 -0.75 12.40
CA LYS B 208 -31.35 -2.19 12.45
C LYS B 208 -31.49 -2.86 11.08
N GLU B 209 -32.28 -2.28 10.17
CA GLU B 209 -32.27 -2.73 8.79
C GLU B 209 -30.90 -2.48 8.16
N ILE B 210 -30.30 -1.32 8.43
CA ILE B 210 -28.95 -1.06 7.94
C ILE B 210 -27.95 -2.04 8.55
N ARG B 211 -28.08 -2.31 9.85
CA ARG B 211 -27.16 -3.24 10.52
C ARG B 211 -27.28 -4.66 9.96
N LYS B 212 -28.49 -5.08 9.63
CA LYS B 212 -28.67 -6.43 9.09
C LYS B 212 -28.04 -6.57 7.71
N ARG B 213 -28.14 -5.53 6.88
CA ARG B 213 -27.61 -5.61 5.52
C ARG B 213 -26.11 -5.82 5.50
N VAL B 214 -25.41 -5.25 6.48
CA VAL B 214 -23.95 -5.31 6.49
C VAL B 214 -23.49 -6.75 6.59
N GLN B 215 -24.14 -7.54 7.43
CA GLN B 215 -23.67 -8.89 7.73
C GLN B 215 -24.20 -9.94 6.75
N VAL B 216 -25.08 -9.57 5.81
CA VAL B 216 -25.48 -10.46 4.73
C VAL B 216 -25.02 -9.96 3.37
N ALA B 217 -24.05 -9.05 3.32
CA ALA B 217 -23.63 -8.44 2.05
C ALA B 217 -22.84 -9.41 1.18
N GLY B 218 -22.20 -10.41 1.76
CA GLY B 218 -21.46 -11.37 0.96
C GLY B 218 -22.34 -12.19 0.03
N THR B 219 -23.53 -12.57 0.51
CA THR B 219 -24.46 -13.33 -0.33
C THR B 219 -25.04 -12.48 -1.45
N GLU B 220 -25.16 -11.18 -1.22
CA GLU B 220 -25.76 -10.30 -2.21
C GLU B 220 -24.98 -10.31 -3.53
N VAL B 221 -23.65 -10.31 -3.44
CA VAL B 221 -22.82 -10.26 -4.63
C VAL B 221 -22.90 -11.58 -5.38
N VAL B 222 -22.80 -12.70 -4.66
CA VAL B 222 -22.82 -14.01 -5.31
C VAL B 222 -24.17 -14.26 -5.97
N LYS B 223 -25.26 -13.78 -5.37
CA LYS B 223 -26.56 -13.93 -6.03
C LYS B 223 -26.64 -13.14 -7.32
N ALA B 224 -26.00 -11.96 -7.38
CA ALA B 224 -26.03 -11.16 -8.60
C ALA B 224 -25.24 -11.82 -9.72
N LYS B 225 -24.12 -12.46 -9.39
CA LYS B 225 -23.29 -13.18 -10.35
C LYS B 225 -23.87 -14.50 -10.75
N ALA B 226 -25.09 -14.81 -10.33
CA ALA B 226 -25.75 -16.07 -10.68
C ALA B 226 -25.02 -17.27 -10.08
N GLY B 227 -24.30 -17.05 -8.98
CA GLY B 227 -23.61 -18.12 -8.29
C GLY B 227 -22.29 -18.54 -8.89
N ARG B 228 -21.83 -17.86 -9.95
CA ARG B 228 -20.61 -18.26 -10.65
C ARG B 228 -19.35 -17.67 -10.04
N GLY B 229 -19.45 -16.84 -9.00
CA GLY B 229 -18.27 -16.24 -8.42
C GLY B 229 -18.64 -15.40 -7.22
N SER B 230 -17.62 -14.82 -6.59
CA SER B 230 -17.78 -13.96 -5.44
C SER B 230 -17.18 -12.59 -5.72
N ALA B 231 -17.12 -11.75 -4.68
CA ALA B 231 -16.54 -10.42 -4.81
C ALA B 231 -15.03 -10.49 -4.70
N THR B 232 -14.33 -9.86 -5.65
CA THR B 232 -12.88 -9.96 -5.70
C THR B 232 -12.22 -8.58 -5.75
N LEU B 233 -12.91 -7.59 -6.31
CA LEU B 233 -12.36 -6.24 -6.37
C LEU B 233 -12.38 -5.56 -5.01
N SER B 234 -13.48 -5.72 -4.28
CA SER B 234 -13.58 -5.14 -2.94
C SER B 234 -12.56 -5.75 -1.98
N MET B 235 -12.37 -7.07 -2.05
CA MET B 235 -11.38 -7.72 -1.20
C MET B 235 -9.97 -7.23 -1.51
N ALA B 236 -9.65 -7.05 -2.79
CA ALA B 236 -8.34 -6.54 -3.17
C ALA B 236 -8.13 -5.13 -2.65
N GLU B 237 -9.14 -4.26 -2.78
CA GLU B 237 -9.04 -2.90 -2.27
C GLU B 237 -8.78 -2.90 -0.77
N ALA B 238 -9.56 -3.69 -0.02
CA ALA B 238 -9.39 -3.74 1.43
C ALA B 238 -8.02 -4.28 1.80
N GLY B 239 -7.56 -5.34 1.12
CA GLY B 239 -6.27 -5.92 1.45
C GLY B 239 -5.11 -4.97 1.20
N ALA B 240 -5.14 -4.26 0.06
CA ALA B 240 -4.08 -3.31 -0.22
C ALA B 240 -4.08 -2.16 0.78
N ARG B 241 -5.26 -1.65 1.12
CA ARG B 241 -5.33 -0.56 2.09
C ARG B 241 -4.79 -0.99 3.44
N PHE B 242 -5.11 -2.21 3.88
CA PHE B 242 -4.59 -2.69 5.15
C PHE B 242 -3.08 -2.88 5.10
N THR B 243 -2.55 -3.38 3.97
CA THR B 243 -1.12 -3.65 3.89
C THR B 243 -0.30 -2.37 3.91
N MET B 244 -0.81 -1.30 3.30
CA MET B 244 -0.07 -0.05 3.29
C MET B 244 0.11 0.51 4.70
N HIS B 245 -0.89 0.35 5.58
CA HIS B 245 -0.74 0.77 6.97
C HIS B 245 0.42 0.07 7.65
N VAL B 246 0.51 -1.25 7.49
CA VAL B 246 1.58 -2.01 8.12
C VAL B 246 2.93 -1.55 7.58
N VAL B 247 3.03 -1.37 6.26
CA VAL B 247 4.31 -0.97 5.67
C VAL B 247 4.74 0.39 6.20
N LYS B 248 3.81 1.36 6.24
CA LYS B 248 4.17 2.70 6.72
C LYS B 248 4.53 2.69 8.20
N ALA B 249 3.80 1.93 9.01
CA ALA B 249 4.10 1.87 10.44
C ALA B 249 5.46 1.23 10.70
N LEU B 250 5.84 0.22 9.91
CA LEU B 250 7.14 -0.42 10.13
C LEU B 250 8.29 0.54 9.87
N MET B 251 8.15 1.41 8.85
CA MET B 251 9.24 2.31 8.48
C MET B 251 9.35 3.52 9.42
N GLY B 252 8.35 3.76 10.26
CA GLY B 252 8.38 4.92 11.13
C GLY B 252 7.71 6.15 10.56
N LEU B 253 6.99 6.01 9.45
CA LEU B 253 6.33 7.13 8.80
C LEU B 253 4.87 7.30 9.22
N ASP B 254 4.42 6.55 10.22
CA ASP B 254 3.07 6.72 10.76
C ASP B 254 2.95 5.87 12.02
N THR B 255 1.76 5.94 12.63
CA THR B 255 1.43 5.11 13.80
C THR B 255 -0.09 5.02 13.91
N PRO B 256 -0.73 4.32 12.97
CA PRO B 256 -2.18 4.42 12.83
C PRO B 256 -2.98 3.52 13.78
N MET B 257 -4.27 3.84 13.89
CA MET B 257 -5.22 3.04 14.66
C MET B 257 -6.13 2.30 13.69
N VAL B 258 -6.23 0.98 13.85
CA VAL B 258 -6.97 0.13 12.93
C VAL B 258 -7.76 -0.91 13.72
N TYR B 259 -8.69 -1.56 13.03
CA TYR B 259 -9.49 -2.63 13.59
C TYR B 259 -9.09 -3.93 12.89
N ALA B 260 -8.67 -4.92 13.66
CA ALA B 260 -8.17 -6.17 13.09
C ALA B 260 -8.46 -7.33 14.02
N TYR B 261 -8.49 -8.54 13.46
CA TYR B 261 -8.71 -9.77 14.20
C TYR B 261 -7.38 -10.25 14.78
N VAL B 262 -7.19 -10.06 16.08
CA VAL B 262 -5.89 -10.29 16.72
C VAL B 262 -6.07 -11.06 18.01
N ASP B 263 -4.93 -11.46 18.58
CA ASP B 263 -4.88 -12.12 19.88
C ASP B 263 -5.09 -11.09 20.99
N THR B 264 -6.05 -11.36 21.88
CA THR B 264 -6.46 -10.37 22.88
C THR B 264 -5.50 -10.28 24.06
N ASP B 265 -4.54 -11.20 24.19
CA ASP B 265 -3.50 -11.09 25.20
C ASP B 265 -4.12 -10.97 26.60
N GLY B 266 -5.20 -11.70 26.84
CA GLY B 266 -5.78 -11.76 28.16
C GLY B 266 -6.63 -10.58 28.56
N GLU B 267 -6.82 -9.60 27.68
CA GLU B 267 -7.63 -8.43 27.99
C GLU B 267 -9.11 -8.62 27.66
N HIS B 268 -9.47 -9.77 27.11
CA HIS B 268 -10.86 -10.14 26.87
C HIS B 268 -10.97 -11.64 27.06
N GLU B 269 -12.15 -12.11 27.46
CA GLU B 269 -12.32 -13.53 27.75
C GLU B 269 -12.28 -14.39 26.50
N CYS B 270 -12.38 -13.80 25.31
CA CYS B 270 -12.33 -14.55 24.05
C CYS B 270 -10.91 -14.54 23.49
N PRO B 271 -10.31 -15.69 23.19
CA PRO B 271 -8.89 -15.70 22.81
C PRO B 271 -8.56 -14.84 21.60
N PHE B 272 -9.44 -14.79 20.60
CA PHE B 272 -9.28 -13.95 19.41
C PHE B 272 -10.53 -13.12 19.22
N LEU B 273 -10.35 -11.86 18.80
CA LEU B 273 -11.47 -10.96 18.60
C LEU B 273 -11.01 -9.81 17.72
N ALA B 274 -11.98 -9.14 17.10
CA ALA B 274 -11.71 -7.93 16.33
C ALA B 274 -11.75 -6.72 17.26
N MET B 275 -10.68 -5.93 17.27
CA MET B 275 -10.50 -4.90 18.27
C MET B 275 -9.67 -3.77 17.69
N PRO B 276 -9.76 -2.56 18.25
CA PRO B 276 -8.88 -1.48 17.81
C PRO B 276 -7.49 -1.58 18.42
N VAL B 277 -6.47 -1.31 17.60
CA VAL B 277 -5.07 -1.39 18.03
C VAL B 277 -4.30 -0.24 17.40
N VAL B 278 -3.14 0.04 17.98
CA VAL B 278 -2.20 1.03 17.47
C VAL B 278 -0.95 0.30 16.98
N LEU B 279 -0.56 0.58 15.74
CA LEU B 279 0.58 -0.08 15.10
C LEU B 279 1.83 0.78 15.21
N GLY B 280 2.98 0.13 15.24
CA GLY B 280 4.24 0.81 15.38
C GLY B 280 5.36 0.09 14.66
N LYS B 281 6.58 0.40 15.06
CA LYS B 281 7.77 -0.06 14.34
C LYS B 281 8.05 -1.54 14.51
N ASN B 282 7.52 -2.19 15.54
CA ASN B 282 7.71 -3.63 15.73
C ASN B 282 6.38 -4.30 16.07
N GLY B 283 5.34 -4.00 15.30
CA GLY B 283 4.07 -4.68 15.44
C GLY B 283 3.03 -3.86 16.17
N ILE B 284 2.19 -4.54 16.95
CA ILE B 284 1.18 -3.86 17.75
C ILE B 284 1.85 -3.21 18.95
N GLU B 285 1.56 -1.93 19.19
CA GLU B 285 2.10 -1.21 20.32
C GLU B 285 1.09 -1.00 21.44
N ARG B 286 -0.21 -1.00 21.16
CA ARG B 286 -1.21 -0.71 22.17
C ARG B 286 -2.55 -1.32 21.76
N ARG B 287 -3.18 -2.04 22.68
CA ARG B 287 -4.49 -2.62 22.48
C ARG B 287 -5.52 -1.77 23.23
N LEU B 288 -6.60 -1.39 22.54
CA LEU B 288 -7.56 -0.46 23.08
C LEU B 288 -8.87 -1.16 23.47
N PRO B 289 -9.57 -0.66 24.48
CA PRO B 289 -10.88 -1.26 24.82
C PRO B 289 -11.95 -0.88 23.83
N ILE B 290 -13.04 -1.65 23.85
CA ILE B 290 -14.15 -1.42 22.93
C ILE B 290 -14.90 -0.13 23.23
N GLY B 291 -15.02 0.25 24.49
CA GLY B 291 -15.68 1.48 24.85
C GLY B 291 -17.18 1.32 25.07
N PRO B 292 -17.87 2.42 25.36
CA PRO B 292 -19.29 2.32 25.70
C PRO B 292 -20.13 1.88 24.51
N ILE B 293 -21.22 1.17 24.81
CA ILE B 293 -22.17 0.70 23.81
C ILE B 293 -23.56 0.70 24.43
N THR B 294 -24.57 0.67 23.57
CA THR B 294 -25.95 0.62 24.03
C THR B 294 -26.36 -0.82 24.33
N THR B 295 -27.57 -0.99 24.86
CA THR B 295 -28.04 -2.31 25.26
C THR B 295 -28.24 -3.24 24.06
N VAL B 296 -28.78 -2.72 22.95
CA VAL B 296 -28.93 -3.55 21.76
C VAL B 296 -27.57 -4.06 21.29
N GLU B 297 -26.58 -3.18 21.23
CA GLU B 297 -25.26 -3.59 20.79
C GLU B 297 -24.63 -4.57 21.80
N LYS B 298 -24.90 -4.39 23.08
CA LYS B 298 -24.38 -5.32 24.08
C LYS B 298 -24.98 -6.72 23.89
N GLU B 299 -26.28 -6.81 23.61
CA GLU B 299 -26.89 -8.10 23.33
C GLU B 299 -26.30 -8.72 22.07
N MET B 300 -26.09 -7.91 21.03
CA MET B 300 -25.51 -8.43 19.80
C MET B 300 -24.11 -8.99 20.05
N LEU B 301 -23.30 -8.28 20.84
CA LEU B 301 -21.96 -8.76 21.14
C LEU B 301 -21.99 -10.03 21.96
N GLU B 302 -22.93 -10.11 22.92
CA GLU B 302 -23.08 -11.35 23.70
C GLU B 302 -23.40 -12.52 22.79
N GLU B 303 -24.27 -12.32 21.80
CA GLU B 303 -24.57 -13.38 20.86
C GLU B 303 -23.36 -13.75 20.00
N ALA B 304 -22.59 -12.75 19.56
CA ALA B 304 -21.49 -13.00 18.62
C ALA B 304 -20.36 -13.78 19.28
N VAL B 305 -20.04 -13.45 20.54
CA VAL B 305 -18.87 -14.05 21.17
C VAL B 305 -19.03 -15.56 21.33
N GLY B 306 -20.25 -16.03 21.58
CA GLY B 306 -20.46 -17.46 21.73
C GLY B 306 -20.11 -18.25 20.48
N VAL B 307 -20.48 -17.71 19.31
CA VAL B 307 -20.11 -18.35 18.05
C VAL B 307 -18.61 -18.21 17.79
N VAL B 308 -18.04 -17.06 18.14
CA VAL B 308 -16.61 -16.87 17.88
C VAL B 308 -15.79 -17.89 18.65
N LYS B 309 -16.16 -18.17 19.90
CA LYS B 309 -15.44 -19.19 20.65
C LYS B 309 -15.53 -20.57 20.00
N LYS B 310 -16.71 -20.92 19.48
CA LYS B 310 -16.89 -22.19 18.79
C LYS B 310 -16.02 -22.26 17.54
N ASN B 311 -15.81 -21.13 16.86
CA ASN B 311 -14.92 -21.09 15.71
C ASN B 311 -13.46 -21.22 16.11
N ILE B 312 -13.05 -20.59 17.22
CA ILE B 312 -11.68 -20.74 17.70
C ILE B 312 -11.39 -22.21 18.00
N ALA B 313 -12.34 -22.88 18.66
CA ALA B 313 -12.14 -24.30 18.99
C ALA B 313 -11.98 -25.15 17.75
N LYS B 314 -12.81 -24.90 16.73
CA LYS B 314 -12.69 -25.62 15.47
C LYS B 314 -11.34 -25.38 14.81
N GLY B 315 -10.84 -24.16 14.88
CA GLY B 315 -9.54 -23.85 14.32
C GLY B 315 -8.37 -24.51 15.03
N GLU B 316 -8.36 -24.47 16.36
CA GLU B 316 -7.17 -24.92 17.09
C GLU B 316 -7.13 -26.43 17.29
N THR B 317 -8.20 -27.15 17.00
CA THR B 317 -8.24 -28.60 17.14
C THR B 317 -8.16 -29.32 15.79
N PHE B 318 -7.82 -28.62 14.72
CA PHE B 318 -7.81 -29.24 13.40
C PHE B 318 -6.77 -30.35 13.31
N ALA B 319 -7.18 -31.49 12.80
CA ALA B 319 -6.30 -32.63 12.56
C ALA B 319 -6.91 -33.50 11.49
N ARG B 320 -6.07 -34.12 10.66
CA ARG B 320 -6.58 -34.97 9.59
C ARG B 320 -6.48 -36.47 9.91
N SER B 321 -7.49 -37.26 9.52
CA SER B 321 -7.53 -38.68 9.87
C SER B 321 -6.83 -39.62 8.90
N LYS B 322 -5.88 -40.40 9.40
CA LYS B 322 -5.09 -41.27 8.54
C LYS B 322 -5.82 -42.48 7.99
N LEU B 323 -6.12 -42.44 6.71
CA LEU B 323 -6.84 -43.53 6.07
C LEU B 323 -6.09 -44.79 6.29
N MET C 1 -20.83 18.05 -12.71
CA MET C 1 -21.10 16.59 -12.93
C MET C 1 -20.57 16.14 -14.27
N VAL C 2 -19.83 15.03 -14.27
CA VAL C 2 -19.35 14.40 -15.49
C VAL C 2 -19.70 12.92 -15.44
N ASN C 3 -20.17 12.39 -16.57
CA ASN C 3 -20.62 11.01 -16.69
C ASN C 3 -19.75 10.28 -17.72
N VAL C 4 -19.06 9.23 -17.27
CA VAL C 4 -18.17 8.45 -18.12
C VAL C 4 -18.63 7.00 -18.13
N ALA C 5 -18.81 6.45 -19.32
CA ALA C 5 -19.35 5.11 -19.52
C ALA C 5 -18.29 4.18 -20.08
N VAL C 6 -18.13 3.02 -19.45
CA VAL C 6 -17.19 2.00 -19.89
C VAL C 6 -17.96 0.89 -20.59
N ILE C 7 -17.68 0.68 -21.87
CA ILE C 7 -18.41 -0.28 -22.69
C ILE C 7 -17.57 -1.56 -22.77
N GLY C 8 -18.04 -2.62 -22.14
CA GLY C 8 -17.28 -3.85 -22.04
C GLY C 8 -16.61 -3.99 -20.68
N ALA C 9 -17.38 -3.73 -19.61
CA ALA C 9 -16.81 -3.59 -18.28
C ALA C 9 -16.57 -4.92 -17.57
N ALA C 10 -17.13 -6.02 -18.06
CA ALA C 10 -16.98 -7.32 -17.42
C ALA C 10 -15.85 -8.15 -18.01
N GLY C 11 -15.09 -7.61 -18.94
CA GLY C 11 -13.97 -8.32 -19.51
C GLY C 11 -12.76 -8.30 -18.60
N GLY C 12 -11.70 -9.00 -19.05
CA GLY C 12 -10.48 -9.05 -18.27
C GLY C 12 -9.82 -7.70 -18.11
N ILE C 13 -9.76 -6.92 -19.20
CA ILE C 13 -9.19 -5.58 -19.14
C ILE C 13 -10.17 -4.60 -18.49
N GLY C 14 -11.46 -4.75 -18.80
CA GLY C 14 -12.44 -3.78 -18.36
C GLY C 14 -12.60 -3.71 -16.86
N GLN C 15 -12.46 -4.84 -16.17
CA GLN C 15 -12.70 -4.86 -14.72
C GLN C 15 -11.65 -4.08 -13.96
N SER C 16 -10.37 -4.30 -14.26
CA SER C 16 -9.32 -3.53 -13.61
C SER C 16 -9.39 -2.06 -13.97
N LEU C 17 -9.75 -1.75 -15.21
CA LEU C 17 -9.92 -0.35 -15.62
C LEU C 17 -11.02 0.32 -14.80
N SER C 18 -12.16 -0.36 -14.62
CA SER C 18 -13.25 0.21 -13.84
C SER C 18 -12.86 0.39 -12.37
N LEU C 19 -12.16 -0.60 -11.81
CA LEU C 19 -11.70 -0.48 -10.42
C LEU C 19 -10.78 0.71 -10.25
N LEU C 20 -9.82 0.88 -11.15
CA LEU C 20 -8.90 2.01 -11.06
C LEU C 20 -9.61 3.33 -11.28
N LEU C 21 -10.61 3.34 -12.14
CA LEU C 21 -11.32 4.58 -12.46
C LEU C 21 -12.17 5.05 -11.27
N LEU C 22 -12.79 4.10 -10.57
CA LEU C 22 -13.61 4.46 -9.41
C LEU C 22 -12.79 5.19 -8.34
N ARG C 23 -11.51 4.82 -8.17
CA ARG C 23 -10.69 5.40 -7.11
C ARG C 23 -10.26 6.83 -7.41
N GLU C 24 -10.14 7.20 -8.69
CA GLU C 24 -9.53 8.47 -9.07
C GLU C 24 -10.52 9.49 -9.62
N LEU C 25 -11.76 9.10 -9.88
CA LEU C 25 -12.71 10.05 -10.46
C LEU C 25 -12.98 11.19 -9.48
N PRO C 26 -13.30 12.39 -9.97
CA PRO C 26 -13.55 13.52 -9.06
C PRO C 26 -14.86 13.38 -8.29
N PHE C 27 -14.93 14.11 -7.18
CA PHE C 27 -16.13 14.13 -6.34
C PHE C 27 -17.33 14.62 -7.14
N GLY C 28 -18.44 13.89 -7.03
CA GLY C 28 -19.68 14.28 -7.68
C GLY C 28 -19.85 13.83 -9.11
N SER C 29 -19.27 12.68 -9.48
CA SER C 29 -19.30 12.18 -10.84
C SER C 29 -19.91 10.78 -10.88
N THR C 30 -20.36 10.39 -12.08
CA THR C 30 -21.07 9.13 -12.30
C THR C 30 -20.20 8.17 -13.09
N LEU C 31 -20.40 6.87 -12.85
CA LEU C 31 -19.70 5.80 -13.57
C LEU C 31 -20.74 4.80 -14.07
N SER C 32 -20.79 4.59 -15.38
CA SER C 32 -21.76 3.70 -16.01
C SER C 32 -21.05 2.52 -16.63
N LEU C 33 -21.61 1.32 -16.45
CA LEU C 33 -21.00 0.07 -16.89
C LEU C 33 -21.98 -0.68 -17.79
N TYR C 34 -21.46 -1.34 -18.83
CA TYR C 34 -22.27 -2.12 -19.75
C TYR C 34 -21.49 -3.33 -20.23
N ASP C 35 -22.21 -4.43 -20.45
CA ASP C 35 -21.62 -5.62 -21.06
C ASP C 35 -22.73 -6.55 -21.48
N VAL C 36 -22.38 -7.52 -22.33
CA VAL C 36 -23.35 -8.53 -22.77
C VAL C 36 -23.56 -9.58 -21.69
N VAL C 37 -22.53 -9.90 -20.90
CA VAL C 37 -22.66 -10.82 -19.78
C VAL C 37 -21.81 -10.34 -18.62
N GLY C 38 -22.37 -10.40 -17.41
CA GLY C 38 -21.61 -10.16 -16.20
C GLY C 38 -21.63 -8.74 -15.67
N ALA C 39 -22.41 -7.84 -16.27
CA ALA C 39 -22.45 -6.46 -15.79
C ALA C 39 -23.01 -6.34 -14.39
N PRO C 40 -24.16 -6.94 -14.04
CA PRO C 40 -24.70 -6.74 -12.69
C PRO C 40 -23.78 -7.22 -11.58
N GLY C 41 -23.02 -8.29 -11.78
CA GLY C 41 -22.12 -8.74 -10.74
C GLY C 41 -21.02 -7.74 -10.45
N VAL C 42 -20.39 -7.20 -11.48
CA VAL C 42 -19.35 -6.20 -11.29
C VAL C 42 -19.94 -4.92 -10.71
N ALA C 43 -21.15 -4.55 -11.12
CA ALA C 43 -21.78 -3.36 -10.56
C ALA C 43 -22.03 -3.53 -9.07
N ALA C 44 -22.52 -4.72 -8.66
CA ALA C 44 -22.75 -4.97 -7.24
C ALA C 44 -21.44 -4.99 -6.46
N ASP C 45 -20.39 -5.54 -7.05
CA ASP C 45 -19.09 -5.61 -6.36
C ASP C 45 -18.56 -4.20 -6.05
N LEU C 46 -18.62 -3.29 -7.03
CA LEU C 46 -18.01 -1.98 -6.86
C LEU C 46 -18.85 -1.05 -6.00
N SER C 47 -20.15 -1.32 -5.86
CA SER C 47 -21.01 -0.43 -5.08
C SER C 47 -20.72 -0.46 -3.59
N HIS C 48 -19.97 -1.45 -3.12
CA HIS C 48 -19.72 -1.63 -1.68
C HIS C 48 -18.48 -0.90 -1.19
N ILE C 49 -17.71 -0.28 -2.09
CA ILE C 49 -16.53 0.47 -1.65
C ILE C 49 -16.96 1.85 -1.17
N ASP C 50 -16.27 2.36 -0.15
CA ASP C 50 -16.75 3.49 0.63
C ASP C 50 -16.39 4.86 0.01
N ARG C 51 -16.16 4.90 -1.29
CA ARG C 51 -15.90 6.16 -1.98
C ARG C 51 -17.12 7.06 -1.95
N ALA C 52 -16.97 8.26 -1.39
CA ALA C 52 -18.10 9.18 -1.26
C ALA C 52 -18.16 10.15 -2.44
N GLY C 53 -19.39 10.47 -2.84
CA GLY C 53 -19.62 11.40 -3.93
C GLY C 53 -19.66 10.79 -5.31
N ILE C 54 -19.71 9.46 -5.43
CA ILE C 54 -19.68 8.75 -6.70
C ILE C 54 -20.94 7.92 -6.83
N THR C 55 -21.52 7.90 -8.03
CA THR C 55 -22.71 7.10 -8.34
C THR C 55 -22.34 6.04 -9.37
N VAL C 56 -22.91 4.84 -9.21
CA VAL C 56 -22.62 3.70 -10.08
C VAL C 56 -23.92 3.24 -10.73
N LYS C 57 -23.90 3.09 -12.05
CA LYS C 57 -25.04 2.62 -12.83
C LYS C 57 -24.59 1.46 -13.70
N HIS C 58 -25.55 0.66 -14.17
CA HIS C 58 -25.20 -0.47 -15.02
C HIS C 58 -26.38 -0.88 -15.88
N ALA C 59 -26.08 -1.64 -16.94
CA ALA C 59 -27.08 -2.20 -17.82
C ALA C 59 -26.54 -3.51 -18.39
N ALA C 60 -27.45 -4.37 -18.86
CA ALA C 60 -27.09 -5.67 -19.38
C ALA C 60 -27.78 -5.91 -20.73
N GLY C 61 -27.05 -6.52 -21.65
CA GLY C 61 -27.58 -6.81 -22.96
C GLY C 61 -28.01 -8.25 -23.13
N LYS C 62 -28.66 -8.53 -24.25
CA LYS C 62 -29.16 -9.87 -24.53
C LYS C 62 -28.02 -10.85 -24.65
N LEU C 63 -28.24 -12.07 -24.16
CA LEU C 63 -27.17 -13.07 -24.18
C LEU C 63 -26.68 -13.35 -25.59
N PRO C 64 -27.54 -13.62 -26.57
CA PRO C 64 -27.09 -13.58 -27.97
C PRO C 64 -27.15 -12.16 -28.50
N PRO C 65 -26.00 -11.53 -28.77
CA PRO C 65 -26.00 -10.12 -29.18
C PRO C 65 -27.04 -9.85 -30.26
N VAL C 66 -27.58 -8.63 -30.22
CA VAL C 66 -28.54 -8.17 -31.23
C VAL C 66 -28.12 -6.77 -31.69
N PRO C 67 -28.36 -6.40 -32.94
CA PRO C 67 -28.05 -5.03 -33.37
C PRO C 67 -28.90 -4.01 -32.62
N ARG C 68 -28.28 -2.87 -32.30
CA ARG C 68 -28.99 -1.75 -31.68
C ARG C 68 -29.72 -2.20 -30.42
N ASP C 69 -28.95 -2.64 -29.43
CA ASP C 69 -29.51 -3.14 -28.18
C ASP C 69 -30.30 -2.04 -27.47
N PRO C 70 -31.58 -2.27 -27.14
CA PRO C 70 -32.37 -1.21 -26.50
C PRO C 70 -31.93 -0.85 -25.09
N ALA C 71 -31.11 -1.66 -24.42
CA ALA C 71 -30.58 -1.26 -23.12
C ALA C 71 -29.45 -0.24 -23.26
N LEU C 72 -28.65 -0.34 -24.31
CA LEU C 72 -27.55 0.60 -24.53
C LEU C 72 -28.07 1.94 -25.02
N THR C 73 -29.23 1.99 -25.68
CA THR C 73 -29.82 3.27 -26.02
C THR C 73 -30.38 3.99 -24.81
N GLU C 74 -30.58 3.27 -23.70
CA GLU C 74 -31.04 3.87 -22.45
C GLU C 74 -29.88 4.28 -21.55
N LEU C 75 -28.87 3.43 -21.42
CA LEU C 75 -27.72 3.78 -20.60
C LEU C 75 -26.92 4.93 -21.20
N ALA C 76 -27.09 5.20 -22.50
CA ALA C 76 -26.22 6.13 -23.21
C ALA C 76 -26.66 7.59 -23.09
N GLU C 77 -27.80 7.87 -22.45
CA GLU C 77 -28.28 9.25 -22.38
C GLU C 77 -27.48 10.04 -21.36
N GLY C 78 -27.00 11.22 -21.78
CA GLY C 78 -26.30 12.12 -20.89
C GLY C 78 -24.84 11.82 -20.66
N VAL C 79 -24.23 10.96 -21.46
CA VAL C 79 -22.83 10.58 -21.25
C VAL C 79 -21.92 11.63 -21.88
N ASP C 80 -20.77 11.85 -21.24
CA ASP C 80 -19.76 12.78 -21.73
C ASP C 80 -18.58 12.09 -22.42
N VAL C 81 -18.14 10.95 -21.90
CA VAL C 81 -17.01 10.21 -22.47
C VAL C 81 -17.38 8.75 -22.59
N PHE C 82 -17.06 8.14 -23.73
CA PHE C 82 -17.24 6.71 -23.97
C PHE C 82 -15.86 6.05 -24.03
N VAL C 83 -15.68 4.98 -23.26
CA VAL C 83 -14.44 4.21 -23.27
C VAL C 83 -14.77 2.88 -23.93
N ILE C 84 -14.43 2.76 -25.22
CA ILE C 84 -14.79 1.58 -26.02
C ILE C 84 -13.70 0.55 -25.84
N VAL C 85 -13.93 -0.40 -24.91
CA VAL C 85 -12.96 -1.42 -24.55
C VAL C 85 -13.51 -2.83 -24.76
N ALA C 86 -14.57 -2.98 -25.54
CA ALA C 86 -15.08 -4.29 -25.88
C ALA C 86 -14.27 -4.91 -27.00
N GLY C 87 -14.29 -6.24 -27.07
CA GLY C 87 -13.55 -6.97 -28.07
C GLY C 87 -13.21 -8.38 -27.64
N VAL C 88 -13.40 -9.35 -28.54
CA VAL C 88 -13.24 -10.76 -28.21
C VAL C 88 -11.78 -11.05 -27.91
N PRO C 89 -11.46 -12.03 -27.04
CA PRO C 89 -10.06 -12.36 -26.77
C PRO C 89 -9.30 -12.80 -28.01
N ASP C 97 -6.60 -13.00 -39.17
CA ASP C 97 -7.43 -11.89 -39.65
C ASP C 97 -8.89 -12.04 -39.23
N ASP C 98 -9.25 -13.21 -38.71
CA ASP C 98 -10.58 -13.37 -38.17
C ASP C 98 -10.79 -12.50 -36.94
N LEU C 99 -9.74 -12.30 -36.14
CA LEU C 99 -9.84 -11.39 -35.01
C LEU C 99 -10.17 -9.98 -35.48
N PHE C 100 -9.48 -9.50 -36.51
CA PHE C 100 -9.81 -8.19 -37.07
C PHE C 100 -11.24 -8.18 -37.61
N ASN C 101 -11.63 -9.25 -38.31
CA ASN C 101 -12.93 -9.27 -38.96
C ASN C 101 -14.07 -9.24 -37.94
N VAL C 102 -13.86 -9.80 -36.75
CA VAL C 102 -14.92 -9.77 -35.74
C VAL C 102 -14.88 -8.47 -34.95
N ASN C 103 -13.70 -7.99 -34.58
CA ASN C 103 -13.62 -6.77 -33.80
C ASN C 103 -14.08 -5.55 -34.61
N ALA C 104 -13.83 -5.53 -35.92
CA ALA C 104 -14.30 -4.43 -36.75
C ALA C 104 -15.82 -4.37 -36.79
N GLY C 105 -16.48 -5.53 -36.79
CA GLY C 105 -17.94 -5.54 -36.74
C GLY C 105 -18.50 -5.19 -35.39
N ILE C 106 -17.80 -5.54 -34.31
CA ILE C 106 -18.25 -5.14 -32.97
C ILE C 106 -18.15 -3.63 -32.79
N VAL C 107 -16.99 -3.06 -33.17
CA VAL C 107 -16.72 -1.66 -32.86
C VAL C 107 -17.72 -0.75 -33.54
N MET C 108 -17.99 -0.99 -34.83
CA MET C 108 -18.84 -0.07 -35.56
C MET C 108 -20.29 -0.11 -35.06
N ASP C 109 -20.79 -1.29 -34.70
CA ASP C 109 -22.13 -1.36 -34.12
C ASP C 109 -22.20 -0.65 -32.77
N LEU C 110 -21.20 -0.87 -31.90
CA LEU C 110 -21.22 -0.16 -30.63
C LEU C 110 -21.22 1.34 -30.83
N VAL C 111 -20.36 1.83 -31.74
CA VAL C 111 -20.29 3.27 -31.98
C VAL C 111 -21.61 3.79 -32.55
N LEU C 112 -22.23 3.04 -33.45
CA LEU C 112 -23.48 3.49 -34.05
C LEU C 112 -24.58 3.61 -33.01
N THR C 113 -24.61 2.67 -32.05
CA THR C 113 -25.66 2.72 -31.02
C THR C 113 -25.47 3.92 -30.08
N CYS C 114 -24.23 4.20 -29.67
CA CYS C 114 -23.99 5.25 -28.68
C CYS C 114 -24.13 6.64 -29.29
N ALA C 115 -23.63 6.84 -30.51
CA ALA C 115 -23.60 8.16 -31.11
C ALA C 115 -24.96 8.65 -31.58
N SER C 116 -25.94 7.75 -31.73
CA SER C 116 -27.28 8.18 -32.11
C SER C 116 -28.02 8.83 -30.95
N VAL C 117 -27.51 8.71 -29.73
CA VAL C 117 -28.18 9.22 -28.54
C VAL C 117 -27.49 10.47 -28.00
N SER C 118 -26.17 10.43 -27.86
CA SER C 118 -25.40 11.57 -27.36
C SER C 118 -24.26 11.84 -28.32
N PRO C 119 -24.51 12.63 -29.37
CA PRO C 119 -23.47 12.84 -30.40
C PRO C 119 -22.34 13.77 -30.00
N ASN C 120 -22.46 14.51 -28.90
CA ASN C 120 -21.45 15.48 -28.50
C ASN C 120 -20.41 14.91 -27.55
N ALA C 121 -20.42 13.61 -27.28
CA ALA C 121 -19.46 13.02 -26.35
C ALA C 121 -18.12 12.81 -27.03
N CYS C 122 -17.14 12.42 -26.23
CA CYS C 122 -15.84 11.99 -26.74
C CYS C 122 -15.79 10.46 -26.81
N PHE C 123 -15.06 9.95 -27.80
CA PHE C 123 -14.92 8.52 -28.02
C PHE C 123 -13.45 8.15 -27.91
N CYS C 124 -13.11 7.31 -26.94
CA CYS C 124 -11.75 6.79 -26.76
C CYS C 124 -11.74 5.31 -27.14
N ILE C 125 -10.95 4.95 -28.13
CA ILE C 125 -10.93 3.59 -28.67
C ILE C 125 -9.78 2.83 -28.03
N VAL C 126 -10.13 1.73 -27.34
CA VAL C 126 -9.14 0.86 -26.72
C VAL C 126 -9.12 -0.52 -27.35
N THR C 127 -9.99 -0.81 -28.32
CA THR C 127 -9.99 -2.10 -28.99
C THR C 127 -8.66 -2.34 -29.68
N ASN C 128 -8.25 -3.61 -29.74
CA ASN C 128 -6.83 -3.95 -29.85
C ASN C 128 -6.17 -3.45 -31.13
N PRO C 129 -6.73 -3.68 -32.35
CA PRO C 129 -6.06 -3.14 -33.57
C PRO C 129 -6.40 -1.68 -33.85
N VAL C 130 -5.79 -0.78 -33.07
CA VAL C 130 -6.19 0.62 -33.07
C VAL C 130 -5.96 1.25 -34.45
N ASN C 131 -4.84 0.93 -35.09
CA ASN C 131 -4.48 1.56 -36.36
C ASN C 131 -5.57 1.40 -37.39
N SER C 132 -6.34 0.33 -37.32
CA SER C 132 -7.39 0.06 -38.30
C SER C 132 -8.80 0.29 -37.76
N THR C 133 -8.99 0.27 -36.45
CA THR C 133 -10.32 0.48 -35.88
C THR C 133 -10.65 1.94 -35.62
N THR C 134 -9.65 2.83 -35.57
CA THR C 134 -9.98 4.23 -35.35
C THR C 134 -10.59 4.87 -36.60
N PRO C 135 -10.09 4.57 -37.81
CA PRO C 135 -10.78 5.05 -39.02
C PRO C 135 -12.20 4.49 -39.20
N ILE C 136 -12.47 3.27 -38.75
CA ILE C 136 -13.81 2.71 -38.90
C ILE C 136 -14.82 3.52 -38.10
N ALA C 137 -14.46 3.93 -36.87
CA ALA C 137 -15.33 4.78 -36.09
C ALA C 137 -15.58 6.11 -36.77
N ALA C 138 -14.55 6.66 -37.41
CA ALA C 138 -14.72 7.92 -38.13
C ALA C 138 -15.71 7.77 -39.29
N GLN C 139 -15.60 6.70 -40.06
CA GLN C 139 -16.57 6.47 -41.12
C GLN C 139 -17.97 6.25 -40.57
N THR C 140 -18.09 5.52 -39.47
CA THR C 140 -19.40 5.30 -38.86
C THR C 140 -20.03 6.62 -38.43
N LEU C 141 -19.26 7.47 -37.76
CA LEU C 141 -19.77 8.77 -37.35
C LEU C 141 -20.13 9.64 -38.55
N ARG C 142 -19.35 9.55 -39.63
CA ARG C 142 -19.68 10.30 -40.84
C ARG C 142 -20.99 9.85 -41.45
N LYS C 143 -21.30 8.55 -41.39
CA LYS C 143 -22.52 8.07 -42.01
C LYS C 143 -23.76 8.71 -41.39
N ILE C 144 -23.83 8.79 -40.07
CA ILE C 144 -24.99 9.39 -39.42
C ILE C 144 -24.92 10.91 -39.51
N GLY C 145 -23.72 11.48 -39.59
CA GLY C 145 -23.55 12.89 -39.84
C GLY C 145 -23.23 13.76 -38.64
N VAL C 146 -22.44 13.26 -37.68
CA VAL C 146 -22.12 14.02 -36.49
C VAL C 146 -20.63 13.91 -36.18
N TYR C 147 -19.80 13.75 -37.21
CA TYR C 147 -18.37 13.58 -37.00
C TYR C 147 -17.74 14.90 -36.58
N ASN C 148 -16.96 14.85 -35.49
CA ASN C 148 -16.15 15.98 -35.03
C ASN C 148 -14.73 15.49 -34.86
N LYS C 149 -13.81 16.01 -35.68
CA LYS C 149 -12.46 15.48 -35.72
C LYS C 149 -11.65 15.76 -34.46
N ASN C 150 -12.13 16.64 -33.59
CA ASN C 150 -11.43 16.98 -32.36
C ASN C 150 -11.89 16.15 -31.17
N LYS C 151 -12.76 15.17 -31.38
CA LYS C 151 -13.36 14.41 -30.29
C LYS C 151 -13.23 12.89 -30.48
N LEU C 152 -12.33 12.44 -31.34
CA LEU C 152 -12.04 11.03 -31.53
C LEU C 152 -10.55 10.79 -31.26
N LEU C 153 -10.26 9.84 -30.37
CA LEU C 153 -8.89 9.58 -29.94
C LEU C 153 -8.64 8.09 -29.84
N GLY C 154 -7.45 7.65 -30.27
CA GLY C 154 -7.02 6.28 -30.07
C GLY C 154 -5.90 6.24 -29.04
N VAL C 155 -5.98 5.28 -28.14
CA VAL C 155 -5.11 5.26 -26.97
C VAL C 155 -3.83 4.51 -27.31
N SER C 156 -2.67 5.14 -27.03
CA SER C 156 -1.36 4.60 -27.36
C SER C 156 -0.35 4.76 -26.22
N LEU C 157 -0.81 4.92 -24.98
CA LEU C 157 0.08 5.29 -23.89
C LEU C 157 1.03 4.16 -23.50
N LEU C 158 0.68 2.92 -23.83
CA LEU C 158 1.46 1.78 -23.34
C LEU C 158 2.86 1.75 -23.94
N ASP C 159 3.00 2.16 -25.21
CA ASP C 159 4.31 2.25 -25.82
C ASP C 159 5.20 3.24 -25.07
N GLY C 160 4.65 4.40 -24.71
CA GLY C 160 5.41 5.36 -23.94
C GLY C 160 5.79 4.84 -22.57
N LEU C 161 4.86 4.12 -21.91
CA LEU C 161 5.18 3.51 -20.62
C LEU C 161 6.38 2.58 -20.74
N ARG C 162 6.36 1.68 -21.73
CA ARG C 162 7.46 0.74 -21.90
C ARG C 162 8.76 1.46 -22.25
N ALA C 163 8.70 2.44 -23.15
CA ALA C 163 9.91 3.17 -23.54
C ALA C 163 10.53 3.88 -22.36
N THR C 164 9.71 4.49 -21.51
CA THR C 164 10.21 5.14 -20.30
C THR C 164 10.85 4.12 -19.36
N ARG C 165 10.18 2.99 -19.15
CA ARG C 165 10.68 2.00 -18.22
C ARG C 165 12.06 1.48 -18.65
N PHE C 166 12.20 1.13 -19.93
CA PHE C 166 13.46 0.53 -20.37
C PHE C 166 14.63 1.51 -20.27
N ILE C 167 14.42 2.77 -20.67
CA ILE C 167 15.51 3.74 -20.61
C ILE C 167 15.85 4.10 -19.17
N ASN C 168 14.84 4.24 -18.29
CA ASN C 168 15.16 4.46 -16.89
C ASN C 168 15.92 3.29 -16.29
N ASN C 169 15.66 2.06 -16.77
CA ASN C 169 16.48 0.92 -16.35
C ASN C 169 17.91 1.00 -16.86
N ALA C 170 18.10 1.48 -18.10
CA ALA C 170 19.46 1.59 -18.63
C ALA C 170 20.29 2.60 -17.85
N ARG C 171 19.76 3.80 -17.63
CA ARG C 171 20.48 4.89 -16.97
C ARG C 171 20.03 4.94 -15.51
N HIS C 172 20.99 4.98 -14.59
CA HIS C 172 20.62 4.93 -13.18
C HIS C 172 21.79 5.44 -12.34
N PRO C 173 21.54 6.35 -11.39
CA PRO C 173 20.26 6.99 -11.04
C PRO C 173 20.01 8.23 -11.88
N LEU C 174 19.18 8.15 -12.92
CA LEU C 174 18.85 9.31 -13.74
C LEU C 174 17.47 9.04 -14.35
N VAL C 175 16.46 9.63 -13.74
CA VAL C 175 15.07 9.33 -14.03
C VAL C 175 14.51 10.40 -14.95
N VAL C 176 13.64 9.98 -15.87
CA VAL C 176 12.94 10.89 -16.77
C VAL C 176 11.46 10.56 -16.65
N PRO C 177 10.56 11.55 -16.72
CA PRO C 177 9.13 11.24 -16.54
C PRO C 177 8.42 10.67 -17.75
N TYR C 178 8.87 10.98 -18.97
CA TYR C 178 8.15 10.53 -20.16
C TYR C 178 9.11 10.50 -21.36
N VAL C 179 8.69 9.79 -22.40
CA VAL C 179 9.45 9.68 -23.64
C VAL C 179 8.51 9.89 -24.83
N PRO C 180 8.87 10.70 -25.83
CA PRO C 180 8.03 10.82 -27.02
C PRO C 180 8.05 9.57 -27.88
N VAL C 181 6.87 9.15 -28.35
CA VAL C 181 6.73 8.03 -29.26
C VAL C 181 5.71 8.43 -30.33
N VAL C 182 6.08 8.25 -31.60
CA VAL C 182 5.22 8.63 -32.73
C VAL C 182 5.07 7.43 -33.65
N GLY C 183 4.28 7.63 -34.71
CA GLY C 183 4.11 6.61 -35.72
C GLY C 183 2.77 5.89 -35.67
N GLY C 184 2.77 4.67 -35.16
CA GLY C 184 1.56 3.89 -35.02
C GLY C 184 1.51 3.16 -33.69
N HIS C 185 0.68 2.12 -33.61
CA HIS C 185 0.52 1.35 -32.38
C HIS C 185 0.65 -0.15 -32.62
N SER C 186 1.56 -0.57 -33.49
CA SER C 186 1.70 -2.00 -33.81
C SER C 186 3.08 -2.29 -34.37
N ASP C 187 3.88 -3.02 -33.59
CA ASP C 187 5.12 -3.63 -34.08
C ASP C 187 6.03 -2.65 -34.83
N VAL C 188 6.13 -2.77 -36.16
CA VAL C 188 7.13 -2.02 -36.90
C VAL C 188 6.76 -0.55 -37.07
N THR C 189 5.56 -0.15 -36.63
CA THR C 189 5.10 1.22 -36.73
C THR C 189 5.39 2.04 -35.48
N ILE C 190 6.07 1.49 -34.50
CA ILE C 190 6.40 2.20 -33.26
C ILE C 190 7.79 2.82 -33.42
N VAL C 191 7.91 4.11 -33.13
CA VAL C 191 9.18 4.82 -33.25
C VAL C 191 9.44 5.67 -31.99
N PRO C 192 10.28 5.22 -31.06
CA PRO C 192 10.64 6.09 -29.92
C PRO C 192 11.71 7.10 -30.30
N LEU C 193 11.56 8.31 -29.79
CA LEU C 193 12.49 9.42 -30.04
C LEU C 193 13.29 9.67 -28.77
N TYR C 194 14.39 8.95 -28.61
CA TYR C 194 15.25 9.11 -27.44
C TYR C 194 16.15 10.34 -27.55
N SER C 195 16.33 10.89 -28.76
CA SER C 195 17.18 12.06 -28.92
C SER C 195 16.55 13.32 -28.33
N GLN C 196 15.27 13.28 -27.99
CA GLN C 196 14.55 14.46 -27.53
C GLN C 196 14.39 14.53 -26.02
N ILE C 197 15.03 13.63 -25.26
CA ILE C 197 14.93 13.67 -23.81
C ILE C 197 16.23 14.24 -23.24
N PRO C 198 16.22 14.80 -22.02
CA PRO C 198 17.44 15.38 -21.46
C PRO C 198 18.43 14.34 -20.97
N GLY C 199 19.68 14.77 -20.87
CA GLY C 199 20.75 13.96 -20.32
C GLY C 199 21.54 13.20 -21.38
N PRO C 200 22.75 12.78 -21.04
CA PRO C 200 23.54 11.97 -21.97
C PRO C 200 23.01 10.57 -22.14
N LEU C 201 23.14 10.04 -23.36
CA LEU C 201 22.57 8.75 -23.76
C LEU C 201 23.64 7.69 -23.88
N PRO C 202 23.25 6.41 -23.85
CA PRO C 202 24.21 5.34 -24.13
C PRO C 202 24.54 5.28 -25.62
N ASP C 203 25.54 4.47 -25.96
CA ASP C 203 26.02 4.39 -27.32
C ASP C 203 25.00 3.69 -28.22
N GLU C 204 25.09 3.99 -29.52
CA GLU C 204 24.01 3.66 -30.45
C GLU C 204 23.72 2.17 -30.49
N SER C 205 24.74 1.34 -30.28
CA SER C 205 24.56 -0.12 -30.42
C SER C 205 23.54 -0.65 -29.44
N THR C 206 23.60 -0.23 -28.17
CA THR C 206 22.60 -0.66 -27.20
C THR C 206 21.31 0.13 -27.33
N LEU C 207 21.39 1.36 -27.83
CA LEU C 207 20.19 2.17 -27.97
C LEU C 207 19.24 1.55 -28.99
N LYS C 208 19.76 1.02 -30.09
CA LYS C 208 18.87 0.38 -31.06
C LYS C 208 18.38 -0.97 -30.58
N GLU C 209 19.10 -1.64 -29.68
CA GLU C 209 18.54 -2.80 -29.00
C GLU C 209 17.34 -2.42 -28.16
N ILE C 210 17.43 -1.30 -27.42
CA ILE C 210 16.29 -0.85 -26.64
C ILE C 210 15.12 -0.51 -27.55
N ARG C 211 15.41 0.14 -28.69
CA ARG C 211 14.36 0.44 -29.65
C ARG C 211 13.67 -0.82 -30.15
N LYS C 212 14.45 -1.87 -30.44
CA LYS C 212 13.85 -3.12 -30.88
C LYS C 212 13.00 -3.76 -29.79
N ARG C 213 13.48 -3.73 -28.54
CA ARG C 213 12.71 -4.31 -27.45
C ARG C 213 11.39 -3.59 -27.27
N VAL C 214 11.36 -2.27 -27.44
CA VAL C 214 10.11 -1.55 -27.31
C VAL C 214 9.10 -2.03 -28.34
N GLN C 215 9.56 -2.30 -29.57
CA GLN C 215 8.65 -2.76 -30.62
C GLN C 215 8.20 -4.19 -30.40
N VAL C 216 9.04 -5.03 -29.79
CA VAL C 216 8.72 -6.45 -29.64
C VAL C 216 8.10 -6.80 -28.27
N ALA C 217 8.00 -5.85 -27.35
CA ALA C 217 7.56 -6.16 -25.99
C ALA C 217 6.18 -6.83 -25.94
N GLY C 218 5.33 -6.63 -26.94
CA GLY C 218 4.02 -7.26 -26.90
C GLY C 218 4.10 -8.78 -26.93
N THR C 219 5.00 -9.33 -27.75
CA THR C 219 5.12 -10.79 -27.86
C THR C 219 5.84 -11.40 -26.67
N GLU C 220 6.51 -10.59 -25.85
CA GLU C 220 7.21 -11.11 -24.68
C GLU C 220 6.23 -11.68 -23.66
N VAL C 221 5.14 -10.97 -23.40
CA VAL C 221 4.19 -11.39 -22.39
C VAL C 221 3.42 -12.63 -22.83
N VAL C 222 3.04 -12.70 -24.10
CA VAL C 222 2.30 -13.85 -24.59
C VAL C 222 3.12 -15.14 -24.43
N LYS C 223 4.42 -15.06 -24.68
CA LYS C 223 5.28 -16.22 -24.47
C LYS C 223 5.33 -16.61 -23.00
N ALA C 224 5.41 -15.61 -22.10
CA ALA C 224 5.47 -15.91 -20.68
C ALA C 224 4.21 -16.61 -20.21
N LYS C 225 3.05 -16.26 -20.77
CA LYS C 225 1.78 -16.89 -20.45
C LYS C 225 1.57 -18.19 -21.22
N ALA C 226 2.55 -18.64 -21.99
CA ALA C 226 2.47 -19.90 -22.73
C ALA C 226 1.29 -19.89 -23.69
N GLY C 227 0.99 -18.74 -24.30
CA GLY C 227 -0.07 -18.63 -25.27
C GLY C 227 -1.47 -18.59 -24.70
N ARG C 228 -1.62 -18.53 -23.38
CA ARG C 228 -2.93 -18.57 -22.74
C ARG C 228 -3.52 -17.18 -22.52
N GLY C 229 -2.88 -16.12 -23.00
CA GLY C 229 -3.41 -14.78 -22.80
C GLY C 229 -2.42 -13.74 -23.28
N SER C 230 -2.63 -12.51 -22.83
CA SER C 230 -1.78 -11.38 -23.17
C SER C 230 -1.68 -10.45 -21.97
N ALA C 231 -1.04 -9.30 -22.18
CA ALA C 231 -0.95 -8.29 -21.13
C ALA C 231 -2.32 -7.68 -20.86
N THR C 232 -2.71 -7.64 -19.59
CA THR C 232 -4.01 -7.11 -19.22
C THR C 232 -3.96 -6.02 -18.16
N LEU C 233 -3.00 -6.03 -17.24
CA LEU C 233 -2.94 -4.99 -16.22
C LEU C 233 -2.33 -3.71 -16.79
N SER C 234 -1.34 -3.84 -17.67
CA SER C 234 -0.69 -2.66 -18.26
C SER C 234 -1.67 -1.86 -19.12
N MET C 235 -2.49 -2.54 -19.90
CA MET C 235 -3.48 -1.83 -20.69
C MET C 235 -4.50 -1.12 -19.81
N ALA C 236 -4.89 -1.74 -18.69
CA ALA C 236 -5.79 -1.07 -17.76
C ALA C 236 -5.16 0.20 -17.21
N GLU C 237 -3.89 0.13 -16.81
CA GLU C 237 -3.19 1.32 -16.34
C GLU C 237 -3.20 2.42 -17.39
N ALA C 238 -2.81 2.10 -18.63
CA ALA C 238 -2.74 3.10 -19.68
C ALA C 238 -4.11 3.72 -19.95
N GLY C 239 -5.15 2.88 -20.04
CA GLY C 239 -6.48 3.39 -20.31
C GLY C 239 -6.99 4.30 -19.21
N ALA C 240 -6.77 3.93 -17.96
CA ALA C 240 -7.22 4.76 -16.85
C ALA C 240 -6.50 6.11 -16.84
N ARG C 241 -5.18 6.09 -17.04
CA ARG C 241 -4.43 7.35 -17.06
C ARG C 241 -4.93 8.27 -18.17
N PHE C 242 -5.11 7.72 -19.37
CA PHE C 242 -5.57 8.56 -20.49
C PHE C 242 -6.97 9.11 -20.24
N THR C 243 -7.87 8.27 -19.71
CA THR C 243 -9.23 8.74 -19.44
C THR C 243 -9.23 9.85 -18.40
N MET C 244 -8.37 9.74 -17.38
CA MET C 244 -8.28 10.80 -16.39
C MET C 244 -7.77 12.10 -17.00
N HIS C 245 -6.77 12.02 -17.89
CA HIS C 245 -6.35 13.22 -18.62
C HIS C 245 -7.53 13.86 -19.34
N VAL C 246 -8.30 13.06 -20.08
CA VAL C 246 -9.42 13.62 -20.83
C VAL C 246 -10.42 14.29 -19.90
N VAL C 247 -10.71 13.63 -18.77
CA VAL C 247 -11.72 14.14 -17.84
C VAL C 247 -11.29 15.48 -17.26
N LYS C 248 -10.06 15.54 -16.75
CA LYS C 248 -9.57 16.78 -16.14
C LYS C 248 -9.50 17.92 -17.15
N ALA C 249 -9.04 17.64 -18.37
CA ALA C 249 -9.02 18.69 -19.38
C ALA C 249 -10.43 19.15 -19.72
N LEU C 250 -11.39 18.22 -19.77
CA LEU C 250 -12.76 18.57 -20.14
C LEU C 250 -13.44 19.40 -19.06
N MET C 251 -13.13 19.16 -17.79
CA MET C 251 -13.77 19.90 -16.71
C MET C 251 -13.19 21.31 -16.53
N GLY C 252 -12.09 21.63 -17.21
CA GLY C 252 -11.46 22.93 -17.04
C GLY C 252 -10.40 22.98 -15.96
N LEU C 253 -10.00 21.84 -15.41
CA LEU C 253 -9.02 21.79 -14.35
C LEU C 253 -7.61 21.55 -14.86
N ASP C 254 -7.38 21.54 -16.18
CA ASP C 254 -6.06 21.30 -16.72
C ASP C 254 -6.06 21.53 -18.22
N THR C 255 -4.85 21.53 -18.80
CA THR C 255 -4.65 21.56 -20.25
C THR C 255 -3.40 20.76 -20.59
N PRO C 256 -3.49 19.43 -20.57
CA PRO C 256 -2.29 18.59 -20.69
C PRO C 256 -1.88 18.34 -22.13
N MET C 257 -0.61 17.94 -22.28
CA MET C 257 -0.03 17.56 -23.56
C MET C 257 0.19 16.04 -23.59
N VAL C 258 -0.33 15.40 -24.63
CA VAL C 258 -0.37 13.94 -24.72
C VAL C 258 0.00 13.50 -26.13
N TYR C 259 0.29 12.21 -26.27
CA TYR C 259 0.53 11.56 -27.55
C TYR C 259 -0.60 10.57 -27.81
N ALA C 260 -1.26 10.69 -28.96
CA ALA C 260 -2.40 9.85 -29.25
C ALA C 260 -2.54 9.67 -30.75
N TYR C 261 -3.25 8.61 -31.14
CA TYR C 261 -3.53 8.31 -32.54
C TYR C 261 -4.75 9.11 -32.97
N VAL C 262 -4.53 10.23 -33.66
CA VAL C 262 -5.59 11.19 -33.95
C VAL C 262 -5.66 11.45 -35.44
N ASP C 263 -6.62 12.29 -35.82
CA ASP C 263 -6.76 12.74 -37.19
C ASP C 263 -5.86 13.95 -37.42
N THR C 264 -4.99 13.85 -38.42
CA THR C 264 -4.18 15.00 -38.85
C THR C 264 -5.01 15.82 -39.81
N ASP C 265 -5.39 17.04 -39.40
CA ASP C 265 -6.43 17.76 -40.13
C ASP C 265 -5.85 18.52 -41.31
N GLY C 266 -4.69 18.08 -41.81
CA GLY C 266 -4.07 18.65 -42.98
C GLY C 266 -2.60 18.96 -42.83
N GLU C 267 -2.02 18.80 -41.64
CA GLU C 267 -0.63 19.14 -41.40
C GLU C 267 0.30 17.93 -41.53
N HIS C 268 -0.19 16.81 -42.04
CA HIS C 268 0.65 15.67 -42.38
C HIS C 268 0.05 14.95 -43.58
N GLU C 269 0.91 14.27 -44.33
CA GLU C 269 0.44 13.55 -45.51
C GLU C 269 -0.42 12.35 -45.14
N CYS C 270 -0.12 11.69 -44.04
CA CYS C 270 -0.89 10.52 -43.61
C CYS C 270 -2.16 10.98 -42.89
N PRO C 271 -3.35 10.52 -43.31
CA PRO C 271 -4.59 11.02 -42.69
C PRO C 271 -4.73 10.75 -41.20
N PHE C 272 -4.18 9.65 -40.66
CA PHE C 272 -4.18 9.38 -39.23
C PHE C 272 -2.76 9.08 -38.79
N LEU C 273 -2.38 9.56 -37.61
CA LEU C 273 -1.02 9.36 -37.11
C LEU C 273 -1.00 9.60 -35.62
N ALA C 274 0.04 9.08 -34.96
CA ALA C 274 0.27 9.35 -33.55
C ALA C 274 1.23 10.54 -33.40
N MET C 275 0.79 11.57 -32.69
CA MET C 275 1.48 12.85 -32.68
C MET C 275 1.09 13.60 -31.41
N PRO C 276 1.87 14.63 -31.03
CA PRO C 276 1.53 15.39 -29.81
C PRO C 276 0.41 16.40 -30.03
N VAL C 277 -0.40 16.59 -28.98
CA VAL C 277 -1.54 17.48 -29.01
C VAL C 277 -1.74 18.09 -27.62
N VAL C 278 -2.51 19.17 -27.57
CA VAL C 278 -2.91 19.81 -26.33
C VAL C 278 -4.42 19.66 -26.18
N LEU C 279 -4.86 19.20 -25.00
CA LEU C 279 -6.28 18.97 -24.73
C LEU C 279 -6.88 20.16 -24.00
N GLY C 280 -8.16 20.40 -24.25
CA GLY C 280 -8.84 21.51 -23.63
C GLY C 280 -10.30 21.20 -23.40
N LYS C 281 -11.08 22.27 -23.23
CA LYS C 281 -12.48 22.12 -22.84
C LYS C 281 -13.35 21.56 -23.95
N ASN C 282 -12.87 21.59 -25.20
CA ASN C 282 -13.65 21.13 -26.36
C ASN C 282 -12.96 19.98 -27.09
N GLY C 283 -12.05 19.27 -26.44
CA GLY C 283 -11.30 18.21 -27.07
C GLY C 283 -9.87 18.65 -27.37
N ILE C 284 -9.44 18.46 -28.61
CA ILE C 284 -8.10 18.86 -29.03
C ILE C 284 -8.11 20.36 -29.30
N GLU C 285 -7.20 21.09 -28.64
CA GLU C 285 -7.08 22.53 -28.85
C GLU C 285 -6.00 22.89 -29.86
N ARG C 286 -4.87 22.20 -29.82
CA ARG C 286 -3.72 22.53 -30.66
C ARG C 286 -3.00 21.26 -31.08
N ARG C 287 -2.54 21.24 -32.33
CA ARG C 287 -1.73 20.15 -32.86
C ARG C 287 -0.29 20.62 -33.01
N LEU C 288 0.63 19.83 -32.50
CA LEU C 288 2.04 20.21 -32.47
C LEU C 288 2.83 19.47 -33.54
N PRO C 289 3.92 20.04 -34.05
CA PRO C 289 4.77 19.31 -34.99
C PRO C 289 5.63 18.27 -34.28
N ILE C 290 6.13 17.31 -35.07
CA ILE C 290 6.97 16.26 -34.50
C ILE C 290 8.24 16.84 -33.90
N GLY C 291 8.93 17.71 -34.63
CA GLY C 291 10.16 18.31 -34.16
C GLY C 291 11.40 17.67 -34.75
N PRO C 292 12.57 18.15 -34.35
CA PRO C 292 13.83 17.64 -34.92
C PRO C 292 14.07 16.18 -34.56
N ILE C 293 14.68 15.45 -35.49
CA ILE C 293 15.02 14.05 -35.30
C ILE C 293 16.31 13.74 -36.05
N THR C 294 16.99 12.68 -35.62
CA THR C 294 18.23 12.25 -36.26
C THR C 294 17.93 11.47 -37.54
N THR C 295 18.99 11.01 -38.22
CA THR C 295 18.82 10.34 -39.51
C THR C 295 18.25 8.94 -39.33
N VAL C 296 18.69 8.21 -38.30
CA VAL C 296 18.17 6.88 -38.05
C VAL C 296 16.67 6.94 -37.74
N GLU C 297 16.28 7.91 -36.91
CA GLU C 297 14.87 8.07 -36.59
C GLU C 297 14.07 8.45 -37.82
N LYS C 298 14.64 9.29 -38.69
CA LYS C 298 13.96 9.64 -39.93
C LYS C 298 13.73 8.41 -40.81
N GLU C 299 14.75 7.56 -40.92
CA GLU C 299 14.60 6.32 -41.69
C GLU C 299 13.54 5.41 -41.10
N MET C 300 13.48 5.29 -39.76
CA MET C 300 12.43 4.48 -39.14
C MET C 300 11.05 5.04 -39.44
N LEU C 301 10.86 6.35 -39.28
CA LEU C 301 9.55 6.95 -39.50
C LEU C 301 9.10 6.80 -40.95
N GLU C 302 10.03 6.95 -41.89
CA GLU C 302 9.66 6.84 -43.29
C GLU C 302 9.14 5.45 -43.64
N GLU C 303 9.68 4.40 -43.00
CA GLU C 303 9.17 3.05 -43.23
C GLU C 303 7.86 2.80 -42.47
N ALA C 304 7.70 3.38 -41.28
CA ALA C 304 6.47 3.19 -40.53
C ALA C 304 5.26 3.77 -41.26
N VAL C 305 5.43 4.96 -41.85
CA VAL C 305 4.29 5.63 -42.47
C VAL C 305 3.70 4.81 -43.62
N GLY C 306 4.56 4.14 -44.39
CA GLY C 306 4.08 3.40 -45.55
C GLY C 306 3.13 2.28 -45.20
N VAL C 307 3.31 1.65 -44.04
CA VAL C 307 2.46 0.54 -43.62
C VAL C 307 1.28 1.06 -42.83
N VAL C 308 1.45 2.20 -42.13
CA VAL C 308 0.29 2.81 -41.48
C VAL C 308 -0.78 3.15 -42.52
N LYS C 309 -0.34 3.67 -43.67
CA LYS C 309 -1.32 4.02 -44.71
C LYS C 309 -2.08 2.79 -45.22
N LYS C 310 -1.41 1.65 -45.36
CA LYS C 310 -2.09 0.43 -45.78
C LYS C 310 -3.08 -0.06 -44.72
N ASN C 311 -2.73 0.07 -43.44
CA ASN C 311 -3.69 -0.29 -42.39
C ASN C 311 -4.93 0.61 -42.46
N ILE C 312 -4.73 1.90 -42.66
CA ILE C 312 -5.87 2.82 -42.79
C ILE C 312 -6.74 2.42 -43.98
N ALA C 313 -6.11 2.11 -45.11
CA ALA C 313 -6.87 1.72 -46.28
C ALA C 313 -7.67 0.45 -46.04
N LYS C 314 -7.08 -0.53 -45.35
CA LYS C 314 -7.80 -1.75 -45.01
C LYS C 314 -9.05 -1.45 -44.20
N GLY C 315 -8.89 -0.66 -43.14
CA GLY C 315 -10.03 -0.33 -42.30
C GLY C 315 -11.13 0.39 -43.04
N GLU C 316 -10.75 1.39 -43.84
CA GLU C 316 -11.76 2.14 -44.59
C GLU C 316 -12.45 1.28 -45.63
N THR C 317 -11.73 0.35 -46.26
CA THR C 317 -12.38 -0.57 -47.20
C THR C 317 -13.42 -1.43 -46.49
N PHE C 318 -13.06 -1.98 -45.33
CA PHE C 318 -14.04 -2.77 -44.57
C PHE C 318 -15.26 -1.94 -44.24
N ALA C 319 -15.06 -0.74 -43.68
CA ALA C 319 -16.20 0.08 -43.28
C ALA C 319 -17.08 0.41 -44.49
N ARG C 320 -16.47 0.81 -45.60
CA ARG C 320 -17.27 1.17 -46.77
C ARG C 320 -18.05 -0.02 -47.31
N SER C 321 -17.47 -1.21 -47.26
CA SER C 321 -18.21 -2.40 -47.67
C SER C 321 -19.39 -2.68 -46.73
N LYS C 322 -19.20 -2.51 -45.42
CA LYS C 322 -20.24 -2.88 -44.47
C LYS C 322 -21.38 -1.88 -44.45
N LEU C 323 -21.10 -0.58 -44.52
CA LEU C 323 -22.13 0.45 -44.46
C LEU C 323 -22.74 0.71 -45.83
N MET D 1 -14.91 28.99 -12.57
CA MET D 1 -13.82 29.82 -11.99
C MET D 1 -14.29 30.41 -10.67
N VAL D 2 -13.39 30.52 -9.70
CA VAL D 2 -13.65 31.24 -8.46
C VAL D 2 -12.67 32.40 -8.38
N ASN D 3 -13.14 33.52 -7.84
CA ASN D 3 -12.34 34.71 -7.61
C ASN D 3 -12.34 35.00 -6.11
N VAL D 4 -11.17 34.96 -5.50
CA VAL D 4 -11.00 35.13 -4.05
C VAL D 4 -10.23 36.42 -3.81
N ALA D 5 -10.77 37.27 -2.94
CA ALA D 5 -10.17 38.56 -2.63
C ALA D 5 -9.73 38.61 -1.17
N VAL D 6 -8.47 38.97 -0.94
CA VAL D 6 -7.93 39.15 0.40
C VAL D 6 -7.84 40.65 0.67
N ILE D 7 -8.52 41.10 1.71
CA ILE D 7 -8.61 42.52 2.05
C ILE D 7 -7.65 42.77 3.21
N GLY D 8 -6.61 43.57 2.97
CA GLY D 8 -5.55 43.76 3.93
C GLY D 8 -4.41 42.78 3.71
N ALA D 9 -3.96 42.67 2.46
CA ALA D 9 -3.01 41.63 2.08
C ALA D 9 -1.56 41.99 2.39
N ALA D 10 -1.28 43.23 2.77
CA ALA D 10 0.09 43.67 3.01
C ALA D 10 0.50 43.60 4.48
N GLY D 11 -0.39 43.14 5.36
CA GLY D 11 -0.08 43.07 6.78
C GLY D 11 0.68 41.81 7.16
N GLY D 12 0.88 41.65 8.46
CA GLY D 12 1.61 40.49 8.96
C GLY D 12 0.89 39.17 8.70
N ILE D 13 -0.43 39.13 8.93
CA ILE D 13 -1.21 37.94 8.62
C ILE D 13 -1.42 37.81 7.11
N GLY D 14 -1.64 38.94 6.44
CA GLY D 14 -2.07 38.91 5.05
C GLY D 14 -1.03 38.35 4.10
N GLN D 15 0.24 38.67 4.32
CA GLN D 15 1.29 38.18 3.44
C GLN D 15 1.37 36.66 3.46
N SER D 16 1.45 36.08 4.66
CA SER D 16 1.52 34.63 4.78
C SER D 16 0.25 33.97 4.28
N LEU D 17 -0.91 34.59 4.56
CA LEU D 17 -2.17 34.02 4.10
C LEU D 17 -2.21 33.97 2.58
N SER D 18 -1.78 35.04 1.92
CA SER D 18 -1.76 35.07 0.47
C SER D 18 -0.77 34.07 -0.10
N LEU D 19 0.41 33.94 0.51
CA LEU D 19 1.37 32.95 0.04
C LEU D 19 0.81 31.54 0.13
N LEU D 20 0.18 31.20 1.26
CA LEU D 20 -0.38 29.86 1.41
C LEU D 20 -1.55 29.64 0.47
N LEU D 21 -2.36 30.68 0.24
CA LEU D 21 -3.54 30.53 -0.60
C LEU D 21 -3.17 30.38 -2.06
N LEU D 22 -2.07 31.01 -2.48
CA LEU D 22 -1.61 30.89 -3.86
C LEU D 22 -1.22 29.45 -4.20
N ARG D 23 -0.65 28.74 -3.24
CA ARG D 23 -0.11 27.41 -3.49
C ARG D 23 -1.19 26.32 -3.56
N GLU D 24 -2.40 26.56 -3.05
CA GLU D 24 -3.42 25.54 -2.96
C GLU D 24 -4.65 25.80 -3.83
N LEU D 25 -4.83 27.00 -4.34
CA LEU D 25 -6.04 27.32 -5.06
C LEU D 25 -6.13 26.48 -6.35
N PRO D 26 -7.32 26.09 -6.78
CA PRO D 26 -7.43 25.21 -7.96
C PRO D 26 -7.02 25.88 -9.26
N PHE D 27 -6.77 25.04 -10.26
CA PHE D 27 -6.41 25.50 -11.60
C PHE D 27 -7.53 26.34 -12.20
N GLY D 28 -7.16 27.49 -12.75
CA GLY D 28 -8.12 28.37 -13.41
C GLY D 28 -8.77 29.40 -12.53
N SER D 29 -8.22 29.68 -11.35
CA SER D 29 -8.81 30.61 -10.40
C SER D 29 -8.01 31.92 -10.34
N THR D 30 -8.62 32.94 -9.76
CA THR D 30 -8.06 34.28 -9.68
C THR D 30 -7.86 34.68 -8.22
N LEU D 31 -6.81 35.46 -7.97
CA LEU D 31 -6.49 35.99 -6.65
C LEU D 31 -6.41 37.52 -6.72
N SER D 32 -7.21 38.20 -5.91
CA SER D 32 -7.27 39.65 -5.87
C SER D 32 -6.76 40.15 -4.53
N LEU D 33 -5.92 41.18 -4.56
CA LEU D 33 -5.27 41.69 -3.35
C LEU D 33 -5.53 43.18 -3.22
N TYR D 34 -5.66 43.65 -1.98
CA TYR D 34 -5.94 45.06 -1.71
C TYR D 34 -5.34 45.47 -0.37
N ASP D 35 -4.89 46.72 -0.29
CA ASP D 35 -4.48 47.30 0.97
C ASP D 35 -4.30 48.81 0.79
N VAL D 36 -4.13 49.50 1.91
CA VAL D 36 -3.92 50.95 1.89
C VAL D 36 -2.45 51.29 1.71
N VAL D 37 -1.54 50.35 1.96
CA VAL D 37 -0.11 50.59 1.77
C VAL D 37 0.58 49.25 1.57
N GLY D 38 1.34 49.14 0.48
CA GLY D 38 2.18 47.99 0.23
C GLY D 38 1.61 46.93 -0.69
N ALA D 39 0.41 47.12 -1.24
CA ALA D 39 -0.16 46.10 -2.12
C ALA D 39 0.67 45.87 -3.38
N PRO D 40 1.15 46.89 -4.09
CA PRO D 40 1.95 46.62 -5.31
C PRO D 40 3.18 45.78 -5.04
N GLY D 41 3.89 46.00 -3.93
CA GLY D 41 5.09 45.23 -3.66
C GLY D 41 4.82 43.77 -3.40
N VAL D 42 3.76 43.45 -2.65
CA VAL D 42 3.41 42.06 -2.40
C VAL D 42 2.86 41.40 -3.65
N ALA D 43 2.11 42.14 -4.48
CA ALA D 43 1.60 41.57 -5.72
C ALA D 43 2.70 41.34 -6.75
N ALA D 44 3.78 42.12 -6.71
CA ALA D 44 4.85 41.94 -7.69
C ALA D 44 5.58 40.61 -7.50
N ASP D 45 5.91 40.27 -6.26
CA ASP D 45 6.74 39.11 -6.02
C ASP D 45 5.95 37.80 -5.92
N LEU D 46 4.66 37.85 -5.60
CA LEU D 46 3.83 36.65 -5.71
C LEU D 46 3.54 36.30 -7.15
N SER D 47 3.70 37.25 -8.07
CA SER D 47 3.46 36.99 -9.49
C SER D 47 4.64 36.34 -10.18
N HIS D 48 5.78 36.19 -9.48
CA HIS D 48 6.95 35.52 -10.03
C HIS D 48 7.00 34.03 -9.71
N ILE D 49 6.02 33.49 -8.99
CA ILE D 49 6.00 32.06 -8.72
C ILE D 49 5.50 31.33 -9.97
N ASP D 50 6.05 30.14 -10.20
CA ASP D 50 5.83 29.41 -11.44
C ASP D 50 4.57 28.54 -11.44
N ARG D 51 3.56 28.87 -10.63
CA ARG D 51 2.33 28.09 -10.59
C ARG D 51 1.44 28.46 -11.78
N ALA D 52 1.08 27.47 -12.59
CA ALA D 52 0.33 27.73 -13.81
C ALA D 52 -1.17 27.70 -13.56
N GLY D 53 -1.90 28.46 -14.37
CA GLY D 53 -3.35 28.50 -14.30
C GLY D 53 -3.93 29.48 -13.29
N ILE D 54 -3.10 30.28 -12.63
CA ILE D 54 -3.54 31.23 -11.61
C ILE D 54 -3.24 32.65 -12.07
N THR D 55 -4.21 33.54 -11.90
CA THR D 55 -4.06 34.95 -12.23
C THR D 55 -4.06 35.78 -10.96
N VAL D 56 -3.16 36.75 -10.89
CA VAL D 56 -3.00 37.61 -9.71
C VAL D 56 -3.33 39.04 -10.10
N LYS D 57 -4.20 39.68 -9.32
CA LYS D 57 -4.61 41.07 -9.50
C LYS D 57 -4.32 41.84 -8.22
N HIS D 58 -4.35 43.17 -8.31
CA HIS D 58 -4.09 43.98 -7.13
C HIS D 58 -4.70 45.37 -7.30
N ALA D 59 -4.86 46.05 -6.17
CA ALA D 59 -5.28 47.44 -6.14
C ALA D 59 -4.70 48.10 -4.89
N ALA D 60 -4.52 49.41 -4.94
CA ALA D 60 -3.96 50.17 -3.85
C ALA D 60 -4.89 51.32 -3.50
N GLY D 61 -5.07 51.56 -2.20
CA GLY D 61 -5.90 52.66 -1.75
C GLY D 61 -5.10 53.89 -1.40
N LYS D 62 -5.81 54.99 -1.22
CA LYS D 62 -5.18 56.25 -0.86
C LYS D 62 -4.64 56.16 0.56
N LEU D 63 -3.38 56.57 0.74
CA LEU D 63 -2.69 56.29 2.00
C LEU D 63 -3.44 56.86 3.20
N PRO D 64 -3.87 58.11 3.22
CA PRO D 64 -4.86 58.54 4.22
C PRO D 64 -6.21 57.93 3.90
N PRO D 65 -6.73 57.03 4.74
CA PRO D 65 -7.93 56.27 4.35
C PRO D 65 -9.07 57.18 3.93
N VAL D 66 -9.77 56.78 2.88
CA VAL D 66 -10.92 57.48 2.34
C VAL D 66 -12.11 56.52 2.35
N PRO D 67 -13.22 56.87 2.98
CA PRO D 67 -14.38 55.97 2.94
C PRO D 67 -14.92 55.79 1.53
N ARG D 68 -15.37 54.57 1.24
CA ARG D 68 -15.88 54.23 -0.08
C ARG D 68 -14.82 54.48 -1.16
N ASP D 69 -13.68 53.81 -1.03
CA ASP D 69 -12.54 54.04 -1.89
C ASP D 69 -12.82 53.53 -3.31
N PRO D 70 -12.69 54.37 -4.35
CA PRO D 70 -12.99 53.89 -5.71
C PRO D 70 -12.13 52.73 -6.18
N ALA D 71 -10.87 52.66 -5.73
CA ALA D 71 -10.01 51.56 -6.12
C ALA D 71 -10.57 50.22 -5.65
N LEU D 72 -11.09 50.17 -4.42
CA LEU D 72 -11.71 48.95 -3.94
C LEU D 72 -13.05 48.70 -4.63
N THR D 73 -13.76 49.76 -5.01
CA THR D 73 -14.99 49.59 -5.75
C THR D 73 -14.75 48.90 -7.09
N GLU D 74 -13.65 49.24 -7.77
CA GLU D 74 -13.37 48.63 -9.06
C GLU D 74 -12.88 47.19 -8.94
N LEU D 75 -12.14 46.88 -7.86
CA LEU D 75 -11.58 45.54 -7.71
C LEU D 75 -12.62 44.52 -7.27
N ALA D 76 -13.70 44.97 -6.63
CA ALA D 76 -14.66 44.06 -6.01
C ALA D 76 -15.69 43.53 -6.98
N GLU D 77 -15.60 43.86 -8.26
CA GLU D 77 -16.57 43.41 -9.26
C GLU D 77 -16.24 41.98 -9.68
N GLY D 78 -17.21 41.07 -9.51
CA GLY D 78 -17.06 39.68 -9.91
C GLY D 78 -16.45 38.77 -8.88
N VAL D 79 -16.30 39.20 -7.62
CA VAL D 79 -15.67 38.37 -6.62
C VAL D 79 -16.69 37.39 -6.04
N ASP D 80 -16.19 36.24 -5.57
CA ASP D 80 -17.02 35.21 -4.98
C ASP D 80 -16.85 35.09 -3.46
N VAL D 81 -15.63 35.26 -2.96
CA VAL D 81 -15.33 35.14 -1.53
C VAL D 81 -14.49 36.34 -1.11
N PHE D 82 -14.85 36.94 0.03
CA PHE D 82 -14.11 38.03 0.64
C PHE D 82 -13.50 37.55 1.95
N VAL D 83 -12.20 37.77 2.13
CA VAL D 83 -11.50 37.46 3.37
C VAL D 83 -11.08 38.79 3.99
N ILE D 84 -11.74 39.17 5.08
CA ILE D 84 -11.51 40.45 5.74
C ILE D 84 -10.51 40.23 6.87
N VAL D 85 -9.27 40.67 6.64
CA VAL D 85 -8.20 40.50 7.63
C VAL D 85 -7.48 41.84 7.83
N ALA D 86 -8.23 42.94 7.76
CA ALA D 86 -7.69 44.29 7.77
C ALA D 86 -7.58 44.90 9.17
N GLY D 87 -7.45 44.11 10.22
CA GLY D 87 -7.42 44.67 11.57
C GLY D 87 -6.15 45.47 11.84
N VAL D 88 -6.29 46.49 12.69
CA VAL D 88 -5.15 47.31 13.11
C VAL D 88 -4.42 46.59 14.24
N PRO D 89 -3.07 46.55 14.23
CA PRO D 89 -2.35 45.90 15.34
C PRO D 89 -2.30 46.76 16.60
N ASP D 97 -11.01 49.99 25.32
CA ASP D 97 -11.76 49.52 24.15
C ASP D 97 -11.34 50.28 22.91
N ASP D 98 -10.13 50.85 22.93
CA ASP D 98 -9.63 51.55 21.77
C ASP D 98 -9.48 50.62 20.57
N LEU D 99 -9.01 49.39 20.82
CA LEU D 99 -8.91 48.42 19.74
C LEU D 99 -10.27 48.13 19.12
N PHE D 100 -11.29 47.93 19.96
CA PHE D 100 -12.63 47.68 19.44
C PHE D 100 -13.12 48.87 18.64
N ASN D 101 -12.93 50.08 19.15
CA ASN D 101 -13.40 51.27 18.44
C ASN D 101 -12.71 51.42 17.10
N VAL D 102 -11.40 51.15 17.05
CA VAL D 102 -10.66 51.29 15.80
C VAL D 102 -11.12 50.25 14.79
N ASN D 103 -11.27 49.00 15.22
CA ASN D 103 -11.52 47.92 14.27
C ASN D 103 -12.98 47.89 13.80
N ALA D 104 -13.93 48.27 14.65
CA ALA D 104 -15.33 48.20 14.25
C ALA D 104 -15.63 49.11 13.06
N GLY D 105 -15.10 50.34 13.07
CA GLY D 105 -15.33 51.24 11.96
C GLY D 105 -14.72 50.74 10.67
N ILE D 106 -13.52 50.16 10.75
CA ILE D 106 -12.88 49.60 9.56
C ILE D 106 -13.73 48.48 8.98
N VAL D 107 -14.22 47.58 9.84
CA VAL D 107 -15.04 46.48 9.35
C VAL D 107 -16.30 47.02 8.68
N MET D 108 -16.96 47.99 9.32
CA MET D 108 -18.16 48.57 8.74
C MET D 108 -17.89 49.13 7.35
N ASP D 109 -16.84 49.96 7.25
CA ASP D 109 -16.54 50.60 5.97
C ASP D 109 -16.23 49.59 4.89
N LEU D 110 -15.40 48.59 5.20
CA LEU D 110 -15.02 47.63 4.16
C LEU D 110 -16.21 46.80 3.71
N VAL D 111 -17.05 46.33 4.64
CA VAL D 111 -18.19 45.53 4.24
C VAL D 111 -19.16 46.37 3.42
N LEU D 112 -19.36 47.64 3.80
CA LEU D 112 -20.25 48.50 3.03
C LEU D 112 -19.74 48.72 1.62
N THR D 113 -18.43 48.91 1.46
CA THR D 113 -17.87 49.10 0.13
C THR D 113 -17.98 47.84 -0.72
N CYS D 114 -17.68 46.68 -0.14
CA CYS D 114 -17.63 45.44 -0.92
C CYS D 114 -19.02 44.92 -1.28
N ALA D 115 -19.95 44.96 -0.33
CA ALA D 115 -21.27 44.37 -0.57
C ALA D 115 -22.14 45.23 -1.48
N SER D 116 -21.69 46.43 -1.83
CA SER D 116 -22.47 47.31 -2.69
C SER D 116 -22.31 47.01 -4.17
N VAL D 117 -21.36 46.15 -4.55
CA VAL D 117 -21.15 45.80 -5.95
C VAL D 117 -21.30 44.31 -6.22
N SER D 118 -21.08 43.44 -5.24
CA SER D 118 -21.26 41.99 -5.41
C SER D 118 -21.97 41.46 -4.17
N PRO D 119 -23.29 41.63 -4.08
CA PRO D 119 -24.00 41.24 -2.86
C PRO D 119 -24.10 39.74 -2.62
N ASN D 120 -23.80 38.91 -3.61
CA ASN D 120 -23.99 37.47 -3.50
C ASN D 120 -22.75 36.71 -3.08
N ALA D 121 -21.71 37.40 -2.62
CA ALA D 121 -20.48 36.75 -2.21
C ALA D 121 -20.56 36.24 -0.77
N CYS D 122 -19.58 35.43 -0.40
CA CYS D 122 -19.43 34.95 0.97
C CYS D 122 -18.40 35.79 1.70
N PHE D 123 -18.68 36.14 2.94
CA PHE D 123 -17.83 36.99 3.76
C PHE D 123 -17.25 36.16 4.90
N CYS D 124 -15.92 36.09 4.97
CA CYS D 124 -15.21 35.39 6.04
C CYS D 124 -14.44 36.42 6.85
N ILE D 125 -14.71 36.47 8.15
CA ILE D 125 -14.24 37.56 9.01
C ILE D 125 -13.12 37.03 9.90
N VAL D 126 -11.92 37.57 9.73
CA VAL D 126 -10.75 37.16 10.50
C VAL D 126 -10.29 38.23 11.49
N THR D 127 -10.65 39.49 11.29
CA THR D 127 -10.22 40.55 12.20
C THR D 127 -10.93 40.44 13.55
N ASN D 128 -10.15 40.60 14.62
CA ASN D 128 -10.66 40.45 15.98
C ASN D 128 -11.26 41.75 16.50
N PRO D 129 -12.15 41.67 17.50
CA PRO D 129 -12.71 40.47 18.15
C PRO D 129 -13.89 39.89 17.38
N VAL D 130 -13.82 38.61 16.99
CA VAL D 130 -14.85 38.03 16.12
C VAL D 130 -16.22 38.10 16.77
N ASN D 131 -16.29 37.85 18.09
CA ASN D 131 -17.57 37.80 18.79
C ASN D 131 -18.37 39.08 18.60
N SER D 132 -17.69 40.22 18.46
CA SER D 132 -18.36 41.50 18.29
C SER D 132 -18.35 42.02 16.85
N THR D 133 -17.43 41.54 16.01
CA THR D 133 -17.38 42.05 14.64
C THR D 133 -18.32 41.31 13.70
N THR D 134 -18.63 40.03 13.97
CA THR D 134 -19.58 39.34 13.08
C THR D 134 -20.98 39.95 13.16
N PRO D 135 -21.54 40.25 14.34
CA PRO D 135 -22.81 40.97 14.38
C PRO D 135 -22.78 42.34 13.70
N ILE D 136 -21.64 43.04 13.74
CA ILE D 136 -21.54 44.33 13.07
C ILE D 136 -21.68 44.16 11.55
N ALA D 137 -21.02 43.15 10.99
CA ALA D 137 -21.16 42.87 9.57
C ALA D 137 -22.59 42.50 9.22
N ALA D 138 -23.25 41.70 10.08
CA ALA D 138 -24.64 41.38 9.83
C ALA D 138 -25.51 42.64 9.82
N GLN D 139 -25.27 43.56 10.76
CA GLN D 139 -26.06 44.79 10.82
C GLN D 139 -25.83 45.65 9.58
N THR D 140 -24.59 45.77 9.13
CA THR D 140 -24.30 46.53 7.93
C THR D 140 -25.02 45.94 6.72
N LEU D 141 -24.91 44.62 6.55
CA LEU D 141 -25.57 43.99 5.40
C LEU D 141 -27.07 44.18 5.44
N ARG D 142 -27.68 44.06 6.63
CA ARG D 142 -29.11 44.31 6.75
C ARG D 142 -29.48 45.74 6.41
N LYS D 143 -28.61 46.70 6.74
CA LYS D 143 -28.84 48.08 6.32
C LYS D 143 -28.83 48.21 4.81
N ILE D 144 -27.87 47.56 4.13
CA ILE D 144 -27.85 47.63 2.67
C ILE D 144 -29.12 47.00 2.09
N GLY D 145 -29.61 45.93 2.71
CA GLY D 145 -30.77 45.22 2.21
C GLY D 145 -30.48 43.91 1.50
N VAL D 146 -29.31 43.32 1.72
CA VAL D 146 -28.88 42.13 0.98
C VAL D 146 -28.35 41.07 1.92
N TYR D 147 -28.86 41.03 3.16
CA TYR D 147 -28.36 40.08 4.14
C TYR D 147 -28.79 38.66 3.80
N ASN D 148 -27.86 37.73 3.94
CA ASN D 148 -28.12 36.30 3.75
C ASN D 148 -27.49 35.55 4.91
N LYS D 149 -28.32 34.89 5.73
CA LYS D 149 -27.81 34.24 6.93
C LYS D 149 -26.90 33.08 6.62
N ASN D 150 -26.94 32.54 5.39
CA ASN D 150 -26.19 31.35 5.03
C ASN D 150 -24.82 31.66 4.43
N LYS D 151 -24.43 32.92 4.35
CA LYS D 151 -23.18 33.31 3.70
C LYS D 151 -22.34 34.26 4.54
N LEU D 152 -22.53 34.29 5.85
CA LEU D 152 -21.69 35.05 6.77
C LEU D 152 -21.10 34.09 7.77
N LEU D 153 -19.77 34.11 7.89
CA LEU D 153 -19.02 33.14 8.69
C LEU D 153 -17.98 33.87 9.53
N GLY D 154 -17.81 33.44 10.77
CA GLY D 154 -16.69 33.87 11.59
C GLY D 154 -15.73 32.72 11.78
N VAL D 155 -14.44 33.01 11.62
CA VAL D 155 -13.40 31.98 11.61
C VAL D 155 -12.87 31.80 13.03
N SER D 156 -13.02 30.58 13.57
CA SER D 156 -12.63 30.26 14.94
C SER D 156 -11.91 28.91 14.97
N LEU D 157 -11.08 28.65 13.95
CA LEU D 157 -10.46 27.35 13.80
C LEU D 157 -9.12 27.20 14.51
N LEU D 158 -8.57 28.28 15.06
CA LEU D 158 -7.28 28.18 15.75
C LEU D 158 -7.41 27.47 17.09
N ASP D 159 -8.55 27.62 17.77
CA ASP D 159 -8.77 26.92 19.02
C ASP D 159 -8.83 25.41 18.83
N GLY D 160 -9.46 24.95 17.75
CA GLY D 160 -9.45 23.52 17.45
C GLY D 160 -8.05 23.00 17.20
N LEU D 161 -7.24 23.77 16.47
CA LEU D 161 -5.86 23.38 16.24
C LEU D 161 -5.11 23.22 17.55
N ARG D 162 -5.23 24.21 18.45
CA ARG D 162 -4.52 24.14 19.72
C ARG D 162 -5.01 22.97 20.56
N ALA D 163 -6.32 22.76 20.62
CA ALA D 163 -6.86 21.66 21.41
C ALA D 163 -6.36 20.32 20.91
N THR D 164 -6.40 20.11 19.59
CA THR D 164 -5.87 18.88 19.00
C THR D 164 -4.41 18.69 19.34
N ARG D 165 -3.61 19.75 19.20
CA ARG D 165 -2.18 19.65 19.48
C ARG D 165 -1.94 19.20 20.92
N PHE D 166 -2.61 19.85 21.87
CA PHE D 166 -2.37 19.52 23.28
C PHE D 166 -2.83 18.11 23.64
N ILE D 167 -4.01 17.69 23.15
CA ILE D 167 -4.46 16.35 23.49
C ILE D 167 -3.59 15.28 22.81
N ASN D 168 -3.14 15.51 21.58
CA ASN D 168 -2.22 14.57 20.97
C ASN D 168 -0.89 14.50 21.70
N ASN D 169 -0.41 15.64 22.22
CA ASN D 169 0.80 15.60 23.03
C ASN D 169 0.58 14.79 24.30
N ALA D 170 -0.63 14.85 24.88
CA ALA D 170 -0.91 14.07 26.10
C ALA D 170 -0.94 12.58 25.81
N ARG D 171 -1.77 12.15 24.86
CA ARG D 171 -1.96 10.73 24.55
C ARG D 171 -1.09 10.38 23.34
N HIS D 172 0.00 9.66 23.60
CA HIS D 172 0.96 9.33 22.54
C HIS D 172 1.42 7.89 22.73
N PRO D 173 1.40 7.05 21.68
CA PRO D 173 0.90 7.29 20.31
C PRO D 173 -0.58 7.00 20.16
N LEU D 174 -1.40 8.04 20.12
CA LEU D 174 -2.83 7.88 19.84
C LEU D 174 -3.33 9.19 19.26
N VAL D 175 -3.48 9.23 17.94
CA VAL D 175 -3.74 10.47 17.23
C VAL D 175 -5.23 10.54 16.87
N VAL D 176 -5.78 11.74 16.97
CA VAL D 176 -7.12 12.02 16.46
C VAL D 176 -6.96 13.20 15.49
N PRO D 177 -7.77 13.30 14.43
CA PRO D 177 -7.58 14.40 13.48
C PRO D 177 -8.22 15.72 13.89
N TYR D 178 -9.19 15.74 14.81
CA TYR D 178 -9.83 16.99 15.18
C TYR D 178 -10.53 16.85 16.53
N VAL D 179 -10.82 18.00 17.13
CA VAL D 179 -11.52 18.10 18.42
C VAL D 179 -12.65 19.10 18.31
N PRO D 180 -13.88 18.76 18.70
CA PRO D 180 -14.96 19.76 18.72
C PRO D 180 -14.74 20.87 19.73
N VAL D 181 -15.04 22.10 19.33
CA VAL D 181 -14.96 23.28 20.19
C VAL D 181 -16.18 24.15 19.92
N VAL D 182 -16.83 24.61 20.99
CA VAL D 182 -18.08 25.35 20.91
C VAL D 182 -17.99 26.60 21.77
N GLY D 183 -18.97 27.48 21.61
CA GLY D 183 -19.09 28.65 22.46
C GLY D 183 -18.76 29.95 21.76
N GLY D 184 -17.59 30.50 22.08
CA GLY D 184 -17.11 31.71 21.44
C GLY D 184 -15.67 31.58 21.00
N HIS D 185 -14.97 32.70 20.92
CA HIS D 185 -13.59 32.74 20.41
C HIS D 185 -12.74 33.67 21.26
N SER D 186 -12.96 33.69 22.57
CA SER D 186 -12.17 34.57 23.43
C SER D 186 -12.24 34.06 24.87
N ASP D 187 -11.09 33.63 25.40
CA ASP D 187 -10.94 33.36 26.82
C ASP D 187 -12.04 32.46 27.39
N VAL D 188 -12.82 32.95 28.35
CA VAL D 188 -13.78 32.13 29.06
C VAL D 188 -14.87 31.57 28.16
N THR D 189 -15.00 32.10 26.95
CA THR D 189 -16.04 31.64 26.03
C THR D 189 -15.64 30.43 25.20
N ILE D 190 -14.43 29.91 25.35
CA ILE D 190 -13.97 28.74 24.61
C ILE D 190 -14.25 27.49 25.44
N VAL D 191 -14.92 26.51 24.83
CA VAL D 191 -15.30 25.28 25.52
C VAL D 191 -14.91 24.06 24.68
N PRO D 192 -13.80 23.39 24.96
CA PRO D 192 -13.45 22.17 24.21
C PRO D 192 -14.11 20.92 24.77
N LEU D 193 -14.75 20.15 23.90
CA LEU D 193 -15.50 18.95 24.31
C LEU D 193 -14.67 17.70 24.05
N TYR D 194 -13.85 17.36 25.05
CA TYR D 194 -12.97 16.19 24.93
C TYR D 194 -13.72 14.88 25.09
N SER D 195 -14.92 14.90 25.67
CA SER D 195 -15.66 13.66 25.89
C SER D 195 -16.12 13.02 24.59
N GLN D 196 -16.05 13.74 23.48
CA GLN D 196 -16.57 13.27 22.20
C GLN D 196 -15.49 12.76 21.25
N ILE D 197 -14.27 12.54 21.74
CA ILE D 197 -13.19 12.00 20.89
C ILE D 197 -13.00 10.53 21.20
N PRO D 198 -12.50 9.73 20.26
CA PRO D 198 -12.31 8.30 20.52
C PRO D 198 -11.19 8.03 21.51
N GLY D 199 -11.28 6.88 22.18
CA GLY D 199 -10.21 6.40 23.02
C GLY D 199 -10.33 6.82 24.46
N PRO D 200 -9.57 6.16 25.34
CA PRO D 200 -9.58 6.55 26.76
C PRO D 200 -8.85 7.85 27.02
N LEU D 201 -9.26 8.54 28.09
CA LEU D 201 -8.79 9.88 28.43
C LEU D 201 -8.02 9.88 29.74
N PRO D 202 -7.17 10.88 29.97
CA PRO D 202 -6.45 10.95 31.24
C PRO D 202 -7.36 11.40 32.38
N ASP D 203 -6.76 11.58 33.55
CA ASP D 203 -7.52 11.93 34.74
C ASP D 203 -8.18 13.29 34.57
N GLU D 204 -9.27 13.50 35.30
CA GLU D 204 -9.98 14.77 35.24
C GLU D 204 -9.07 15.92 35.67
N SER D 205 -8.16 15.66 36.62
CA SER D 205 -7.28 16.72 37.11
C SER D 205 -6.36 17.24 36.02
N THR D 206 -5.95 16.39 35.07
CA THR D 206 -5.11 16.82 33.97
C THR D 206 -5.92 17.39 32.82
N LEU D 207 -7.13 16.90 32.59
CA LEU D 207 -8.00 17.50 31.60
C LEU D 207 -8.34 18.94 31.99
N LYS D 208 -8.49 19.20 33.29
CA LYS D 208 -8.75 20.56 33.74
C LYS D 208 -7.63 21.51 33.31
N GLU D 209 -6.38 21.09 33.53
CA GLU D 209 -5.24 21.91 33.15
C GLU D 209 -5.13 22.05 31.63
N ILE D 210 -5.42 20.98 30.88
CA ILE D 210 -5.37 21.09 29.42
C ILE D 210 -6.42 22.08 28.92
N ARG D 211 -7.64 22.02 29.46
CA ARG D 211 -8.67 22.97 29.05
C ARG D 211 -8.28 24.40 29.38
N LYS D 212 -7.75 24.63 30.58
CA LYS D 212 -7.31 25.98 30.93
C LYS D 212 -6.21 26.45 30.00
N ARG D 213 -5.29 25.55 29.64
CA ARG D 213 -4.25 25.92 28.68
C ARG D 213 -4.86 26.33 27.35
N VAL D 214 -5.88 25.59 26.90
CA VAL D 214 -6.51 25.94 25.63
C VAL D 214 -7.11 27.34 25.69
N GLN D 215 -7.77 27.68 26.81
CA GLN D 215 -8.43 28.98 26.88
C GLN D 215 -7.43 30.14 26.95
N VAL D 216 -6.20 29.89 27.42
CA VAL D 216 -5.24 30.95 27.71
C VAL D 216 -4.05 30.96 26.75
N ALA D 217 -4.03 30.06 25.75
CA ALA D 217 -2.85 29.89 24.91
C ALA D 217 -2.45 31.17 24.19
N GLY D 218 -3.40 32.07 23.93
CA GLY D 218 -3.09 33.27 23.16
C GLY D 218 -2.15 34.22 23.87
N THR D 219 -2.09 34.15 25.21
CA THR D 219 -1.31 35.09 25.99
C THR D 219 0.14 34.66 26.16
N GLU D 220 0.43 33.36 26.10
CA GLU D 220 1.80 32.92 26.31
C GLU D 220 2.68 33.24 25.12
N VAL D 221 2.10 33.34 23.92
CA VAL D 221 2.88 33.77 22.76
C VAL D 221 3.23 35.24 22.89
N VAL D 222 2.28 36.06 23.36
CA VAL D 222 2.56 37.48 23.61
C VAL D 222 3.66 37.62 24.66
N LYS D 223 3.60 36.82 25.73
CA LYS D 223 4.62 36.89 26.75
C LYS D 223 5.97 36.42 26.23
N ALA D 224 5.96 35.44 25.32
CA ALA D 224 7.22 34.95 24.74
C ALA D 224 7.90 36.04 23.92
N LYS D 225 7.11 36.84 23.20
CA LYS D 225 7.62 37.93 22.39
C LYS D 225 7.92 39.18 23.20
N ALA D 226 7.81 39.13 24.52
CA ALA D 226 8.11 40.26 25.39
C ALA D 226 7.17 41.43 25.12
N GLY D 227 5.90 41.11 24.87
CA GLY D 227 4.90 42.13 24.62
C GLY D 227 5.04 42.85 23.30
N ARG D 228 5.99 42.44 22.45
CA ARG D 228 6.28 43.15 21.22
C ARG D 228 5.37 42.74 20.07
N GLY D 229 4.60 41.67 20.22
CA GLY D 229 3.77 41.21 19.12
C GLY D 229 2.85 40.09 19.55
N SER D 230 2.27 39.42 18.55
CA SER D 230 1.33 38.33 18.78
C SER D 230 1.55 37.25 17.73
N ALA D 231 0.72 36.20 17.81
CA ALA D 231 0.81 35.11 16.85
C ALA D 231 0.42 35.58 15.46
N THR D 232 1.17 35.13 14.45
CA THR D 232 0.94 35.56 13.08
C THR D 232 0.88 34.39 12.11
N LEU D 233 1.58 33.30 12.44
CA LEU D 233 1.71 32.17 11.53
C LEU D 233 0.55 31.19 11.68
N SER D 234 0.17 30.89 12.93
CA SER D 234 -0.94 29.98 13.17
C SER D 234 -2.27 30.57 12.70
N MET D 235 -2.49 31.87 12.91
CA MET D 235 -3.69 32.50 12.39
C MET D 235 -3.72 32.47 10.87
N ALA D 236 -2.58 32.69 10.21
CA ALA D 236 -2.54 32.60 8.76
C ALA D 236 -2.89 31.19 8.29
N GLU D 237 -2.36 30.17 8.95
CA GLU D 237 -2.67 28.80 8.54
C GLU D 237 -4.14 28.47 8.74
N ALA D 238 -4.71 28.86 9.88
CA ALA D 238 -6.13 28.61 10.12
C ALA D 238 -6.99 29.31 9.07
N GLY D 239 -6.68 30.57 8.76
CA GLY D 239 -7.45 31.28 7.76
C GLY D 239 -7.38 30.63 6.39
N ALA D 240 -6.17 30.21 5.98
CA ALA D 240 -6.02 29.57 4.68
C ALA D 240 -6.83 28.26 4.61
N ARG D 241 -6.76 27.45 5.67
CA ARG D 241 -7.49 26.18 5.66
C ARG D 241 -8.99 26.41 5.58
N PHE D 242 -9.53 27.34 6.36
CA PHE D 242 -10.95 27.61 6.30
C PHE D 242 -11.37 28.13 4.93
N THR D 243 -10.56 29.01 4.34
CA THR D 243 -10.88 29.54 3.02
C THR D 243 -10.91 28.43 1.99
N MET D 244 -9.97 27.48 2.06
CA MET D 244 -9.97 26.37 1.12
C MET D 244 -11.21 25.50 1.29
N HIS D 245 -11.62 25.23 2.54
CA HIS D 245 -12.89 24.53 2.75
C HIS D 245 -14.03 25.22 2.02
N VAL D 246 -14.17 26.53 2.21
CA VAL D 246 -15.28 27.25 1.60
C VAL D 246 -15.21 27.17 0.09
N VAL D 247 -14.01 27.34 -0.48
CA VAL D 247 -13.87 27.35 -1.94
C VAL D 247 -14.25 25.98 -2.52
N LYS D 248 -13.71 24.91 -1.95
CA LYS D 248 -14.00 23.58 -2.47
C LYS D 248 -15.47 23.24 -2.34
N ALA D 249 -16.09 23.59 -1.22
CA ALA D 249 -17.53 23.36 -1.08
C ALA D 249 -18.31 24.14 -2.13
N LEU D 250 -17.89 25.36 -2.43
CA LEU D 250 -18.62 26.21 -3.36
C LEU D 250 -18.48 25.74 -4.80
N MET D 251 -17.34 25.13 -5.16
CA MET D 251 -17.14 24.62 -6.51
C MET D 251 -17.86 23.30 -6.78
N GLY D 252 -18.38 22.65 -5.75
CA GLY D 252 -19.05 21.37 -5.90
C GLY D 252 -18.18 20.15 -5.69
N LEU D 253 -16.96 20.32 -5.22
CA LEU D 253 -16.00 19.23 -5.07
C LEU D 253 -15.94 18.67 -3.66
N ASP D 254 -16.85 19.06 -2.77
CA ASP D 254 -16.87 18.52 -1.41
C ASP D 254 -18.14 18.98 -0.71
N THR D 255 -18.37 18.42 0.48
CA THR D 255 -19.41 18.88 1.41
C THR D 255 -18.90 18.70 2.82
N PRO D 256 -17.96 19.55 3.26
CA PRO D 256 -17.29 19.32 4.55
C PRO D 256 -18.16 19.69 5.74
N MET D 257 -17.76 19.18 6.91
CA MET D 257 -18.36 19.53 8.18
C MET D 257 -17.33 20.32 9.00
N VAL D 258 -17.72 21.51 9.45
CA VAL D 258 -16.80 22.46 10.06
C VAL D 258 -17.46 23.11 11.27
N TYR D 259 -16.64 23.73 12.10
CA TYR D 259 -17.11 24.50 13.26
C TYR D 259 -16.83 25.98 13.00
N ALA D 260 -17.87 26.81 13.08
CA ALA D 260 -17.73 28.22 12.75
C ALA D 260 -18.70 29.05 13.60
N TYR D 261 -18.33 30.31 13.80
CA TYR D 261 -19.14 31.27 14.54
C TYR D 261 -20.18 31.85 13.59
N VAL D 262 -21.42 31.35 13.66
CA VAL D 262 -22.45 31.67 12.69
C VAL D 262 -23.73 32.09 13.40
N ASP D 263 -24.71 32.46 12.59
CA ASP D 263 -26.06 32.77 13.08
C ASP D 263 -26.79 31.49 13.43
N THR D 264 -27.36 31.42 14.64
CA THR D 264 -28.02 30.21 15.09
C THR D 264 -29.39 29.99 14.46
N ASP D 265 -30.07 31.04 14.03
CA ASP D 265 -31.31 30.92 13.28
C ASP D 265 -32.38 30.15 14.06
N GLY D 266 -32.48 30.41 15.36
CA GLY D 266 -33.48 29.76 16.19
C GLY D 266 -33.11 28.38 16.67
N GLU D 267 -31.95 27.85 16.26
CA GLU D 267 -31.49 26.56 16.75
C GLU D 267 -31.03 26.63 18.20
N HIS D 268 -30.78 27.83 18.72
CA HIS D 268 -30.25 28.02 20.06
C HIS D 268 -30.78 29.33 20.61
N GLU D 269 -30.68 29.48 21.93
CA GLU D 269 -31.19 30.67 22.59
C GLU D 269 -30.29 31.89 22.37
N CYS D 270 -29.03 31.70 21.95
CA CYS D 270 -28.07 32.77 21.73
C CYS D 270 -28.05 33.15 20.26
N PRO D 271 -28.13 34.44 19.90
CA PRO D 271 -28.23 34.79 18.47
C PRO D 271 -27.07 34.32 17.61
N PHE D 272 -25.84 34.36 18.12
CA PHE D 272 -24.65 33.90 17.41
C PHE D 272 -23.89 32.94 18.31
N LEU D 273 -23.39 31.85 17.74
CA LEU D 273 -22.65 30.87 18.52
C LEU D 273 -21.76 30.05 17.58
N ALA D 274 -20.70 29.49 18.15
CA ALA D 274 -19.83 28.55 17.43
C ALA D 274 -20.42 27.14 17.53
N MET D 275 -20.66 26.51 16.39
CA MET D 275 -21.45 25.30 16.33
C MET D 275 -21.09 24.55 15.05
N PRO D 276 -21.35 23.24 15.00
CA PRO D 276 -21.02 22.47 13.79
C PRO D 276 -22.01 22.74 12.67
N VAL D 277 -21.51 22.77 11.43
CA VAL D 277 -22.32 22.97 10.24
C VAL D 277 -21.74 22.14 9.11
N VAL D 278 -22.56 21.87 8.10
CA VAL D 278 -22.12 21.30 6.82
C VAL D 278 -22.53 22.27 5.74
N LEU D 279 -21.57 22.65 4.89
CA LEU D 279 -21.80 23.67 3.88
C LEU D 279 -21.53 23.11 2.48
N GLY D 280 -22.24 23.64 1.50
CA GLY D 280 -21.94 23.34 0.12
C GLY D 280 -22.83 24.01 -0.91
N LYS D 281 -22.22 24.65 -1.89
CA LYS D 281 -22.85 25.12 -3.11
C LYS D 281 -23.75 26.33 -2.92
N ASN D 282 -24.08 26.67 -1.67
CA ASN D 282 -24.85 27.88 -1.37
C ASN D 282 -24.44 28.49 -0.04
N GLY D 283 -23.31 28.06 0.52
CA GLY D 283 -22.97 28.41 1.88
C GLY D 283 -23.34 27.31 2.85
N ILE D 284 -23.95 27.69 3.97
CA ILE D 284 -24.34 26.70 4.97
C ILE D 284 -25.50 25.87 4.44
N GLU D 285 -25.38 24.54 4.58
CA GLU D 285 -26.39 23.59 4.13
C GLU D 285 -27.24 23.07 5.27
N ARG D 286 -26.61 22.63 6.35
CA ARG D 286 -27.31 22.22 7.57
C ARG D 286 -26.51 22.67 8.78
N ARG D 287 -27.23 23.10 9.81
CA ARG D 287 -26.63 23.41 11.11
C ARG D 287 -27.07 22.32 12.09
N LEU D 288 -26.10 21.76 12.82
CA LEU D 288 -26.29 20.50 13.53
C LEU D 288 -26.38 20.75 15.04
N PRO D 289 -27.02 19.84 15.79
CA PRO D 289 -27.03 19.98 17.26
C PRO D 289 -25.66 19.76 17.86
N ILE D 290 -25.48 20.30 19.06
CA ILE D 290 -24.19 20.19 19.75
C ILE D 290 -23.91 18.74 20.17
N GLY D 291 -24.89 18.06 20.73
CA GLY D 291 -24.72 16.68 21.13
C GLY D 291 -24.52 16.49 22.62
N PRO D 292 -24.36 15.24 23.05
CA PRO D 292 -24.25 14.94 24.49
C PRO D 292 -22.97 15.52 25.09
N ILE D 293 -23.07 15.93 26.35
CA ILE D 293 -21.95 16.51 27.09
C ILE D 293 -22.07 16.15 28.56
N THR D 294 -20.95 16.24 29.28
CA THR D 294 -20.91 15.91 30.69
C THR D 294 -21.33 17.11 31.54
N THR D 295 -21.27 16.93 32.86
CA THR D 295 -21.71 17.98 33.78
C THR D 295 -20.74 19.16 33.78
N VAL D 296 -19.44 18.89 33.80
CA VAL D 296 -18.45 19.96 33.79
C VAL D 296 -18.59 20.80 32.52
N GLU D 297 -18.78 20.15 31.38
CA GLU D 297 -18.93 20.87 30.12
C GLU D 297 -20.20 21.71 30.12
N LYS D 298 -21.27 21.20 30.71
CA LYS D 298 -22.50 21.98 30.84
C LYS D 298 -22.27 23.22 31.69
N GLU D 299 -21.55 23.07 32.81
CA GLU D 299 -21.25 24.22 33.65
C GLU D 299 -20.41 25.25 32.91
N MET D 300 -19.41 24.80 32.13
CA MET D 300 -18.61 25.74 31.36
C MET D 300 -19.44 26.47 30.33
N LEU D 301 -20.33 25.75 29.64
CA LEU D 301 -21.10 26.34 28.56
C LEU D 301 -22.10 27.37 29.07
N GLU D 302 -22.63 27.16 30.28
CA GLU D 302 -23.53 28.17 30.85
C GLU D 302 -22.86 29.54 30.92
N GLU D 303 -21.67 29.60 31.52
CA GLU D 303 -20.93 30.85 31.64
C GLU D 303 -20.51 31.38 30.28
N ALA D 304 -20.07 30.49 29.39
CA ALA D 304 -19.69 30.93 28.04
C ALA D 304 -20.83 31.68 27.37
N VAL D 305 -22.03 31.10 27.38
CA VAL D 305 -23.18 31.74 26.73
C VAL D 305 -23.52 33.05 27.41
N GLY D 306 -23.45 33.06 28.75
CA GLY D 306 -23.72 34.30 29.47
C GLY D 306 -22.84 35.45 29.03
N VAL D 307 -21.56 35.18 28.77
CA VAL D 307 -20.66 36.25 28.32
C VAL D 307 -20.88 36.59 26.84
N VAL D 308 -21.16 35.58 26.01
CA VAL D 308 -21.30 35.82 24.57
C VAL D 308 -22.49 36.74 24.31
N LYS D 309 -23.55 36.61 25.10
CA LYS D 309 -24.69 37.51 24.92
C LYS D 309 -24.28 38.97 25.12
N LYS D 310 -23.47 39.25 26.13
CA LYS D 310 -22.98 40.61 26.35
C LYS D 310 -22.12 41.10 25.20
N ASN D 311 -21.24 40.25 24.68
CA ASN D 311 -20.41 40.66 23.55
C ASN D 311 -21.28 41.04 22.34
N ILE D 312 -22.27 40.21 22.03
CA ILE D 312 -23.17 40.51 20.92
C ILE D 312 -23.89 41.83 21.16
N ALA D 313 -24.34 42.06 22.40
CA ALA D 313 -25.05 43.29 22.72
C ALA D 313 -24.18 44.50 22.47
N LYS D 314 -22.91 44.45 22.90
CA LYS D 314 -22.02 45.59 22.68
C LYS D 314 -21.78 45.82 21.19
N GLY D 315 -21.57 44.75 20.42
CA GLY D 315 -21.38 44.92 18.99
C GLY D 315 -22.55 45.61 18.32
N GLU D 316 -23.76 45.13 18.61
CA GLU D 316 -24.94 45.76 18.01
C GLU D 316 -25.15 47.18 18.52
N THR D 317 -24.79 47.46 19.78
CA THR D 317 -24.88 48.83 20.28
C THR D 317 -23.98 49.75 19.49
N PHE D 318 -22.75 49.35 19.23
CA PHE D 318 -21.87 50.16 18.38
C PHE D 318 -22.46 50.33 16.98
N ALA D 319 -22.95 49.24 16.39
CA ALA D 319 -23.41 49.30 15.01
C ALA D 319 -24.60 50.24 14.87
N ARG D 320 -25.51 50.25 15.85
CA ARG D 320 -26.75 50.99 15.71
C ARG D 320 -26.52 52.49 15.56
N SER D 321 -25.44 53.01 16.13
CA SER D 321 -25.25 54.46 16.18
C SER D 321 -24.83 55.08 14.85
N LYS D 322 -24.52 54.27 13.84
CA LYS D 322 -24.04 54.76 12.56
C LYS D 322 -25.13 54.61 11.49
N LEU D 323 -25.39 55.67 10.76
CA LEU D 323 -26.36 55.66 9.68
C LEU D 323 -25.66 55.53 8.33
N MET E 1 15.23 9.18 10.89
CA MET E 1 14.72 10.56 11.15
C MET E 1 15.79 11.57 10.80
N VAL E 2 15.37 12.81 10.51
CA VAL E 2 16.30 13.87 10.15
C VAL E 2 16.05 15.06 11.07
N ASN E 3 17.11 15.84 11.28
CA ASN E 3 17.07 17.05 12.09
C ASN E 3 17.54 18.21 11.21
N VAL E 4 16.66 19.16 10.93
CA VAL E 4 16.94 20.29 10.04
C VAL E 4 16.94 21.56 10.87
N ALA E 5 18.03 22.32 10.77
CA ALA E 5 18.21 23.54 11.55
C ALA E 5 18.17 24.76 10.63
N VAL E 6 17.35 25.74 10.97
CA VAL E 6 17.25 27.00 10.24
C VAL E 6 17.95 28.07 11.06
N ILE E 7 18.97 28.69 10.48
CA ILE E 7 19.79 29.69 11.15
C ILE E 7 19.35 31.05 10.68
N GLY E 8 18.89 31.89 11.60
CA GLY E 8 18.30 33.17 11.23
C GLY E 8 16.82 33.03 10.94
N ALA E 9 16.08 32.41 11.87
CA ALA E 9 14.70 32.00 11.61
C ALA E 9 13.70 33.12 11.87
N ALA E 10 14.11 34.23 12.48
CA ALA E 10 13.19 35.30 12.84
C ALA E 10 13.20 36.47 11.87
N GLY E 11 13.88 36.34 10.73
CA GLY E 11 13.87 37.38 9.72
C GLY E 11 12.64 37.31 8.84
N GLY E 12 12.64 38.16 7.81
CA GLY E 12 11.54 38.18 6.86
C GLY E 12 11.42 36.91 6.05
N ILE E 13 12.54 36.36 5.60
CA ILE E 13 12.51 35.11 4.85
C ILE E 13 12.41 33.91 5.79
N GLY E 14 13.08 34.00 6.94
CA GLY E 14 13.20 32.85 7.82
C GLY E 14 11.86 32.38 8.35
N GLN E 15 10.98 33.31 8.72
CA GLN E 15 9.70 32.93 9.32
C GLN E 15 8.82 32.20 8.31
N SER E 16 8.72 32.74 7.09
CA SER E 16 7.94 32.09 6.04
C SER E 16 8.55 30.74 5.64
N LEU E 17 9.88 30.68 5.56
CA LEU E 17 10.53 29.42 5.24
C LEU E 17 10.23 28.37 6.30
N SER E 18 10.31 28.74 7.57
CA SER E 18 10.00 27.80 8.65
C SER E 18 8.54 27.37 8.62
N LEU E 19 7.63 28.31 8.33
CA LEU E 19 6.22 27.96 8.24
C LEU E 19 5.99 26.93 7.14
N LEU E 20 6.59 27.14 5.97
CA LEU E 20 6.42 26.18 4.88
C LEU E 20 7.09 24.86 5.19
N LEU E 21 8.22 24.90 5.89
CA LEU E 21 8.98 23.69 6.16
C LEU E 21 8.28 22.81 7.20
N LEU E 22 7.55 23.43 8.14
CA LEU E 22 6.81 22.66 9.13
C LEU E 22 5.69 21.84 8.50
N ARG E 23 5.04 22.37 7.47
CA ARG E 23 3.93 21.67 6.84
C ARG E 23 4.38 20.54 5.93
N GLU E 24 5.64 20.56 5.48
CA GLU E 24 6.10 19.63 4.46
C GLU E 24 6.94 18.49 5.00
N LEU E 25 7.60 18.68 6.14
CA LEU E 25 8.59 17.70 6.59
C LEU E 25 7.92 16.35 6.83
N PRO E 26 8.66 15.24 6.67
CA PRO E 26 8.06 13.92 6.90
C PRO E 26 7.75 13.65 8.35
N PHE E 27 6.85 12.69 8.57
CA PHE E 27 6.49 12.24 9.92
C PHE E 27 7.73 11.77 10.67
N GLY E 28 7.89 12.26 11.90
CA GLY E 28 8.99 11.83 12.74
C GLY E 28 10.25 12.67 12.66
N SER E 29 10.17 13.89 12.12
CA SER E 29 11.34 14.75 11.98
C SER E 29 11.45 15.72 13.14
N THR E 30 12.54 16.50 13.13
CA THR E 30 12.77 17.57 14.11
C THR E 30 13.09 18.86 13.37
N LEU E 31 12.65 19.98 13.94
CA LEU E 31 12.90 21.31 13.38
C LEU E 31 13.51 22.19 14.47
N SER E 32 14.69 22.74 14.18
CA SER E 32 15.44 23.57 15.11
C SER E 32 15.53 24.99 14.58
N LEU E 33 15.48 25.97 15.48
CA LEU E 33 15.45 27.38 15.11
C LEU E 33 16.43 28.15 15.97
N TYR E 34 17.23 29.02 15.34
CA TYR E 34 18.20 29.84 16.05
C TYR E 34 18.18 31.26 15.49
N ASP E 35 18.26 32.25 16.38
CA ASP E 35 18.43 33.64 15.99
C ASP E 35 18.95 34.42 17.18
N VAL E 36 19.51 35.60 16.90
CA VAL E 36 19.99 36.48 17.96
C VAL E 36 18.86 37.23 18.65
N VAL E 37 17.74 37.46 17.96
CA VAL E 37 16.59 38.12 18.55
C VAL E 37 15.32 37.53 17.96
N GLY E 38 14.37 37.17 18.82
CA GLY E 38 13.04 36.79 18.40
C GLY E 38 12.78 35.30 18.24
N ALA E 39 13.78 34.45 18.43
CA ALA E 39 13.57 33.02 18.23
C ALA E 39 12.52 32.42 19.17
N PRO E 40 12.51 32.72 20.47
CA PRO E 40 11.49 32.10 21.34
C PRO E 40 10.06 32.36 20.91
N GLY E 41 9.75 33.58 20.44
CA GLY E 41 8.41 33.87 20.00
C GLY E 41 8.01 33.11 18.75
N VAL E 42 8.95 32.99 17.79
CA VAL E 42 8.69 32.21 16.59
C VAL E 42 8.47 30.75 16.95
N ALA E 43 9.28 30.21 17.86
CA ALA E 43 9.11 28.82 18.27
C ALA E 43 7.79 28.59 18.97
N ALA E 44 7.39 29.52 19.84
CA ALA E 44 6.10 29.40 20.51
C ALA E 44 4.95 29.47 19.53
N ASP E 45 5.05 30.34 18.53
CA ASP E 45 3.99 30.48 17.54
C ASP E 45 3.82 29.19 16.73
N LEU E 46 4.92 28.58 16.31
CA LEU E 46 4.85 27.40 15.45
C LEU E 46 4.47 26.15 16.23
N SER E 47 4.71 26.13 17.54
CA SER E 47 4.48 24.92 18.32
C SER E 47 3.00 24.65 18.58
N HIS E 48 2.11 25.57 18.23
CA HIS E 48 0.68 25.38 18.39
C HIS E 48 0.00 24.78 17.17
N ILE E 49 0.74 24.57 16.07
CA ILE E 49 0.15 23.93 14.89
C ILE E 49 -0.09 22.45 15.19
N ASP E 50 -1.18 21.92 14.64
CA ASP E 50 -1.61 20.56 14.99
C ASP E 50 -0.93 19.48 14.15
N ARG E 51 0.26 19.79 13.62
CA ARG E 51 1.03 18.81 12.85
C ARG E 51 1.59 17.75 13.78
N ALA E 52 1.23 16.49 13.56
CA ALA E 52 1.68 15.41 14.41
C ALA E 52 2.98 14.80 13.90
N GLY E 53 3.82 14.36 14.84
CA GLY E 53 5.06 13.69 14.51
C GLY E 53 6.28 14.57 14.37
N ILE E 54 6.13 15.89 14.47
CA ILE E 54 7.24 16.83 14.32
C ILE E 54 7.50 17.49 15.66
N THR E 55 8.77 17.64 16.02
CA THR E 55 9.20 18.30 17.24
C THR E 55 9.86 19.63 16.89
N VAL E 56 9.65 20.64 17.73
CA VAL E 56 10.17 21.98 17.51
C VAL E 56 11.10 22.33 18.66
N LYS E 57 12.29 22.83 18.32
CA LYS E 57 13.31 23.23 19.29
C LYS E 57 13.75 24.65 18.96
N HIS E 58 14.37 25.32 19.93
CA HIS E 58 14.85 26.67 19.70
C HIS E 58 16.01 27.00 20.63
N ALA E 59 16.77 28.02 20.25
CA ALA E 59 17.83 28.60 21.06
C ALA E 59 17.93 30.07 20.72
N ALA E 60 18.35 30.87 21.70
CA ALA E 60 18.45 32.31 21.54
C ALA E 60 19.87 32.78 21.88
N GLY E 61 20.40 33.67 21.05
CA GLY E 61 21.74 34.19 21.25
C GLY E 61 21.74 35.53 21.95
N LYS E 62 22.95 36.02 22.20
CA LYS E 62 23.13 37.30 22.87
C LYS E 62 22.66 38.44 21.98
N LEU E 63 21.99 39.42 22.59
CA LEU E 63 21.54 40.58 21.83
C LEU E 63 22.69 41.29 21.14
N PRO E 64 23.80 41.63 21.81
CA PRO E 64 25.00 42.02 21.10
C PRO E 64 25.78 40.80 20.66
N PRO E 65 25.97 40.60 19.35
CA PRO E 65 26.52 39.32 18.88
C PRO E 65 27.87 39.00 19.51
N VAL E 66 28.07 37.71 19.76
CA VAL E 66 29.30 37.20 20.38
C VAL E 66 29.83 36.05 19.52
N PRO E 67 31.10 36.04 19.15
CA PRO E 67 31.61 34.95 18.31
C PRO E 67 31.62 33.62 19.05
N ARG E 68 31.40 32.55 18.29
CA ARG E 68 31.38 31.20 18.83
C ARG E 68 30.39 31.09 19.98
N ASP E 69 29.14 31.38 19.67
CA ASP E 69 28.08 31.50 20.68
C ASP E 69 27.88 30.16 21.40
N PRO E 70 27.92 30.13 22.74
CA PRO E 70 27.69 28.86 23.45
C PRO E 70 26.33 28.23 23.19
N ALA E 71 25.27 29.02 22.97
CA ALA E 71 23.95 28.43 22.72
C ALA E 71 23.90 27.71 21.37
N LEU E 72 24.42 28.35 20.32
CA LEU E 72 24.44 27.71 19.01
C LEU E 72 25.29 26.45 19.03
N THR E 73 26.32 26.40 19.88
CA THR E 73 27.12 25.19 20.03
C THR E 73 26.26 24.04 20.55
N GLU E 74 25.36 24.32 21.49
CA GLU E 74 24.50 23.30 22.06
C GLU E 74 23.35 22.91 21.15
N LEU E 75 22.84 23.83 20.33
CA LEU E 75 21.76 23.47 19.42
C LEU E 75 22.23 22.67 18.21
N ALA E 76 23.54 22.65 17.94
CA ALA E 76 24.06 22.09 16.70
C ALA E 76 24.33 20.60 16.77
N GLU E 77 24.21 19.96 17.93
CA GLU E 77 24.47 18.54 18.05
C GLU E 77 23.36 17.73 17.37
N GLY E 78 23.75 16.78 16.53
CA GLY E 78 22.82 15.86 15.92
C GLY E 78 22.11 16.37 14.68
N VAL E 79 22.56 17.46 14.09
CA VAL E 79 21.87 18.04 12.94
C VAL E 79 22.35 17.37 11.66
N ASP E 80 21.44 17.26 10.68
CA ASP E 80 21.73 16.65 9.39
C ASP E 80 21.81 17.66 8.25
N VAL E 81 21.07 18.76 8.34
CA VAL E 81 21.06 19.81 7.33
C VAL E 81 21.11 21.15 8.04
N PHE E 82 21.96 22.05 7.57
CA PHE E 82 21.99 23.44 8.01
C PHE E 82 21.50 24.34 6.89
N VAL E 83 20.54 25.20 7.19
CA VAL E 83 20.03 26.18 6.23
C VAL E 83 20.50 27.55 6.70
N ILE E 84 21.46 28.14 5.97
CA ILE E 84 22.07 29.40 6.35
C ILE E 84 21.31 30.50 5.62
N VAL E 85 20.47 31.23 6.36
CA VAL E 85 19.63 32.27 5.77
C VAL E 85 19.72 33.55 6.59
N ALA E 86 20.77 33.67 7.40
CA ALA E 86 21.02 34.90 8.14
C ALA E 86 21.73 35.92 7.26
N GLY E 87 21.39 37.19 7.45
CA GLY E 87 22.00 38.25 6.67
C GLY E 87 21.35 39.60 6.89
N VAL E 88 22.16 40.65 6.86
CA VAL E 88 21.66 42.00 7.15
C VAL E 88 20.71 42.43 6.05
N PRO E 89 19.58 43.09 6.36
CA PRO E 89 18.65 43.51 5.31
C PRO E 89 19.13 44.73 4.53
N ASP E 97 30.69 48.09 -1.31
CA ASP E 97 30.18 46.72 -1.27
C ASP E 97 29.97 46.26 0.17
N ASP E 98 29.33 47.13 0.96
CA ASP E 98 29.02 46.76 2.34
C ASP E 98 28.06 45.59 2.40
N LEU E 99 27.16 45.48 1.42
CA LEU E 99 26.21 44.37 1.40
C LEU E 99 26.91 43.02 1.30
N PHE E 100 28.18 43.00 0.91
CA PHE E 100 28.98 41.78 0.92
C PHE E 100 29.93 41.76 2.11
N ASN E 101 30.55 42.90 2.41
CA ASN E 101 31.56 42.97 3.47
C ASN E 101 30.96 42.76 4.84
N VAL E 102 29.65 42.95 5.00
CA VAL E 102 29.01 42.70 6.29
C VAL E 102 28.63 41.23 6.42
N ASN E 103 28.08 40.66 5.34
CA ASN E 103 27.58 39.28 5.39
C ASN E 103 28.70 38.25 5.36
N ALA E 104 29.88 38.63 4.86
CA ALA E 104 30.98 37.67 4.83
C ALA E 104 31.37 37.21 6.24
N GLY E 105 31.49 38.16 7.18
CA GLY E 105 31.82 37.80 8.54
C GLY E 105 30.74 36.97 9.21
N ILE E 106 29.47 37.31 8.98
CA ILE E 106 28.38 36.51 9.51
C ILE E 106 28.47 35.08 9.02
N VAL E 107 28.64 34.90 7.70
CA VAL E 107 28.69 33.55 7.15
C VAL E 107 29.87 32.79 7.74
N MET E 108 31.04 33.42 7.80
CA MET E 108 32.22 32.72 8.30
C MET E 108 32.02 32.28 9.75
N ASP E 109 31.53 33.19 10.60
CA ASP E 109 31.33 32.84 12.00
C ASP E 109 30.32 31.72 12.17
N LEU E 110 29.19 31.81 11.47
CA LEU E 110 28.15 30.78 11.60
C LEU E 110 28.65 29.42 11.16
N VAL E 111 29.33 29.37 10.01
CA VAL E 111 29.83 28.09 9.51
C VAL E 111 30.88 27.53 10.44
N LEU E 112 31.77 28.37 10.96
CA LEU E 112 32.80 27.89 11.87
C LEU E 112 32.19 27.30 13.13
N THR E 113 31.15 27.95 13.67
CA THR E 113 30.51 27.45 14.88
C THR E 113 29.77 26.14 14.62
N CYS E 114 29.09 26.03 13.48
CA CYS E 114 28.26 24.86 13.21
C CYS E 114 29.10 23.63 12.83
N ALA E 115 30.18 23.83 12.07
CA ALA E 115 30.95 22.71 11.54
C ALA E 115 31.84 22.07 12.60
N SER E 116 32.15 22.79 13.68
CA SER E 116 32.99 22.20 14.73
C SER E 116 32.23 21.20 15.59
N VAL E 117 30.91 21.15 15.48
CA VAL E 117 30.09 20.28 16.31
C VAL E 117 29.60 19.06 15.55
N SER E 118 29.19 19.24 14.29
CA SER E 118 28.72 18.13 13.45
C SER E 118 29.25 18.33 12.04
N PRO E 119 30.44 17.81 11.74
CA PRO E 119 31.06 18.06 10.42
C PRO E 119 30.45 17.26 9.28
N ASN E 120 29.55 16.31 9.54
CA ASN E 120 28.99 15.48 8.49
C ASN E 120 27.67 16.01 7.94
N ALA E 121 27.23 17.19 8.36
CA ALA E 121 25.96 17.72 7.89
C ALA E 121 26.10 18.37 6.52
N CYS E 122 24.98 18.51 5.83
CA CYS E 122 24.92 19.29 4.60
C CYS E 122 24.76 20.77 4.92
N PHE E 123 25.33 21.62 4.08
CA PHE E 123 25.25 23.06 4.24
C PHE E 123 24.61 23.66 3.00
N CYS E 124 23.49 24.36 3.18
CA CYS E 124 22.77 25.04 2.11
C CYS E 124 22.84 26.55 2.35
N ILE E 125 23.48 27.27 1.45
CA ILE E 125 23.74 28.70 1.63
C ILE E 125 22.64 29.48 0.89
N VAL E 126 21.88 30.26 1.64
CA VAL E 126 20.82 31.09 1.08
C VAL E 126 21.12 32.58 1.18
N THR E 127 22.17 32.97 1.91
CA THR E 127 22.53 34.38 2.00
C THR E 127 22.87 34.94 0.63
N ASN E 128 22.51 36.20 0.40
CA ASN E 128 22.30 36.71 -0.96
C ASN E 128 23.53 36.63 -1.86
N PRO E 129 24.71 37.14 -1.48
CA PRO E 129 25.83 37.14 -2.44
C PRO E 129 26.33 35.73 -2.70
N VAL E 130 25.49 34.91 -3.34
CA VAL E 130 25.77 33.47 -3.42
C VAL E 130 27.09 33.20 -4.12
N ASN E 131 27.33 33.88 -5.25
CA ASN E 131 28.55 33.68 -6.01
C ASN E 131 29.80 33.89 -5.18
N SER E 132 29.75 34.76 -4.18
CA SER E 132 30.89 35.04 -3.33
C SER E 132 30.82 34.36 -1.97
N THR E 133 29.62 34.10 -1.44
CA THR E 133 29.51 33.48 -0.13
C THR E 133 29.73 31.97 -0.18
N THR E 134 29.40 31.31 -1.30
CA THR E 134 29.64 29.87 -1.35
C THR E 134 31.12 29.53 -1.29
N PRO E 135 32.02 30.20 -2.02
CA PRO E 135 33.46 29.95 -1.82
C PRO E 135 33.95 30.22 -0.40
N ILE E 136 33.43 31.26 0.26
CA ILE E 136 33.90 31.59 1.60
C ILE E 136 33.62 30.45 2.57
N ALA E 137 32.42 29.85 2.49
CA ALA E 137 32.11 28.71 3.32
C ALA E 137 33.06 27.56 3.05
N ALA E 138 33.40 27.34 1.78
CA ALA E 138 34.31 26.26 1.41
C ALA E 138 35.67 26.47 2.06
N GLN E 139 36.20 27.70 2.00
CA GLN E 139 37.51 27.94 2.61
C GLN E 139 37.44 27.85 4.13
N THR E 140 36.33 28.27 4.73
CA THR E 140 36.18 28.13 6.17
C THR E 140 36.20 26.66 6.59
N LEU E 141 35.47 25.82 5.86
CA LEU E 141 35.47 24.39 6.18
C LEU E 141 36.84 23.79 5.95
N ARG E 142 37.54 24.21 4.89
CA ARG E 142 38.87 23.70 4.63
C ARG E 142 39.85 24.06 5.74
N LYS E 143 39.72 25.27 6.29
CA LYS E 143 40.61 25.68 7.38
C LYS E 143 40.51 24.74 8.57
N ILE E 144 39.36 24.07 8.74
CA ILE E 144 39.17 23.15 9.84
C ILE E 144 39.58 21.72 9.49
N GLY E 145 39.59 21.36 8.22
CA GLY E 145 39.96 20.03 7.80
C GLY E 145 38.81 19.07 7.58
N VAL E 146 37.59 19.57 7.38
CA VAL E 146 36.40 18.73 7.24
C VAL E 146 35.63 19.00 5.96
N TYR E 147 36.30 19.52 4.93
CA TYR E 147 35.59 19.92 3.72
C TYR E 147 35.25 18.71 2.86
N ASN E 148 33.99 18.59 2.49
CA ASN E 148 33.50 17.56 1.57
C ASN E 148 32.82 18.26 0.41
N LYS E 149 33.35 18.05 -0.81
CA LYS E 149 32.88 18.82 -1.95
C LYS E 149 31.49 18.41 -2.41
N ASN E 150 30.99 17.26 -1.95
CA ASN E 150 29.68 16.76 -2.35
C ASN E 150 28.58 17.21 -1.40
N LYS E 151 28.90 17.98 -0.36
CA LYS E 151 27.95 18.36 0.67
C LYS E 151 27.85 19.86 0.87
N LEU E 152 28.25 20.67 -0.10
CA LEU E 152 28.10 22.12 -0.05
C LEU E 152 27.36 22.57 -1.30
N LEU E 153 26.24 23.26 -1.10
CA LEU E 153 25.35 23.64 -2.20
C LEU E 153 24.91 25.08 -2.03
N GLY E 154 24.86 25.83 -3.13
CA GLY E 154 24.27 27.15 -3.13
C GLY E 154 22.93 27.13 -3.84
N VAL E 155 21.96 27.86 -3.31
CA VAL E 155 20.58 27.78 -3.77
C VAL E 155 20.37 28.84 -4.84
N SER E 156 19.90 28.41 -6.02
CA SER E 156 19.64 29.31 -7.14
C SER E 156 18.35 28.96 -7.89
N LEU E 157 17.37 28.39 -7.21
CA LEU E 157 16.16 27.92 -7.88
C LEU E 157 15.23 29.05 -8.29
N LEU E 158 15.40 30.24 -7.70
CA LEU E 158 14.50 31.34 -8.01
C LEU E 158 14.63 31.77 -9.46
N ASP E 159 15.83 31.66 -10.04
CA ASP E 159 16.02 31.95 -11.46
C ASP E 159 15.19 31.02 -12.32
N GLY E 160 15.20 29.73 -11.99
CA GLY E 160 14.40 28.78 -12.75
C GLY E 160 12.91 29.01 -12.60
N LEU E 161 12.46 29.33 -11.39
CA LEU E 161 11.06 29.67 -11.19
C LEU E 161 10.65 30.84 -12.08
N ARG E 162 11.48 31.89 -12.11
CA ARG E 162 11.16 33.07 -12.90
C ARG E 162 11.13 32.76 -14.39
N ALA E 163 12.13 31.99 -14.86
CA ALA E 163 12.16 31.63 -16.28
C ALA E 163 10.95 30.81 -16.68
N THR E 164 10.58 29.82 -15.87
CA THR E 164 9.40 29.02 -16.17
C THR E 164 8.14 29.88 -16.20
N ARG E 165 7.98 30.75 -15.22
CA ARG E 165 6.81 31.61 -15.18
C ARG E 165 6.73 32.46 -16.44
N PHE E 166 7.84 33.09 -16.83
CA PHE E 166 7.81 34.00 -17.97
C PHE E 166 7.57 33.26 -19.28
N ILE E 167 8.14 32.06 -19.45
CA ILE E 167 7.90 31.34 -20.70
C ILE E 167 6.47 30.83 -20.80
N ASN E 168 5.91 30.33 -19.68
CA ASN E 168 4.56 29.77 -19.75
C ASN E 168 3.52 30.82 -20.13
N ASN E 169 3.76 32.08 -19.77
CA ASN E 169 2.79 33.13 -20.05
C ASN E 169 2.70 33.43 -21.55
N ALA E 170 3.77 33.17 -22.30
CA ALA E 170 3.79 33.52 -23.72
C ALA E 170 3.24 32.42 -24.60
N ARG E 171 3.39 31.16 -24.21
CA ARG E 171 2.99 30.02 -25.03
C ARG E 171 1.67 29.39 -24.60
N HIS E 172 0.98 29.97 -23.62
CA HIS E 172 -0.31 29.45 -23.14
C HIS E 172 -1.19 29.08 -24.32
N PRO E 173 -1.88 27.92 -24.31
CA PRO E 173 -1.99 26.90 -23.24
C PRO E 173 -0.87 25.86 -23.17
N LEU E 174 0.18 25.94 -23.98
CA LEU E 174 1.29 24.99 -23.89
C LEU E 174 2.09 25.27 -22.61
N VAL E 175 2.24 24.25 -21.77
CA VAL E 175 2.83 24.39 -20.43
C VAL E 175 4.02 23.46 -20.30
N VAL E 176 5.05 23.92 -19.59
CA VAL E 176 6.27 23.15 -19.34
C VAL E 176 6.53 23.20 -17.84
N PRO E 177 7.08 22.14 -17.23
CA PRO E 177 7.26 22.16 -15.76
C PRO E 177 8.52 22.83 -15.27
N TYR E 178 9.57 22.95 -16.08
CA TYR E 178 10.81 23.55 -15.60
C TYR E 178 11.63 24.06 -16.77
N VAL E 179 12.58 24.94 -16.48
CA VAL E 179 13.51 25.48 -17.46
C VAL E 179 14.93 25.40 -16.92
N PRO E 180 15.91 24.91 -17.69
CA PRO E 180 17.29 24.86 -17.19
C PRO E 180 17.98 26.22 -17.26
N VAL E 181 18.64 26.59 -16.16
CA VAL E 181 19.37 27.85 -16.05
C VAL E 181 20.77 27.55 -15.51
N VAL E 182 21.79 28.06 -16.18
CA VAL E 182 23.18 27.80 -15.84
C VAL E 182 23.92 29.12 -15.69
N GLY E 183 25.15 29.05 -15.21
CA GLY E 183 26.02 30.21 -15.11
C GLY E 183 26.25 30.70 -13.70
N GLY E 184 25.60 31.81 -13.33
CA GLY E 184 25.73 32.36 -12.01
C GLY E 184 24.37 32.69 -11.40
N HIS E 185 24.36 33.63 -10.46
CA HIS E 185 23.14 33.97 -9.72
C HIS E 185 22.92 35.48 -9.60
N SER E 186 23.54 36.28 -10.46
CA SER E 186 23.41 37.73 -10.38
C SER E 186 23.52 38.35 -11.77
N ASP E 187 22.55 39.21 -12.10
CA ASP E 187 22.55 40.01 -13.32
C ASP E 187 23.12 39.28 -14.54
N VAL E 188 24.25 39.75 -15.08
CA VAL E 188 24.76 39.26 -16.34
C VAL E 188 25.18 37.79 -16.29
N THR E 189 25.29 37.22 -15.09
CA THR E 189 25.77 35.84 -14.97
C THR E 189 24.65 34.81 -15.04
N ILE E 190 23.42 35.20 -15.34
CA ILE E 190 22.29 34.28 -15.42
C ILE E 190 22.01 34.00 -16.89
N VAL E 191 21.93 32.71 -17.24
CA VAL E 191 21.72 32.29 -18.63
C VAL E 191 20.65 31.20 -18.70
N PRO E 192 19.42 31.51 -19.09
CA PRO E 192 18.43 30.45 -19.31
C PRO E 192 18.57 29.81 -20.69
N LEU E 193 18.40 28.48 -20.73
CA LEU E 193 18.55 27.71 -21.97
C LEU E 193 17.19 27.28 -22.48
N TYR E 194 16.59 28.15 -23.29
CA TYR E 194 15.25 27.89 -23.83
C TYR E 194 15.28 26.94 -25.01
N SER E 195 16.43 26.70 -25.61
CA SER E 195 16.51 25.80 -26.75
C SER E 195 16.36 24.34 -26.35
N GLN E 196 16.38 24.04 -25.05
CA GLN E 196 16.36 22.67 -24.56
C GLN E 196 14.99 22.23 -24.04
N ILE E 197 13.95 23.03 -24.22
CA ILE E 197 12.61 22.65 -23.78
C ILE E 197 11.78 22.20 -24.97
N PRO E 198 10.77 21.35 -24.78
CA PRO E 198 9.98 20.86 -25.92
C PRO E 198 8.99 21.89 -26.43
N GLY E 199 8.60 21.70 -27.69
CA GLY E 199 7.61 22.53 -28.33
C GLY E 199 8.22 23.68 -29.12
N PRO E 200 7.44 24.28 -30.03
CA PRO E 200 7.94 25.43 -30.78
C PRO E 200 8.05 26.68 -29.92
N LEU E 201 8.92 27.58 -30.36
CA LEU E 201 9.28 28.79 -29.63
C LEU E 201 8.88 30.03 -30.41
N PRO E 202 8.77 31.17 -29.74
CA PRO E 202 8.51 32.43 -30.44
C PRO E 202 9.75 32.95 -31.16
N ASP E 203 9.58 34.07 -31.84
CA ASP E 203 10.66 34.63 -32.65
C ASP E 203 11.83 35.04 -31.77
N GLU E 204 13.00 35.18 -32.38
CA GLU E 204 14.20 35.51 -31.63
C GLU E 204 14.12 36.90 -31.02
N SER E 205 13.31 37.79 -31.60
CA SER E 205 13.18 39.13 -31.05
C SER E 205 12.40 39.15 -29.74
N THR E 206 11.52 38.16 -29.52
CA THR E 206 10.79 38.06 -28.26
C THR E 206 11.61 37.32 -27.20
N LEU E 207 12.39 36.33 -27.63
CA LEU E 207 13.20 35.58 -26.67
C LEU E 207 14.24 36.47 -26.01
N LYS E 208 14.76 37.46 -26.74
CA LYS E 208 15.75 38.36 -26.13
C LYS E 208 15.13 39.18 -25.00
N GLU E 209 13.92 39.68 -25.20
CA GLU E 209 13.23 40.40 -24.13
C GLU E 209 12.93 39.49 -22.95
N ILE E 210 12.48 38.26 -23.22
CA ILE E 210 12.21 37.33 -22.12
C ILE E 210 13.49 37.04 -21.34
N ARG E 211 14.61 36.85 -22.04
CA ARG E 211 15.87 36.58 -21.37
C ARG E 211 16.34 37.76 -20.54
N LYS E 212 16.13 38.98 -21.03
CA LYS E 212 16.51 40.17 -20.26
C LYS E 212 15.65 40.30 -19.00
N ARG E 213 14.37 39.94 -19.09
CA ARG E 213 13.50 40.02 -17.91
C ARG E 213 14.03 39.15 -16.77
N VAL E 214 14.49 37.93 -17.09
CA VAL E 214 14.96 37.04 -16.03
C VAL E 214 16.18 37.64 -15.35
N GLN E 215 17.07 38.27 -16.10
CA GLN E 215 18.27 38.85 -15.52
C GLN E 215 17.97 40.10 -14.70
N VAL E 216 16.95 40.86 -15.10
CA VAL E 216 16.65 42.14 -14.44
C VAL E 216 15.52 42.05 -13.42
N ALA E 217 14.92 40.88 -13.23
CA ALA E 217 13.71 40.76 -12.41
C ALA E 217 13.93 41.12 -10.95
N GLY E 218 15.16 41.02 -10.44
CA GLY E 218 15.40 41.36 -9.05
C GLY E 218 15.11 42.81 -8.71
N THR E 219 15.43 43.73 -9.62
CA THR E 219 15.19 45.14 -9.40
C THR E 219 13.74 45.54 -9.63
N GLU E 220 12.95 44.68 -10.27
CA GLU E 220 11.54 44.96 -10.48
C GLU E 220 10.79 45.04 -9.15
N VAL E 221 11.08 44.12 -8.23
CA VAL E 221 10.37 44.09 -6.95
C VAL E 221 10.79 45.27 -6.07
N VAL E 222 12.09 45.59 -6.06
CA VAL E 222 12.58 46.70 -5.24
C VAL E 222 11.92 48.01 -5.67
N LYS E 223 11.73 48.20 -6.97
CA LYS E 223 11.09 49.41 -7.45
C LYS E 223 9.65 49.52 -6.98
N ALA E 224 8.90 48.41 -7.01
CA ALA E 224 7.51 48.44 -6.57
C ALA E 224 7.41 48.73 -5.08
N LYS E 225 8.35 48.21 -4.29
CA LYS E 225 8.41 48.49 -2.86
C LYS E 225 8.99 49.87 -2.56
N ALA E 226 9.39 50.62 -3.58
CA ALA E 226 9.92 51.97 -3.41
C ALA E 226 11.18 51.97 -2.54
N GLY E 227 12.02 50.94 -2.71
CA GLY E 227 13.27 50.86 -2.02
C GLY E 227 13.18 50.41 -0.57
N ARG E 228 11.98 50.09 -0.08
CA ARG E 228 11.79 49.72 1.30
C ARG E 228 12.15 48.26 1.59
N GLY E 229 12.34 47.44 0.56
CA GLY E 229 12.62 46.04 0.79
C GLY E 229 12.91 45.33 -0.51
N SER E 230 12.77 44.01 -0.48
CA SER E 230 13.00 43.17 -1.65
C SER E 230 12.04 41.99 -1.60
N ALA E 231 12.30 40.98 -2.43
CA ALA E 231 11.43 39.81 -2.50
C ALA E 231 11.74 38.85 -1.36
N THR E 232 10.70 38.46 -0.63
CA THR E 232 10.85 37.55 0.51
C THR E 232 9.90 36.35 0.49
N LEU E 233 8.81 36.38 -0.28
CA LEU E 233 7.97 35.20 -0.39
C LEU E 233 8.50 34.26 -1.47
N SER E 234 9.00 34.82 -2.58
CA SER E 234 9.60 33.99 -3.63
C SER E 234 10.84 33.27 -3.13
N MET E 235 11.69 33.96 -2.37
CA MET E 235 12.89 33.32 -1.85
C MET E 235 12.55 32.24 -0.83
N ALA E 236 11.54 32.47 0.00
CA ALA E 236 11.10 31.44 0.93
C ALA E 236 10.61 30.21 0.18
N GLU E 237 9.81 30.42 -0.88
CA GLU E 237 9.34 29.32 -1.69
C GLU E 237 10.51 28.51 -2.26
N ALA E 238 11.48 29.20 -2.87
CA ALA E 238 12.62 28.52 -3.47
C ALA E 238 13.43 27.74 -2.44
N GLY E 239 13.71 28.37 -1.28
CA GLY E 239 14.50 27.69 -0.27
C GLY E 239 13.82 26.46 0.28
N ALA E 240 12.51 26.56 0.55
CA ALA E 240 11.78 25.41 1.05
C ALA E 240 11.76 24.28 0.04
N ARG E 241 11.52 24.60 -1.24
CA ARG E 241 11.44 23.55 -2.26
C ARG E 241 12.80 22.87 -2.44
N PHE E 242 13.89 23.61 -2.35
CA PHE E 242 15.21 22.99 -2.45
C PHE E 242 15.52 22.12 -1.24
N THR E 243 15.20 22.61 -0.04
CA THR E 243 15.49 21.84 1.17
C THR E 243 14.72 20.53 1.18
N MET E 244 13.49 20.52 0.64
CA MET E 244 12.74 19.27 0.61
C MET E 244 13.39 18.25 -0.32
N HIS E 245 13.92 18.68 -1.46
CA HIS E 245 14.71 17.79 -2.31
C HIS E 245 15.87 17.20 -1.55
N VAL E 246 16.61 18.04 -0.82
CA VAL E 246 17.77 17.52 -0.09
C VAL E 246 17.33 16.49 0.94
N VAL E 247 16.25 16.77 1.66
CA VAL E 247 15.80 15.85 2.71
C VAL E 247 15.39 14.51 2.12
N LYS E 248 14.59 14.54 1.04
CA LYS E 248 14.13 13.30 0.44
C LYS E 248 15.30 12.48 -0.11
N ALA E 249 16.29 13.15 -0.72
CA ALA E 249 17.47 12.43 -1.19
C ALA E 249 18.23 11.78 -0.04
N LEU E 250 18.40 12.50 1.07
CA LEU E 250 19.13 11.92 2.20
C LEU E 250 18.40 10.71 2.77
N MET E 251 17.07 10.79 2.88
CA MET E 251 16.32 9.70 3.49
C MET E 251 16.21 8.46 2.62
N GLY E 252 16.59 8.54 1.34
CA GLY E 252 16.47 7.40 0.46
C GLY E 252 15.14 7.28 -0.25
N LEU E 253 14.34 8.34 -0.25
CA LEU E 253 13.02 8.31 -0.87
C LEU E 253 12.98 8.95 -2.25
N ASP E 254 14.13 9.33 -2.81
CA ASP E 254 14.16 9.88 -4.16
C ASP E 254 15.62 10.06 -4.59
N THR E 255 15.80 10.34 -5.88
CA THR E 255 17.09 10.73 -6.45
C THR E 255 16.85 11.79 -7.51
N PRO E 256 16.60 13.03 -7.09
CA PRO E 256 16.18 14.07 -8.04
C PRO E 256 17.35 14.73 -8.77
N MET E 257 17.01 15.33 -9.91
CA MET E 257 17.96 16.09 -10.72
C MET E 257 17.68 17.58 -10.54
N VAL E 258 18.70 18.34 -10.12
CA VAL E 258 18.55 19.73 -9.74
C VAL E 258 19.66 20.57 -10.35
N TYR E 259 19.46 21.88 -10.32
CA TYR E 259 20.47 22.87 -10.71
C TYR E 259 20.87 23.66 -9.48
N ALA E 260 22.16 23.70 -9.20
CA ALA E 260 22.66 24.36 -8.00
C ALA E 260 24.05 24.90 -8.26
N TYR E 261 24.44 25.88 -7.45
CA TYR E 261 25.77 26.48 -7.53
C TYR E 261 26.73 25.60 -6.74
N VAL E 262 27.47 24.73 -7.43
CA VAL E 262 28.27 23.70 -6.80
C VAL E 262 29.72 23.82 -7.25
N ASP E 263 30.57 23.05 -6.59
CA ASP E 263 31.98 22.97 -6.97
C ASP E 263 32.16 21.99 -8.11
N THR E 264 32.77 22.45 -9.20
CA THR E 264 33.04 21.61 -10.36
C THR E 264 34.29 20.80 -10.07
N ASP E 265 34.14 19.48 -9.99
CA ASP E 265 35.24 18.62 -9.56
C ASP E 265 36.24 18.39 -10.68
N GLY E 266 36.76 19.46 -11.25
CA GLY E 266 37.63 19.36 -12.41
C GLY E 266 36.91 19.17 -13.73
N GLU E 267 35.57 19.18 -13.73
CA GLU E 267 34.78 18.99 -14.94
C GLU E 267 34.57 20.28 -15.72
N HIS E 268 35.03 21.42 -15.21
CA HIS E 268 34.91 22.69 -15.90
C HIS E 268 36.14 23.51 -15.57
N GLU E 269 36.43 24.49 -16.44
CA GLU E 269 37.57 25.37 -16.20
C GLU E 269 37.32 26.36 -15.07
N CYS E 270 36.07 26.49 -14.59
CA CYS E 270 35.71 27.43 -13.55
C CYS E 270 35.53 26.70 -12.23
N PRO E 271 36.13 27.15 -11.13
CA PRO E 271 36.02 26.39 -9.87
C PRO E 271 34.59 26.18 -9.38
N PHE E 272 33.71 27.17 -9.54
CA PHE E 272 32.32 27.08 -9.10
C PHE E 272 31.42 27.50 -10.24
N LEU E 273 30.30 26.79 -10.41
CA LEU E 273 29.36 27.11 -11.47
C LEU E 273 28.01 26.47 -11.15
N ALA E 274 26.96 27.02 -11.76
CA ALA E 274 25.61 26.46 -11.63
C ALA E 274 25.37 25.47 -12.76
N MET E 275 25.09 24.22 -12.40
CA MET E 275 25.09 23.12 -13.35
C MET E 275 24.21 22.01 -12.83
N PRO E 276 23.75 21.11 -13.69
CA PRO E 276 22.86 20.02 -13.24
C PRO E 276 23.61 18.92 -12.50
N VAL E 277 22.95 18.38 -11.47
CA VAL E 277 23.50 17.31 -10.65
C VAL E 277 22.37 16.35 -10.28
N VAL E 278 22.75 15.20 -9.73
CA VAL E 278 21.81 14.21 -9.21
C VAL E 278 22.15 13.99 -7.74
N LEU E 279 21.14 14.03 -6.88
CA LEU E 279 21.34 13.91 -5.44
C LEU E 279 21.09 12.47 -4.97
N GLY E 280 21.77 12.10 -3.90
CA GLY E 280 21.65 10.79 -3.35
C GLY E 280 21.87 10.78 -1.85
N LYS E 281 22.06 9.59 -1.29
CA LYS E 281 22.15 9.45 0.15
C LYS E 281 23.42 10.06 0.74
N ASN E 282 24.44 10.32 -0.08
CA ASN E 282 25.71 10.86 0.38
C ASN E 282 25.95 12.29 -0.08
N GLY E 283 24.95 12.94 -0.67
CA GLY E 283 25.12 14.28 -1.24
C GLY E 283 24.99 14.24 -2.76
N ILE E 284 25.98 14.83 -3.43
CA ILE E 284 26.02 14.77 -4.89
C ILE E 284 26.48 13.38 -5.30
N GLU E 285 25.71 12.75 -6.19
CA GLU E 285 26.04 11.42 -6.68
C GLU E 285 26.62 11.43 -8.09
N ARG E 286 26.21 12.39 -8.93
CA ARG E 286 26.76 12.50 -10.28
C ARG E 286 26.59 13.93 -10.76
N ARG E 287 27.61 14.43 -11.47
CA ARG E 287 27.57 15.73 -12.13
C ARG E 287 27.41 15.52 -13.63
N LEU E 288 26.50 16.28 -14.24
CA LEU E 288 26.13 16.08 -15.63
C LEU E 288 26.67 17.22 -16.51
N PRO E 289 26.88 16.97 -17.79
CA PRO E 289 27.30 18.06 -18.69
C PRO E 289 26.16 18.99 -19.05
N ILE E 290 26.52 20.20 -19.49
CA ILE E 290 25.51 21.20 -19.85
C ILE E 290 24.73 20.81 -21.09
N GLY E 291 25.37 20.20 -22.09
CA GLY E 291 24.68 19.76 -23.27
C GLY E 291 24.78 20.75 -24.42
N PRO E 292 24.15 20.41 -25.55
CA PRO E 292 24.23 21.30 -26.72
C PRO E 292 23.50 22.62 -26.50
N ILE E 293 24.04 23.68 -27.09
CA ILE E 293 23.48 25.02 -26.96
C ILE E 293 23.66 25.78 -28.26
N THR E 294 22.91 26.86 -28.40
CA THR E 294 22.93 27.69 -29.61
C THR E 294 24.11 28.66 -29.57
N THR E 295 24.34 29.34 -30.70
CA THR E 295 25.43 30.30 -30.78
C THR E 295 25.21 31.48 -29.84
N VAL E 296 23.99 32.01 -29.80
CA VAL E 296 23.69 33.12 -28.91
C VAL E 296 23.89 32.74 -27.46
N GLU E 297 23.53 31.50 -27.09
CA GLU E 297 23.70 31.07 -25.70
C GLU E 297 25.18 30.87 -25.37
N LYS E 298 25.96 30.43 -26.35
CA LYS E 298 27.39 30.27 -26.16
C LYS E 298 28.08 31.61 -25.90
N GLU E 299 27.72 32.63 -26.69
CA GLU E 299 28.32 33.95 -26.51
C GLU E 299 27.93 34.58 -25.18
N MET E 300 26.80 34.20 -24.59
CA MET E 300 26.45 34.71 -23.27
C MET E 300 27.14 33.93 -22.17
N LEU E 301 27.31 32.61 -22.36
CA LEU E 301 28.03 31.81 -21.39
C LEU E 301 29.47 32.30 -21.23
N GLU E 302 30.10 32.70 -22.33
CA GLU E 302 31.47 33.21 -22.22
C GLU E 302 31.57 34.38 -21.24
N GLU E 303 30.70 35.38 -21.42
CA GLU E 303 30.69 36.55 -20.53
C GLU E 303 30.35 36.16 -19.09
N ALA E 304 29.38 35.27 -18.92
CA ALA E 304 28.99 34.86 -17.57
C ALA E 304 30.16 34.21 -16.84
N VAL E 305 30.89 33.33 -17.52
CA VAL E 305 32.04 32.69 -16.90
C VAL E 305 33.10 33.72 -16.57
N GLY E 306 33.34 34.66 -17.48
CA GLY E 306 34.31 35.71 -17.19
C GLY E 306 33.99 36.47 -15.92
N VAL E 307 32.72 36.78 -15.69
CA VAL E 307 32.34 37.54 -14.50
C VAL E 307 32.43 36.67 -13.24
N VAL E 308 31.94 35.43 -13.32
CA VAL E 308 31.91 34.62 -12.10
C VAL E 308 33.31 34.29 -11.63
N LYS E 309 34.28 34.24 -12.55
CA LYS E 309 35.67 34.03 -12.09
C LYS E 309 36.12 35.16 -11.16
N LYS E 310 35.85 36.41 -11.54
CA LYS E 310 36.19 37.54 -10.68
C LYS E 310 35.44 37.47 -9.35
N ASN E 311 34.16 37.07 -9.40
CA ASN E 311 33.41 36.94 -8.14
C ASN E 311 34.03 35.91 -7.21
N ILE E 312 34.44 34.75 -7.75
CA ILE E 312 35.09 33.74 -6.93
C ILE E 312 36.39 34.27 -6.34
N ALA E 313 37.17 34.98 -7.16
CA ALA E 313 38.41 35.54 -6.66
C ALA E 313 38.17 36.52 -5.52
N LYS E 314 37.16 37.39 -5.67
CA LYS E 314 36.82 38.31 -4.58
C LYS E 314 36.42 37.56 -3.33
N GLY E 315 35.59 36.52 -3.47
CA GLY E 315 35.16 35.77 -2.31
C GLY E 315 36.32 35.13 -1.58
N GLU E 316 37.27 34.56 -2.32
CA GLU E 316 38.39 33.87 -1.69
C GLU E 316 39.49 34.82 -1.26
N THR E 317 39.43 36.10 -1.68
CA THR E 317 40.53 37.01 -1.39
C THR E 317 40.76 37.21 0.09
N PHE E 318 39.71 37.44 0.90
CA PHE E 318 39.90 37.68 2.32
C PHE E 318 39.28 36.59 3.19
N ALA E 319 38.72 35.54 2.60
CA ALA E 319 38.45 34.34 3.39
C ALA E 319 39.75 33.78 3.94
N ARG E 320 40.86 34.04 3.27
CA ARG E 320 42.20 33.73 3.75
C ARG E 320 42.91 35.01 4.17
N SER E 321 43.90 34.83 5.04
CA SER E 321 44.74 35.95 5.51
C SER E 321 43.93 36.95 6.34
N LYS E 322 42.83 36.50 6.92
CA LYS E 322 42.08 37.31 7.88
C LYS E 322 41.22 36.39 8.72
N LEU E 323 41.23 36.64 10.03
CA LEU E 323 40.54 35.79 10.99
C LEU E 323 40.91 34.32 10.78
N GLU F 327 39.67 -64.03 16.33
CA GLU F 327 38.83 -63.83 15.14
C GLU F 327 37.36 -63.89 15.50
N TRP F 328 37.09 -63.82 16.81
CA TRP F 328 35.72 -63.82 17.29
C TRP F 328 34.89 -62.71 16.65
N VAL F 329 35.56 -61.61 16.24
CA VAL F 329 34.87 -60.48 15.65
C VAL F 329 34.43 -60.73 14.21
N ARG F 330 34.93 -61.79 13.57
CA ARG F 330 34.83 -61.90 12.12
C ARG F 330 33.40 -61.77 11.62
N GLU F 331 32.45 -62.43 12.28
CA GLU F 331 31.08 -62.39 11.79
C GLU F 331 30.38 -61.07 12.13
N TYR F 332 30.71 -60.45 13.25
CA TYR F 332 30.16 -59.13 13.55
C TYR F 332 30.56 -58.12 12.50
N ALA F 333 31.81 -58.19 12.03
CA ALA F 333 32.29 -57.24 11.02
C ALA F 333 31.41 -57.28 9.77
N GLU F 334 31.19 -58.48 9.23
CA GLU F 334 30.45 -58.59 7.97
C GLU F 334 29.00 -58.17 8.15
N ALA F 335 28.39 -58.52 9.29
CA ALA F 335 27.03 -58.09 9.56
C ALA F 335 26.93 -56.58 9.57
N GLN F 336 27.92 -55.90 10.15
CA GLN F 336 27.94 -54.44 10.13
C GLN F 336 28.07 -53.92 8.70
N GLU F 337 28.90 -54.56 7.88
CA GLU F 337 29.05 -54.11 6.50
C GLU F 337 27.75 -54.26 5.72
N GLN F 338 27.04 -55.38 5.92
CA GLN F 338 25.80 -55.60 5.18
C GLN F 338 24.81 -54.46 5.39
N LEU F 339 24.80 -53.86 6.58
CA LEU F 339 23.90 -52.73 6.83
C LEU F 339 24.18 -51.59 5.87
N GLN F 340 25.40 -51.03 5.92
CA GLN F 340 25.71 -49.84 5.14
C GLN F 340 25.91 -50.17 3.66
N ARG F 341 26.29 -51.40 3.34
CA ARG F 341 26.48 -51.76 1.93
C ARG F 341 25.15 -51.78 1.18
N VAL F 342 24.05 -52.07 1.87
CA VAL F 342 22.73 -52.02 1.24
C VAL F 342 22.04 -50.69 1.50
N GLN F 343 22.35 -50.00 2.59
CA GLN F 343 21.73 -48.70 2.83
C GLN F 343 22.12 -47.71 1.74
N ASN F 344 23.35 -47.80 1.23
CA ASN F 344 23.79 -46.85 0.22
C ASN F 344 22.90 -46.93 -1.02
N GLU F 345 22.57 -48.14 -1.47
CA GLU F 345 21.74 -48.31 -2.65
C GLU F 345 20.27 -47.99 -2.35
N THR F 346 19.83 -48.23 -1.11
CA THR F 346 18.49 -47.85 -0.66
C THR F 346 18.64 -47.23 0.72
N ASN F 347 18.42 -45.92 0.81
CA ASN F 347 18.62 -45.23 2.08
C ASN F 347 17.41 -45.41 2.97
N TYR F 348 16.97 -46.65 3.15
CA TYR F 348 15.99 -46.95 4.19
C TYR F 348 16.73 -47.01 5.51
N PRO F 349 16.39 -46.20 6.50
CA PRO F 349 17.18 -46.21 7.73
C PRO F 349 16.99 -47.47 8.55
N PHE F 350 17.65 -48.54 8.14
CA PHE F 350 17.61 -49.78 8.90
C PHE F 350 18.04 -49.49 10.34
N GLU F 351 17.20 -49.87 11.28
CA GLU F 351 17.40 -49.43 12.65
C GLU F 351 18.49 -50.25 13.31
N PRO F 352 19.54 -49.64 13.86
CA PRO F 352 20.43 -50.38 14.74
C PRO F 352 19.70 -50.84 15.98
N ASN F 353 20.30 -51.77 16.71
CA ASN F 353 19.66 -52.40 17.87
C ASN F 353 18.40 -53.15 17.43
N ASN F 354 18.64 -54.16 16.60
CA ASN F 354 17.64 -55.09 16.09
C ASN F 354 17.99 -56.50 16.57
N PRO F 355 17.06 -57.21 17.23
CA PRO F 355 17.44 -58.50 17.83
C PRO F 355 17.33 -59.71 16.90
N TYR F 356 16.64 -59.61 15.77
CA TYR F 356 16.51 -60.75 14.87
C TYR F 356 17.73 -60.95 13.98
N MET F 357 18.65 -60.00 13.96
CA MET F 357 19.69 -59.97 12.93
C MET F 357 20.69 -61.11 13.06
N TYR F 358 20.63 -61.89 14.14
CA TYR F 358 21.54 -63.01 14.33
C TYR F 358 20.82 -64.36 14.49
N HIS F 359 19.54 -64.43 14.15
CA HIS F 359 18.86 -65.72 14.07
C HIS F 359 18.91 -66.25 12.64
N ASP F 360 18.57 -67.53 12.50
CA ASP F 360 18.74 -68.23 11.23
C ASP F 360 17.52 -68.16 10.32
N LYS F 361 16.31 -68.08 10.89
CA LYS F 361 15.08 -68.11 10.10
C LYS F 361 14.14 -67.00 10.55
N PRO F 362 14.54 -65.75 10.35
CA PRO F 362 13.69 -64.62 10.78
C PRO F 362 12.35 -64.54 10.09
N MET F 363 12.25 -64.93 8.81
CA MET F 363 10.98 -64.81 8.10
C MET F 363 9.91 -65.70 8.73
N GLU F 364 10.29 -66.93 9.07
CA GLU F 364 9.33 -67.91 9.57
C GLU F 364 8.71 -67.46 10.87
N GLU F 365 9.46 -66.75 11.72
CA GLU F 365 8.92 -66.25 12.97
C GLU F 365 8.31 -64.86 12.83
N GLY F 366 8.78 -64.08 11.86
CA GLY F 366 8.16 -62.79 11.59
C GLY F 366 6.73 -62.94 11.09
N ILE F 367 6.49 -63.95 10.26
CA ILE F 367 5.13 -64.17 9.77
C ILE F 367 4.22 -64.62 10.89
N ALA F 368 4.76 -65.29 11.92
CA ALA F 368 3.95 -65.67 13.06
C ALA F 368 3.75 -64.51 14.04
N MET F 369 4.81 -63.74 14.29
CA MET F 369 4.70 -62.59 15.17
C MET F 369 3.63 -61.62 14.68
N LEU F 370 3.42 -61.56 13.37
CA LEU F 370 2.44 -60.63 12.81
C LEU F 370 1.02 -60.95 13.25
N GLN F 371 0.75 -62.19 13.64
CA GLN F 371 -0.61 -62.64 13.97
C GLN F 371 -0.83 -62.74 15.47
N LEU F 372 0.08 -63.37 16.20
CA LEU F 372 -0.15 -63.69 17.61
C LEU F 372 0.19 -62.54 18.56
N ALA F 373 1.00 -61.58 18.13
CA ALA F 373 1.64 -60.67 19.08
C ALA F 373 1.66 -59.27 18.48
N ASN F 374 2.47 -58.39 19.08
CA ASN F 374 2.41 -56.97 18.80
C ASN F 374 2.82 -56.68 17.35
N MET F 375 2.08 -55.79 16.71
CA MET F 375 2.41 -55.37 15.35
C MET F 375 3.84 -54.83 15.26
N ALA F 376 4.28 -54.11 16.29
CA ALA F 376 5.47 -53.27 16.16
C ALA F 376 6.77 -54.05 16.17
N GLU F 377 6.77 -55.30 16.62
CA GLU F 377 7.99 -56.09 16.70
C GLU F 377 8.05 -57.23 15.70
N ALA F 378 7.10 -57.30 14.76
CA ALA F 378 7.27 -58.12 13.55
C ALA F 378 8.00 -57.35 12.47
N ALA F 379 7.85 -56.02 12.48
CA ALA F 379 8.53 -55.19 11.50
C ALA F 379 10.03 -55.36 11.57
N LEU F 380 10.58 -55.50 12.77
CA LEU F 380 12.01 -55.70 12.90
C LEU F 380 12.46 -57.02 12.31
N ALA F 381 11.63 -58.07 12.39
CA ALA F 381 11.99 -59.34 11.79
C ALA F 381 11.98 -59.25 10.27
N PHE F 382 10.91 -58.71 9.70
CA PHE F 382 10.92 -58.49 8.25
C PHE F 382 12.07 -57.58 7.83
N GLU F 383 12.46 -56.64 8.69
CA GLU F 383 13.57 -55.76 8.39
C GLU F 383 14.89 -56.54 8.39
N ALA F 384 15.04 -57.46 9.34
CA ALA F 384 16.25 -58.25 9.43
C ALA F 384 16.40 -59.19 8.23
N VAL F 385 15.28 -59.61 7.64
CA VAL F 385 15.38 -60.42 6.43
C VAL F 385 16.18 -59.69 5.36
N CYS F 386 15.94 -58.38 5.19
CA CYS F 386 16.59 -57.66 4.09
C CYS F 386 18.10 -57.57 4.24
N GLN F 387 18.64 -57.77 5.45
CA GLN F 387 20.09 -57.84 5.58
C GLN F 387 20.63 -59.14 5.02
N LYS F 388 20.05 -60.27 5.42
CA LYS F 388 20.49 -61.56 4.90
C LYS F 388 20.19 -61.68 3.42
N GLU F 389 19.07 -61.10 2.97
CA GLU F 389 18.57 -61.35 1.62
C GLU F 389 18.03 -60.07 1.00
N PRO F 390 18.83 -59.35 0.22
CA PRO F 390 18.25 -58.36 -0.70
C PRO F 390 17.60 -59.08 -1.88
N GLU F 391 17.05 -58.33 -2.83
CA GLU F 391 16.39 -58.89 -4.02
C GLU F 391 15.48 -60.06 -3.66
N ASN F 392 14.76 -59.95 -2.54
CA ASN F 392 13.65 -60.83 -2.22
C ASN F 392 12.41 -59.95 -2.13
N VAL F 393 11.45 -60.18 -3.02
CA VAL F 393 10.34 -59.25 -3.13
C VAL F 393 9.41 -59.37 -1.91
N GLU F 394 9.21 -60.58 -1.40
CA GLU F 394 8.31 -60.74 -0.26
C GLU F 394 8.77 -59.94 0.94
N ALA F 395 10.09 -59.83 1.14
CA ALA F 395 10.59 -59.11 2.30
C ALA F 395 10.14 -57.65 2.29
N TRP F 396 10.37 -56.96 1.17
CA TRP F 396 9.95 -55.56 1.09
C TRP F 396 8.44 -55.42 1.01
N ARG F 397 7.75 -56.35 0.36
CA ARG F 397 6.29 -56.30 0.37
C ARG F 397 5.77 -56.28 1.80
N ARG F 398 6.20 -57.25 2.61
CA ARG F 398 5.71 -57.35 3.97
C ARG F 398 6.16 -56.18 4.82
N LEU F 399 7.43 -55.80 4.70
CA LEU F 399 7.94 -54.68 5.50
C LEU F 399 7.14 -53.41 5.19
N GLY F 400 7.01 -53.05 3.92
CA GLY F 400 6.29 -51.85 3.56
C GLY F 400 4.83 -51.89 3.95
N THR F 401 4.22 -53.09 3.96
CA THR F 401 2.82 -53.15 4.35
C THR F 401 2.66 -52.99 5.85
N THR F 402 3.40 -53.78 6.63
CA THR F 402 3.21 -53.74 8.08
C THR F 402 3.68 -52.41 8.66
N GLN F 403 4.74 -51.83 8.11
CA GLN F 403 5.24 -50.57 8.63
C GLN F 403 4.25 -49.43 8.45
N ALA F 404 3.22 -49.62 7.61
CA ALA F 404 2.16 -48.63 7.45
C ALA F 404 0.88 -49.06 8.13
N GLU F 405 0.78 -50.32 8.57
CA GLU F 405 -0.31 -50.69 9.46
C GLU F 405 -0.06 -50.11 10.84
N ASN F 406 1.21 -49.98 11.21
CA ASN F 406 1.63 -49.04 12.22
C ASN F 406 1.54 -47.62 11.66
N GLU F 407 1.90 -46.63 12.48
CA GLU F 407 1.80 -45.23 12.07
C GLU F 407 3.19 -44.71 11.68
N LYS F 408 3.66 -45.13 10.49
CA LYS F 408 4.94 -44.65 9.99
C LYS F 408 4.93 -44.37 8.49
N ASP F 409 3.81 -43.91 7.93
CA ASP F 409 3.66 -43.85 6.48
C ASP F 409 4.91 -43.41 5.72
N CYS F 410 5.52 -42.31 6.13
CA CYS F 410 6.66 -41.79 5.37
C CYS F 410 7.77 -42.82 5.27
N LEU F 411 7.88 -43.70 6.25
CA LEU F 411 8.89 -44.74 6.27
C LEU F 411 8.46 -46.00 5.53
N ALA F 412 7.25 -46.03 4.99
CA ALA F 412 6.78 -47.14 4.18
C ALA F 412 6.88 -46.87 2.69
N ILE F 413 6.73 -45.60 2.28
CA ILE F 413 6.75 -45.27 0.85
C ILE F 413 8.04 -45.75 0.21
N ILE F 414 9.18 -45.48 0.84
CA ILE F 414 10.45 -45.78 0.22
C ILE F 414 10.70 -47.29 0.12
N ALA F 415 9.98 -48.11 0.89
CA ALA F 415 10.13 -49.56 0.75
C ALA F 415 9.31 -50.10 -0.42
N LEU F 416 8.07 -49.64 -0.55
CA LEU F 416 7.25 -50.10 -1.67
C LEU F 416 7.85 -49.67 -3.00
N ASN F 417 8.54 -48.52 -3.03
CA ASN F 417 9.21 -48.12 -4.25
C ASN F 417 10.28 -49.13 -4.65
N HIS F 418 11.04 -49.65 -3.68
CA HIS F 418 12.03 -50.66 -4.01
C HIS F 418 11.37 -51.97 -4.39
N ALA F 419 10.25 -52.31 -3.76
CA ALA F 419 9.51 -53.48 -4.18
C ALA F 419 9.09 -53.38 -5.64
N ARG F 420 8.66 -52.19 -6.07
CA ARG F 420 8.38 -51.97 -7.48
C ARG F 420 9.65 -52.08 -8.32
N MET F 421 10.75 -51.49 -7.86
CA MET F 421 11.98 -51.53 -8.64
C MET F 421 12.42 -52.96 -8.92
N LEU F 422 12.20 -53.86 -7.96
CA LEU F 422 12.48 -55.27 -8.24
C LEU F 422 11.70 -55.75 -9.46
N ASP F 423 10.38 -55.51 -9.47
CA ASP F 423 9.61 -55.81 -10.67
C ASP F 423 8.26 -55.12 -10.57
N PRO F 424 7.76 -54.52 -11.66
CA PRO F 424 6.60 -53.63 -11.55
C PRO F 424 5.24 -54.34 -11.60
N LYS F 425 5.21 -55.66 -11.79
CA LYS F 425 3.96 -56.33 -12.15
C LYS F 425 3.08 -56.66 -10.94
N ASP F 426 3.56 -56.46 -9.72
CA ASP F 426 2.87 -56.95 -8.53
C ASP F 426 1.72 -56.01 -8.21
N ILE F 427 0.48 -56.52 -8.31
CA ILE F 427 -0.69 -55.71 -7.96
C ILE F 427 -0.85 -55.52 -6.46
N ALA F 428 -0.16 -56.31 -5.64
CA ALA F 428 -0.26 -56.15 -4.19
C ALA F 428 0.55 -54.98 -3.66
N VAL F 429 1.43 -54.40 -4.48
CA VAL F 429 2.24 -53.27 -4.08
C VAL F 429 1.60 -51.95 -4.49
N HIS F 430 1.02 -51.93 -5.69
CA HIS F 430 0.43 -50.71 -6.20
C HIS F 430 -0.72 -50.23 -5.33
N ALA F 431 -1.50 -51.15 -4.75
CA ALA F 431 -2.57 -50.72 -3.85
C ALA F 431 -2.03 -50.03 -2.60
N ALA F 432 -0.94 -50.56 -2.03
CA ALA F 432 -0.36 -49.91 -0.86
C ALA F 432 0.21 -48.55 -1.20
N LEU F 433 0.77 -48.39 -2.41
CA LEU F 433 1.15 -47.04 -2.85
C LEU F 433 -0.08 -46.16 -3.03
N ALA F 434 -1.16 -46.71 -3.59
CA ALA F 434 -2.35 -45.91 -3.84
C ALA F 434 -2.89 -45.31 -2.55
N VAL F 435 -2.85 -46.08 -1.46
CA VAL F 435 -3.30 -45.55 -0.17
C VAL F 435 -2.25 -44.62 0.43
N SER F 436 -1.00 -45.09 0.55
CA SER F 436 0.00 -44.40 1.35
C SER F 436 0.29 -42.99 0.85
N HIS F 437 -0.03 -42.68 -0.40
CA HIS F 437 0.24 -41.33 -0.89
C HIS F 437 -0.90 -40.37 -0.58
N THR F 438 -2.13 -40.85 -0.43
CA THR F 438 -3.24 -39.95 -0.13
C THR F 438 -3.08 -39.34 1.25
N ASN F 439 -2.46 -40.06 2.19
CA ASN F 439 -2.19 -39.52 3.51
C ASN F 439 -1.13 -38.43 3.51
N GLU F 440 -0.58 -38.09 2.35
CA GLU F 440 0.37 -36.98 2.22
C GLU F 440 0.04 -36.08 1.05
N HIS F 441 -1.14 -36.24 0.47
CA HIS F 441 -1.65 -35.32 -0.57
C HIS F 441 -0.79 -35.31 -1.82
N ASN F 442 -0.09 -36.39 -2.13
CA ASN F 442 0.65 -36.52 -3.39
C ASN F 442 -0.32 -37.03 -4.47
N VAL F 443 -1.11 -36.10 -5.02
CA VAL F 443 -2.17 -36.49 -5.94
C VAL F 443 -1.59 -37.15 -7.19
N GLY F 444 -0.50 -36.60 -7.72
CA GLY F 444 0.06 -37.14 -8.95
C GLY F 444 0.53 -38.57 -8.80
N ALA F 445 1.30 -38.84 -7.74
CA ALA F 445 1.75 -40.21 -7.49
C ALA F 445 0.56 -41.11 -7.20
N ALA F 446 -0.42 -40.62 -6.45
CA ALA F 446 -1.58 -41.44 -6.14
C ALA F 446 -2.27 -41.92 -7.41
N LEU F 447 -2.55 -40.99 -8.33
CA LEU F 447 -3.23 -41.39 -9.56
C LEU F 447 -2.34 -42.24 -10.46
N GLN F 448 -1.04 -41.95 -10.53
CA GLN F 448 -0.15 -42.78 -11.33
C GLN F 448 -0.22 -44.24 -10.88
N SER F 449 -0.06 -44.48 -9.57
CA SER F 449 -0.05 -45.84 -9.06
C SER F 449 -1.42 -46.48 -9.13
N LEU F 450 -2.47 -45.70 -8.87
CA LEU F 450 -3.82 -46.23 -8.93
C LEU F 450 -4.16 -46.70 -10.34
N ARG F 451 -3.70 -45.97 -11.36
CA ARG F 451 -3.91 -46.40 -12.73
C ARG F 451 -3.13 -47.66 -13.05
N SER F 452 -1.84 -47.67 -12.73
CA SER F 452 -1.05 -48.84 -13.09
C SER F 452 -1.52 -50.10 -12.36
N TRP F 453 -2.09 -49.94 -11.17
CA TRP F 453 -2.66 -51.10 -10.47
C TRP F 453 -3.64 -51.84 -11.37
N LEU F 454 -4.61 -51.12 -11.93
CA LEU F 454 -5.57 -51.76 -12.82
C LEU F 454 -4.90 -52.23 -14.11
N LEU F 455 -4.12 -51.37 -14.74
CA LEU F 455 -3.57 -51.77 -16.04
C LEU F 455 -2.49 -52.85 -15.94
N SER F 456 -2.19 -53.37 -14.76
CA SER F 456 -1.29 -54.51 -14.67
C SER F 456 -2.01 -55.85 -14.85
N GLN F 457 -3.30 -55.93 -14.56
CA GLN F 457 -3.98 -57.22 -14.67
C GLN F 457 -4.35 -57.49 -16.13
N PRO F 458 -4.37 -58.76 -16.56
CA PRO F 458 -4.65 -59.09 -17.96
C PRO F 458 -6.13 -59.20 -18.31
N GLN F 459 -6.96 -58.33 -17.72
CA GLN F 459 -8.35 -58.26 -18.16
C GLN F 459 -8.91 -56.85 -18.18
N TYR F 460 -8.09 -55.80 -18.15
CA TYR F 460 -8.56 -54.42 -18.20
C TYR F 460 -7.84 -53.66 -19.29
N GLU F 461 -7.84 -54.23 -20.49
CA GLU F 461 -7.10 -53.70 -21.62
C GLU F 461 -7.65 -52.35 -22.09
N HIS F 462 -6.95 -51.79 -23.08
CA HIS F 462 -7.27 -50.50 -23.66
C HIS F 462 -8.33 -50.62 -24.76
N PHE F 487 -13.83 -28.17 -10.86
CA PHE F 487 -12.94 -29.01 -11.65
C PHE F 487 -11.66 -29.30 -10.91
N ALA F 488 -11.45 -30.56 -10.58
CA ALA F 488 -10.18 -30.98 -9.98
C ALA F 488 -9.07 -30.95 -11.02
N ALA F 489 -9.30 -31.59 -12.17
CA ALA F 489 -8.34 -31.54 -13.26
C ALA F 489 -9.02 -31.94 -14.57
N PRO F 490 -9.08 -31.05 -15.56
CA PRO F 490 -9.81 -31.38 -16.79
C PRO F 490 -9.19 -32.52 -17.56
N SER F 491 -7.98 -32.92 -17.21
CA SER F 491 -7.46 -34.21 -17.61
C SER F 491 -6.87 -34.88 -16.38
N GLU F 492 -6.34 -36.09 -16.55
CA GLU F 492 -5.54 -36.77 -15.52
C GLU F 492 -6.39 -37.31 -14.38
N TYR F 493 -7.68 -36.98 -14.34
CA TYR F 493 -8.55 -37.48 -13.29
C TYR F 493 -9.70 -38.29 -13.86
N ARG F 494 -10.55 -37.63 -14.64
CA ARG F 494 -11.61 -38.33 -15.35
C ARG F 494 -11.02 -39.27 -16.40
N ASP F 495 -9.80 -39.02 -16.84
CA ASP F 495 -9.10 -39.97 -17.69
C ASP F 495 -8.82 -41.28 -16.95
N CYS F 496 -8.89 -41.27 -15.63
CA CYS F 496 -8.76 -42.48 -14.82
C CYS F 496 -10.13 -43.03 -14.41
N CYS F 497 -10.98 -42.15 -13.89
CA CYS F 497 -12.29 -42.61 -13.43
C CYS F 497 -13.11 -43.18 -14.57
N THR F 498 -12.88 -42.73 -15.81
CA THR F 498 -13.61 -43.31 -16.92
C THR F 498 -13.14 -44.72 -17.28
N LEU F 499 -11.88 -45.07 -16.99
CA LEU F 499 -11.51 -46.46 -17.18
C LEU F 499 -11.94 -47.31 -16.00
N LEU F 500 -12.10 -46.73 -14.80
CA LEU F 500 -12.77 -47.51 -13.76
C LEU F 500 -14.24 -47.75 -14.09
N TYR F 501 -14.94 -46.76 -14.63
CA TYR F 501 -16.30 -47.03 -15.08
C TYR F 501 -16.37 -47.92 -16.30
N ALA F 502 -15.23 -48.32 -16.87
CA ALA F 502 -15.20 -49.35 -17.91
C ALA F 502 -14.88 -50.72 -17.35
N ALA F 503 -14.75 -50.85 -16.02
CA ALA F 503 -14.32 -52.09 -15.38
C ALA F 503 -15.34 -52.62 -14.38
N VAL F 504 -16.61 -52.23 -14.49
CA VAL F 504 -17.63 -52.66 -13.54
C VAL F 504 -18.88 -53.18 -14.22
N GLU F 505 -19.00 -53.06 -15.54
CA GLU F 505 -20.03 -53.83 -16.23
C GLU F 505 -19.70 -55.31 -16.28
N MET F 506 -18.50 -55.68 -15.84
CA MET F 506 -18.04 -57.06 -15.79
C MET F 506 -17.27 -57.26 -14.50
N ASN F 507 -17.19 -58.51 -14.06
CA ASN F 507 -16.50 -58.84 -12.81
C ASN F 507 -17.03 -57.92 -11.71
N PRO F 508 -18.30 -58.08 -11.32
CA PRO F 508 -18.98 -57.01 -10.57
C PRO F 508 -18.56 -56.86 -9.12
N ASN F 509 -18.02 -57.90 -8.47
CA ASN F 509 -18.10 -57.92 -7.01
C ASN F 509 -16.81 -58.32 -6.32
N ASP F 510 -15.66 -58.10 -6.94
CA ASP F 510 -14.41 -58.20 -6.18
C ASP F 510 -14.20 -56.92 -5.39
N PRO F 511 -14.10 -56.98 -4.06
CA PRO F 511 -14.12 -55.74 -3.27
C PRO F 511 -12.83 -54.92 -3.34
N GLN F 512 -11.70 -55.52 -3.70
CA GLN F 512 -10.49 -54.71 -3.82
C GLN F 512 -10.59 -53.67 -4.92
N LEU F 513 -11.58 -53.79 -5.81
CA LEU F 513 -11.83 -52.75 -6.79
C LEU F 513 -12.64 -51.60 -6.18
N HIS F 514 -13.64 -51.93 -5.36
CA HIS F 514 -14.38 -50.90 -4.66
C HIS F 514 -13.48 -50.16 -3.69
N ALA F 515 -12.46 -50.83 -3.15
CA ALA F 515 -11.47 -50.13 -2.34
C ALA F 515 -10.74 -49.06 -3.16
N SER F 516 -10.39 -49.38 -4.40
CA SER F 516 -9.73 -48.39 -5.25
C SER F 516 -10.67 -47.22 -5.56
N LEU F 517 -11.94 -47.52 -5.82
CA LEU F 517 -12.89 -46.41 -6.00
C LEU F 517 -12.99 -45.55 -4.74
N GLY F 518 -13.01 -46.19 -3.57
CA GLY F 518 -13.04 -45.44 -2.33
C GLY F 518 -11.85 -44.52 -2.19
N VAL F 519 -10.65 -45.02 -2.51
CA VAL F 519 -9.45 -44.19 -2.41
C VAL F 519 -9.53 -43.05 -3.41
N LEU F 520 -10.03 -43.32 -4.61
CA LEU F 520 -10.13 -42.26 -5.62
C LEU F 520 -11.07 -41.15 -5.16
N HIS F 521 -12.23 -41.51 -4.61
CA HIS F 521 -13.16 -40.48 -4.16
C HIS F 521 -12.68 -39.79 -2.90
N ASN F 522 -11.86 -40.44 -2.08
CA ASN F 522 -11.38 -39.79 -0.86
C ASN F 522 -10.47 -38.61 -1.20
N LEU F 523 -9.54 -38.82 -2.13
CA LEU F 523 -8.57 -37.80 -2.50
C LEU F 523 -9.18 -36.62 -3.25
N SER F 524 -10.43 -36.72 -3.71
CA SER F 524 -11.10 -35.59 -4.35
C SER F 524 -12.24 -35.06 -3.49
N HIS F 525 -12.25 -35.39 -2.21
CA HIS F 525 -13.18 -34.80 -1.24
C HIS F 525 -14.64 -35.08 -1.61
N ARG F 526 -14.90 -36.26 -2.15
CA ARG F 526 -16.26 -36.77 -2.33
C ARG F 526 -16.66 -37.68 -1.17
N PHE F 527 -16.57 -37.18 0.06
CA PHE F 527 -16.72 -38.07 1.21
C PHE F 527 -18.13 -38.65 1.32
N ASP F 528 -19.14 -37.98 0.78
CA ASP F 528 -20.50 -38.46 1.01
C ASP F 528 -20.89 -39.61 0.09
N GLU F 529 -20.02 -40.02 -0.84
CA GLU F 529 -20.22 -41.24 -1.62
C GLU F 529 -19.06 -42.23 -1.56
N ALA F 530 -17.95 -41.91 -0.88
CA ALA F 530 -16.92 -42.91 -0.61
C ALA F 530 -17.39 -43.93 0.41
N ALA F 531 -18.24 -43.49 1.34
CA ALA F 531 -18.68 -44.35 2.42
C ALA F 531 -19.45 -45.55 1.90
N LYS F 532 -20.33 -45.35 0.91
CA LYS F 532 -21.07 -46.47 0.36
C LYS F 532 -20.19 -47.43 -0.41
N ASN F 533 -19.14 -46.93 -1.08
CA ASN F 533 -18.21 -47.83 -1.74
C ASN F 533 -17.56 -48.76 -0.72
N PHE F 534 -17.01 -48.18 0.35
CA PHE F 534 -16.43 -49.03 1.38
C PHE F 534 -17.49 -49.90 2.05
N ARG F 535 -18.73 -49.43 2.15
CA ARG F 535 -19.80 -50.26 2.70
C ARG F 535 -20.04 -51.50 1.87
N ARG F 536 -20.10 -51.34 0.55
CA ARG F 536 -20.26 -52.51 -0.32
C ARG F 536 -19.09 -53.46 -0.18
N ALA F 537 -17.88 -52.91 -0.17
CA ALA F 537 -16.71 -53.76 0.03
C ALA F 537 -16.84 -54.56 1.33
N VAL F 538 -17.26 -53.90 2.41
CA VAL F 538 -17.38 -54.58 3.69
C VAL F 538 -18.52 -55.59 3.69
N GLU F 539 -19.57 -55.34 2.90
CA GLU F 539 -20.59 -56.36 2.72
C GLU F 539 -19.99 -57.61 2.11
N LEU F 540 -19.09 -57.46 1.15
CA LEU F 540 -18.65 -58.61 0.38
C LEU F 540 -17.56 -59.42 1.10
N ARG F 541 -16.69 -58.78 1.89
CA ARG F 541 -15.83 -59.53 2.79
C ARG F 541 -15.81 -58.85 4.15
N PRO F 542 -16.41 -59.46 5.18
CA PRO F 542 -16.58 -58.74 6.44
C PRO F 542 -15.43 -58.88 7.42
N ASP F 543 -14.58 -59.90 7.23
CA ASP F 543 -13.72 -60.40 8.29
C ASP F 543 -12.28 -59.93 8.17
N ASP F 544 -12.05 -58.67 7.78
CA ASP F 544 -10.72 -58.08 7.85
C ASP F 544 -10.83 -56.63 8.29
N ALA F 545 -9.92 -56.23 9.20
CA ALA F 545 -9.97 -54.87 9.75
C ALA F 545 -9.56 -53.83 8.73
N HIS F 546 -8.80 -54.24 7.71
CA HIS F 546 -8.10 -53.27 6.88
C HIS F 546 -9.05 -52.37 6.10
N MET F 547 -10.32 -52.76 5.95
CA MET F 547 -11.31 -51.93 5.28
C MET F 547 -12.30 -51.29 6.25
N TRP F 548 -12.53 -51.90 7.41
CA TRP F 548 -13.28 -51.21 8.45
C TRP F 548 -12.59 -49.92 8.85
N ASN F 549 -11.25 -49.95 8.94
CA ASN F 549 -10.53 -48.72 9.24
C ASN F 549 -10.80 -47.65 8.18
N LYS F 550 -10.76 -48.04 6.90
CA LYS F 550 -10.94 -47.06 5.84
C LYS F 550 -12.39 -46.58 5.74
N LEU F 551 -13.36 -47.39 6.16
CA LEU F 551 -14.73 -46.90 6.27
C LEU F 551 -14.84 -45.83 7.36
N GLY F 552 -14.33 -46.16 8.55
CA GLY F 552 -14.38 -45.21 9.65
C GLY F 552 -13.66 -43.91 9.33
N ALA F 553 -12.54 -43.99 8.63
CA ALA F 553 -11.78 -42.78 8.33
C ALA F 553 -12.53 -41.87 7.38
N THR F 554 -13.36 -42.42 6.49
CA THR F 554 -14.17 -41.57 5.64
C THR F 554 -15.34 -40.96 6.40
N LEU F 555 -15.98 -41.72 7.29
CA LEU F 555 -17.03 -41.10 8.09
C LEU F 555 -16.48 -39.97 8.96
N ALA F 556 -15.29 -40.15 9.54
CA ALA F 556 -14.74 -39.10 10.37
C ALA F 556 -14.59 -37.79 9.60
N ASN F 557 -14.17 -37.86 8.34
CA ASN F 557 -13.98 -36.65 7.53
C ASN F 557 -15.30 -36.09 7.04
N GLY F 558 -16.33 -36.92 6.91
CA GLY F 558 -17.64 -36.45 6.53
C GLY F 558 -18.44 -35.85 7.66
N ASN F 559 -17.80 -35.60 8.80
CA ASN F 559 -18.47 -35.05 9.98
C ASN F 559 -19.60 -35.96 10.43
N ARG F 560 -19.26 -37.23 10.63
CA ARG F 560 -20.17 -38.17 11.27
C ARG F 560 -19.42 -38.94 12.36
N PRO F 561 -18.73 -38.25 13.27
CA PRO F 561 -17.88 -38.96 14.22
C PRO F 561 -18.64 -39.92 15.12
N GLN F 562 -19.97 -39.80 15.23
CA GLN F 562 -20.74 -40.74 16.02
C GLN F 562 -20.93 -42.07 15.28
N GLU F 563 -20.76 -42.08 13.96
CA GLU F 563 -20.74 -43.33 13.21
C GLU F 563 -19.40 -44.05 13.32
N ALA F 564 -18.29 -43.29 13.30
CA ALA F 564 -16.98 -43.89 13.09
C ALA F 564 -16.58 -44.84 14.21
N LEU F 565 -16.97 -44.54 15.45
CA LEU F 565 -16.44 -45.31 16.58
C LEU F 565 -16.84 -46.78 16.51
N GLU F 566 -18.01 -47.08 15.94
CA GLU F 566 -18.41 -48.47 15.79
C GLU F 566 -17.47 -49.21 14.83
N ALA F 567 -17.13 -48.57 13.71
CA ALA F 567 -16.21 -49.20 12.78
C ALA F 567 -14.85 -49.43 13.41
N TYR F 568 -14.35 -48.45 14.17
CA TYR F 568 -13.08 -48.66 14.84
C TYR F 568 -13.15 -49.76 15.88
N ASN F 569 -14.32 -49.97 16.51
CA ASN F 569 -14.39 -51.05 17.47
C ASN F 569 -14.63 -52.40 16.82
N ARG F 570 -15.04 -52.43 15.55
CA ARG F 570 -14.88 -53.65 14.76
C ARG F 570 -13.41 -53.90 14.43
N ALA F 571 -12.71 -52.86 13.99
CA ALA F 571 -11.32 -53.02 13.56
C ALA F 571 -10.44 -53.47 14.71
N LEU F 572 -10.60 -52.84 15.87
CA LEU F 572 -9.84 -53.18 17.06
C LEU F 572 -10.42 -54.36 17.81
N ASP F 573 -11.30 -55.13 17.17
CA ASP F 573 -11.78 -56.41 17.66
C ASP F 573 -11.37 -57.56 16.76
N ILE F 574 -11.30 -57.34 15.45
CA ILE F 574 -10.75 -58.36 14.56
C ILE F 574 -9.30 -58.65 14.94
N ASN F 575 -8.56 -57.63 15.35
CA ASN F 575 -7.25 -57.85 15.94
C ASN F 575 -6.89 -56.62 16.76
N PRO F 576 -6.21 -56.81 17.90
CA PRO F 576 -5.64 -55.65 18.61
C PRO F 576 -4.33 -55.18 18.00
N GLY F 577 -3.73 -54.12 18.56
CA GLY F 577 -2.43 -53.66 18.14
C GLY F 577 -2.42 -52.80 16.90
N TYR F 578 -3.59 -52.49 16.34
CA TYR F 578 -3.70 -51.76 15.08
C TYR F 578 -3.76 -50.26 15.38
N VAL F 579 -2.61 -49.71 15.76
CA VAL F 579 -2.58 -48.38 16.36
C VAL F 579 -3.11 -47.29 15.44
N ARG F 580 -3.24 -47.57 14.14
CA ARG F 580 -3.87 -46.60 13.25
C ARG F 580 -5.27 -46.24 13.74
N VAL F 581 -6.07 -47.25 14.07
CA VAL F 581 -7.45 -46.99 14.47
C VAL F 581 -7.49 -46.37 15.87
N MET F 582 -6.53 -46.67 16.73
CA MET F 582 -6.47 -45.99 18.02
C MET F 582 -6.21 -44.51 17.84
N TYR F 583 -5.29 -44.17 16.94
CA TYR F 583 -5.06 -42.77 16.60
C TYR F 583 -6.32 -42.13 16.03
N ASN F 584 -7.02 -42.84 15.15
CA ASN F 584 -8.24 -42.29 14.58
C ASN F 584 -9.33 -42.10 15.63
N MET F 585 -9.42 -43.00 16.60
CA MET F 585 -10.36 -42.84 17.71
C MET F 585 -10.04 -41.60 18.52
N ALA F 586 -8.75 -41.36 18.78
CA ALA F 586 -8.37 -40.14 19.46
C ALA F 586 -8.78 -38.91 18.67
N VAL F 587 -8.55 -38.92 17.35
CA VAL F 587 -8.93 -37.78 16.52
C VAL F 587 -10.45 -37.57 16.56
N SER F 588 -11.22 -38.66 16.58
CA SER F 588 -12.67 -38.51 16.60
C SER F 588 -13.14 -37.94 17.92
N TYR F 589 -12.58 -38.40 19.03
CA TYR F 589 -12.96 -37.84 20.33
C TYR F 589 -12.58 -36.38 20.44
N SER F 590 -11.45 -35.98 19.84
CA SER F 590 -11.01 -34.59 20.01
C SER F 590 -12.07 -33.62 19.52
N ASN F 591 -12.62 -33.84 18.33
CA ASN F 591 -13.63 -32.94 17.80
C ASN F 591 -15.03 -33.25 18.29
N MET F 592 -15.21 -34.31 19.09
CA MET F 592 -16.41 -34.45 19.89
C MET F 592 -16.28 -33.75 21.24
N ALA F 593 -15.14 -33.09 21.47
CA ALA F 593 -14.93 -32.22 22.62
C ALA F 593 -14.74 -32.99 23.93
N GLN F 594 -14.45 -34.28 23.85
CA GLN F 594 -14.16 -35.08 25.04
C GLN F 594 -12.65 -35.20 25.27
N TYR F 595 -11.98 -34.06 25.38
CA TYR F 595 -10.52 -34.06 25.51
C TYR F 595 -10.00 -34.97 26.62
N PRO F 596 -10.62 -35.01 27.80
CA PRO F 596 -10.08 -35.84 28.88
C PRO F 596 -9.95 -37.30 28.50
N LEU F 597 -10.75 -37.76 27.54
CA LEU F 597 -10.70 -39.14 27.04
C LEU F 597 -9.80 -39.27 25.83
N ALA F 598 -9.76 -38.23 24.99
CA ALA F 598 -8.88 -38.24 23.83
C ALA F 598 -7.43 -38.40 24.24
N ALA F 599 -7.01 -37.70 25.31
CA ALA F 599 -5.62 -37.81 25.73
C ALA F 599 -5.26 -39.23 26.15
N LYS F 600 -6.18 -39.93 26.81
CA LYS F 600 -5.89 -41.28 27.26
C LYS F 600 -5.99 -42.31 26.15
N HIS F 601 -6.68 -42.00 25.04
CA HIS F 601 -6.51 -42.84 23.85
C HIS F 601 -5.16 -42.57 23.19
N ILE F 602 -4.77 -41.30 23.09
CA ILE F 602 -3.47 -40.96 22.50
C ILE F 602 -2.34 -41.70 23.20
N THR F 603 -2.33 -41.67 24.53
CA THR F 603 -1.18 -42.25 25.23
C THR F 603 -1.12 -43.76 25.09
N ARG F 604 -2.26 -44.46 25.00
CA ARG F 604 -2.18 -45.89 24.75
C ARG F 604 -1.87 -46.20 23.30
N ALA F 605 -2.02 -45.23 22.40
CA ALA F 605 -1.40 -45.37 21.08
C ALA F 605 0.12 -45.25 21.18
N ILE F 606 0.60 -44.18 21.81
CA ILE F 606 2.04 -43.89 21.81
C ILE F 606 2.81 -44.95 22.58
N ALA F 607 2.23 -45.47 23.67
CA ALA F 607 2.97 -46.43 24.50
C ALA F 607 3.08 -47.79 23.82
N LEU F 608 2.05 -48.18 23.06
CA LEU F 608 2.05 -49.49 22.42
C LEU F 608 2.96 -49.54 21.19
N GLN F 609 3.25 -48.38 20.59
CA GLN F 609 4.04 -48.35 19.37
C GLN F 609 5.49 -48.75 19.60
N ALA F 610 5.95 -48.81 20.85
CA ALA F 610 7.37 -48.95 21.17
C ALA F 610 7.57 -49.90 22.36
N GLY F 611 7.05 -51.12 22.25
CA GLY F 611 7.03 -52.05 23.37
C GLY F 611 8.23 -52.94 23.56
N GLY F 612 9.29 -52.76 22.77
CA GLY F 612 10.39 -53.72 22.77
C GLY F 612 11.44 -53.43 23.83
N THR F 613 12.17 -54.49 24.21
CA THR F 613 13.30 -54.36 25.12
C THR F 613 14.45 -53.65 24.42
N ASN F 614 15.17 -52.80 25.17
CA ASN F 614 16.07 -51.85 24.55
C ASN F 614 15.23 -51.10 23.52
N PRO F 615 14.32 -50.22 23.98
CA PRO F 615 13.21 -49.78 23.13
C PRO F 615 13.60 -49.26 21.76
N GLN F 616 14.61 -48.39 21.66
CA GLN F 616 14.81 -47.68 20.40
C GLN F 616 16.28 -47.37 20.16
N GLY F 617 16.62 -47.26 18.88
CA GLY F 617 17.92 -46.82 18.41
C GLY F 617 17.90 -45.37 18.01
N GLU F 618 17.91 -45.09 16.71
CA GLU F 618 18.03 -43.73 16.22
C GLU F 618 17.43 -43.63 14.82
N GLY F 619 17.17 -42.39 14.40
CA GLY F 619 16.82 -42.10 13.02
C GLY F 619 15.37 -42.31 12.64
N SER F 620 14.74 -43.34 13.18
CA SER F 620 13.32 -43.58 12.91
C SER F 620 12.42 -42.68 13.74
N ARG F 621 12.95 -42.06 14.80
CA ARG F 621 12.12 -41.34 15.76
C ARG F 621 11.43 -40.14 15.11
N ILE F 622 11.95 -39.65 13.99
CA ILE F 622 11.31 -38.52 13.32
C ILE F 622 9.89 -38.88 12.91
N ALA F 623 9.61 -40.17 12.71
CA ALA F 623 8.26 -40.57 12.31
C ALA F 623 7.28 -40.47 13.46
N THR F 624 7.70 -40.85 14.67
CA THR F 624 6.82 -40.78 15.82
C THR F 624 6.52 -39.33 16.21
N ARG F 625 7.46 -38.42 15.94
CA ARG F 625 7.33 -37.01 16.28
C ARG F 625 6.15 -36.33 15.59
N GLY F 626 5.43 -37.03 14.71
CA GLY F 626 4.19 -36.52 14.16
C GLY F 626 2.97 -36.82 15.01
N LEU F 627 3.08 -37.81 15.89
CA LEU F 627 1.96 -38.24 16.72
C LEU F 627 1.86 -37.47 18.02
N TRP F 628 3.01 -37.11 18.62
CA TRP F 628 3.01 -36.30 19.83
C TRP F 628 2.31 -34.96 19.64
N ASP F 629 2.26 -34.45 18.41
CA ASP F 629 1.65 -33.14 18.21
C ASP F 629 0.16 -33.17 18.45
N LEU F 630 -0.47 -34.33 18.29
CA LEU F 630 -1.89 -34.42 18.62
C LEU F 630 -2.10 -34.53 20.11
N LEU F 631 -1.14 -35.09 20.84
CA LEU F 631 -1.18 -35.01 22.30
C LEU F 631 -1.08 -33.56 22.75
N ARG F 632 -0.07 -32.84 22.24
CA ARG F 632 0.10 -31.44 22.62
C ARG F 632 -1.12 -30.61 22.26
N MET F 633 -1.71 -30.84 21.08
CA MET F 633 -2.80 -30.00 20.63
C MET F 633 -4.03 -30.15 21.51
N THR F 634 -4.32 -31.36 22.00
CA THR F 634 -5.42 -31.54 22.93
C THR F 634 -5.03 -31.10 24.34
N LEU F 635 -3.85 -31.53 24.78
CA LEU F 635 -3.39 -31.21 26.13
C LEU F 635 -2.97 -29.77 26.30
N ASN F 636 -3.10 -28.94 25.27
CA ASN F 636 -2.96 -27.49 25.43
C ASN F 636 -4.31 -26.78 25.32
N LEU F 637 -5.39 -27.52 25.39
CA LEU F 637 -6.64 -27.03 25.92
C LEU F 637 -6.66 -27.36 27.40
N MET F 638 -7.79 -27.18 28.05
CA MET F 638 -7.99 -27.63 29.43
C MET F 638 -6.89 -27.12 30.37
N ASP F 639 -6.32 -25.96 30.06
CA ASP F 639 -5.53 -25.21 31.05
C ASP F 639 -4.46 -26.05 31.71
N ARG F 640 -3.81 -26.94 30.95
CA ARG F 640 -2.73 -27.75 31.50
C ARG F 640 -1.41 -27.01 31.36
N SER F 641 -0.92 -26.48 32.48
CA SER F 641 0.39 -25.84 32.52
C SER F 641 1.46 -26.84 32.90
N ASP F 642 2.70 -26.48 32.59
CA ASP F 642 3.88 -27.26 32.97
C ASP F 642 3.82 -28.68 32.44
N LEU F 643 3.07 -28.95 31.38
CA LEU F 643 3.11 -30.31 30.82
C LEU F 643 3.47 -30.36 29.34
N VAL F 644 3.27 -29.26 28.63
CA VAL F 644 3.64 -29.21 27.23
C VAL F 644 5.15 -29.24 27.01
N GLU F 645 5.93 -29.05 28.07
CA GLU F 645 7.38 -29.12 27.94
C GLU F 645 7.88 -30.57 27.80
N ALA F 646 7.25 -31.50 28.50
CA ALA F 646 7.64 -32.90 28.41
C ALA F 646 7.07 -33.48 27.16
N SER F 647 5.96 -32.92 26.73
CA SER F 647 5.36 -33.35 25.50
C SER F 647 6.38 -33.16 24.43
N TRP F 648 7.27 -32.21 24.64
CA TRP F 648 8.33 -31.98 23.70
C TRP F 648 9.48 -32.95 23.77
N GLN F 649 9.48 -33.91 24.71
CA GLN F 649 10.63 -34.78 24.59
C GLN F 649 10.20 -36.24 24.53
N GLN F 650 9.80 -36.84 25.65
CA GLN F 650 9.68 -38.31 25.70
C GLN F 650 8.89 -38.73 26.93
N ASP F 651 8.92 -40.04 27.20
CA ASP F 651 8.55 -40.72 28.45
C ASP F 651 7.12 -40.40 28.90
N LEU F 652 6.23 -40.12 27.96
CA LEU F 652 4.79 -40.35 28.16
C LEU F 652 4.14 -39.48 29.23
N THR F 653 2.81 -39.53 29.25
CA THR F 653 1.96 -38.62 30.02
C THR F 653 2.46 -37.19 29.91
#